data_3C5I
#
_entry.id   3C5I
#
_cell.length_a   112.985
_cell.length_b   71.993
_cell.length_c   116.393
_cell.angle_alpha   90.000
_cell.angle_beta   97.720
_cell.angle_gamma   90.000
#
_symmetry.space_group_name_H-M   'P 1 21 1'
#
loop_
_entity.id
_entity.type
_entity.pdbx_description
1 polymer 'Choline kinase'
2 polymer 'Cleaved fragment of N-terminal expression tag'
3 non-polymer 'MAGNESIUM ION'
4 non-polymer 'CALCIUM ION'
5 non-polymer 'CHOLINE ION'
6 non-polymer GLYCEROL
7 non-polymer 'UNKNOWN LIGAND'
8 water water
#
loop_
_entity_poly.entity_id
_entity_poly.type
_entity_poly.pdbx_seq_one_letter_code
_entity_poly.pdbx_strand_id
1 'polypeptide(L)'
;GPLCAQEFSDLTDPLYIKKICLEKVPEWNHFTEDNLRVKQILSGLTNQLFEVGLKEETANNYNSIRTRVLFRIYGKHVDE
LYNTISEFEVYKTMSKYKIAPQLLNTFNGGRIEEWLYGDPLRIDDLKNPTILIGIANVLGKFHTLSRKRHLPEHWDRTPC
IFKMMEKWKNQLFKYKNIEKYNCDIHKYIKESDKFIKFMKVYSKSDNLANTIVFCHNDLQENNIINTNKCLRLIDFEYSG
FNFLATDIANFFIETSIDYSVSSYPFFEIDKKKYISYENRKLFITAYLSNYLDKSLVVPTPKLIDEILEAVEVQALGAHL
LWGFWSIIRGYQTKSYNEFDFFLYAEQRLKMYDDQKEYLISNNIIKGYD
;
A,B,C,D
2 'polypeptide(L)' ENLYFQ E
#
# COMPACT_ATOMS: atom_id res chain seq x y z
N LEU A 11 48.97 21.98 17.54
CA LEU A 11 47.59 22.53 17.61
C LEU A 11 46.77 21.94 18.78
N THR A 12 47.13 20.74 19.24
CA THR A 12 46.64 20.25 20.53
C THR A 12 47.50 20.80 21.68
N ASP A 13 48.59 21.50 21.32
CA ASP A 13 49.47 22.21 22.26
C ASP A 13 48.76 23.40 22.87
N PRO A 14 48.52 23.36 24.20
CA PRO A 14 47.75 24.40 24.86
C PRO A 14 48.41 25.77 24.81
N LEU A 15 49.74 25.80 24.67
CA LEU A 15 50.43 27.10 24.60
C LEU A 15 50.08 27.81 23.28
N TYR A 16 49.94 27.00 22.23
CA TYR A 16 49.55 27.45 20.90
C TYR A 16 48.08 27.84 20.79
N ILE A 17 47.22 27.06 21.43
CA ILE A 17 45.78 27.34 21.44
C ILE A 17 45.60 28.69 22.10
N LYS A 18 46.32 28.91 23.20
CA LYS A 18 46.29 30.17 23.91
C LYS A 18 46.75 31.31 23.01
N LYS A 19 47.89 31.14 22.35
CA LYS A 19 48.43 32.17 21.45
C LYS A 19 47.39 32.59 20.38
N ILE A 20 46.71 31.60 19.77
CA ILE A 20 45.68 31.90 18.78
C ILE A 20 44.52 32.71 19.36
N CYS A 21 43.98 32.25 20.49
CA CYS A 21 42.88 32.97 21.18
C CYS A 21 43.22 34.43 21.54
N LEU A 22 44.43 34.66 22.06
CA LEU A 22 44.91 36.04 22.34
C LEU A 22 45.00 36.92 21.09
N GLU A 23 45.33 36.32 19.96
CA GLU A 23 45.47 37.02 18.68
C GLU A 23 44.12 37.21 17.96
N LYS A 24 43.19 36.28 18.16
CA LYS A 24 41.94 36.27 17.41
C LYS A 24 40.69 36.76 18.18
N VAL A 25 40.75 36.78 19.50
CA VAL A 25 39.62 37.27 20.28
C VAL A 25 39.95 38.68 20.72
N PRO A 26 39.36 39.67 20.04
CA PRO A 26 39.76 41.05 20.30
C PRO A 26 39.67 41.48 21.77
N GLU A 27 38.63 41.04 22.50
CA GLU A 27 38.43 41.42 23.91
C GLU A 27 39.51 40.85 24.82
N TRP A 28 40.26 39.88 24.28
CA TRP A 28 41.34 39.20 25.01
C TRP A 28 42.76 39.56 24.55
N ASN A 29 42.91 40.48 23.61
CA ASN A 29 44.23 40.79 23.01
C ASN A 29 45.31 41.28 24.01
N HIS A 30 44.89 41.86 25.13
CA HIS A 30 45.84 42.40 26.12
C HIS A 30 46.34 41.36 27.12
N PHE A 31 45.61 40.25 27.23
CA PHE A 31 45.97 39.19 28.16
C PHE A 31 47.24 38.47 27.69
N THR A 32 47.77 37.62 28.54
CA THR A 32 48.85 36.74 28.17
C THR A 32 48.35 35.33 28.44
N GLU A 33 49.17 34.35 28.12
CA GLU A 33 48.71 33.00 28.31
C GLU A 33 48.58 32.63 29.81
N ASP A 34 49.13 33.46 30.70
CA ASP A 34 48.96 33.25 32.15
C ASP A 34 47.54 33.52 32.60
N ASN A 35 46.82 34.31 31.81
CA ASN A 35 45.43 34.65 32.06
C ASN A 35 44.44 33.60 31.58
N LEU A 36 44.94 32.60 30.87
CA LEU A 36 44.09 31.66 30.13
C LEU A 36 44.23 30.18 30.51
N ARG A 37 43.11 29.46 30.38
CA ARG A 37 42.95 28.09 30.82
C ARG A 37 42.48 27.32 29.58
N VAL A 38 43.07 26.17 29.31
CA VAL A 38 42.65 25.31 28.19
C VAL A 38 42.31 23.91 28.70
N LYS A 39 41.14 23.42 28.30
CA LYS A 39 40.66 22.11 28.73
C LYS A 39 40.05 21.39 27.53
N GLN A 40 40.59 20.24 27.16
CA GLN A 40 39.96 19.47 26.08
C GLN A 40 38.60 18.96 26.52
N ILE A 41 37.61 19.14 25.66
CA ILE A 41 36.26 18.66 25.91
C ILE A 41 35.83 17.68 24.82
N THR A 46 33.74 14.58 12.54
CA THR A 46 34.46 13.92 14.30
C THR A 46 35.54 15.17 14.12
N ASN A 47 35.64 15.95 15.21
CA ASN A 47 36.54 17.19 15.31
C ASN A 47 37.15 17.23 16.74
N GLN A 48 37.96 18.27 17.00
CA GLN A 48 38.60 18.46 18.32
C GLN A 48 38.24 19.78 18.97
N LEU A 49 37.73 19.68 20.19
CA LEU A 49 37.13 20.82 20.87
C LEU A 49 37.86 21.10 22.13
N PHE A 50 38.14 22.37 22.35
CA PHE A 50 38.72 22.81 23.59
C PHE A 50 37.88 23.90 24.16
N GLU A 51 37.62 23.84 25.46
CA GLU A 51 37.16 25.03 26.16
C GLU A 51 38.39 25.92 26.38
N VAL A 52 38.29 27.17 25.98
CA VAL A 52 39.32 28.14 26.34
C VAL A 52 38.65 29.27 27.13
N GLY A 53 39.26 29.68 28.22
CA GLY A 53 38.62 30.65 29.10
C GLY A 53 39.59 31.45 29.93
N LEU A 54 39.10 32.56 30.48
CA LEU A 54 39.87 33.30 31.44
C LEU A 54 39.88 32.51 32.75
N LYS A 55 41.06 32.37 33.38
CA LYS A 55 41.17 31.81 34.72
C LYS A 55 40.37 32.66 35.73
N GLU A 56 40.01 32.04 36.85
CA GLU A 56 39.07 32.59 37.82
C GLU A 56 39.29 34.05 38.18
N GLU A 57 40.51 34.36 38.62
CA GLU A 57 40.78 35.69 39.13
C GLU A 57 40.76 36.74 38.01
N THR A 58 41.09 36.31 36.79
CA THR A 58 41.02 37.18 35.61
C THR A 58 39.55 37.43 35.23
N ALA A 59 38.77 36.34 35.17
CA ALA A 59 37.32 36.43 34.89
C ALA A 59 36.60 37.41 35.80
N ASN A 60 36.93 37.39 37.09
CA ASN A 60 36.29 38.25 38.08
C ASN A 60 36.53 39.75 37.89
N ASN A 61 37.48 40.12 37.04
CA ASN A 61 37.79 41.53 36.81
C ASN A 61 37.22 41.98 35.46
N TYR A 62 36.65 41.03 34.72
CA TYR A 62 36.16 41.23 33.35
C TYR A 62 34.74 40.72 33.13
N ASN A 63 33.79 41.31 33.83
CA ASN A 63 32.40 40.87 33.81
C ASN A 63 31.61 41.37 32.59
N SER A 64 32.21 42.32 31.87
CA SER A 64 31.57 42.92 30.70
CA SER A 64 31.60 42.94 30.69
C SER A 64 31.82 42.15 29.39
N ILE A 65 32.69 41.15 29.43
CA ILE A 65 33.05 40.41 28.21
C ILE A 65 32.85 38.90 28.33
N ARG A 66 33.01 38.21 27.21
CA ARG A 66 32.97 36.77 27.24
C ARG A 66 34.18 36.32 28.02
N THR A 67 33.99 35.30 28.84
CA THR A 67 35.09 34.74 29.62
C THR A 67 35.49 33.35 29.15
N ARG A 68 34.79 32.84 28.14
CA ARG A 68 35.03 31.53 27.53
C ARG A 68 34.80 31.55 26.03
N VAL A 69 35.51 30.68 25.30
CA VAL A 69 35.21 30.42 23.89
C VAL A 69 35.33 28.93 23.61
N LEU A 70 34.61 28.49 22.58
CA LEU A 70 34.75 27.17 22.00
C LEU A 70 35.78 27.29 20.88
N PHE A 71 36.90 26.58 21.06
CA PHE A 71 37.95 26.53 20.09
C PHE A 71 37.81 25.23 19.29
N ARG A 72 37.64 25.34 17.97
CA ARG A 72 37.29 24.17 17.18
C ARG A 72 38.31 23.89 16.11
N ILE A 73 38.96 22.73 16.19
CA ILE A 73 39.96 22.30 15.20
C ILE A 73 39.27 21.32 14.26
N TYR A 74 39.28 21.66 12.97
CA TYR A 74 38.55 20.91 12.00
C TYR A 74 39.13 19.50 11.93
N GLY A 75 38.25 18.49 11.95
CA GLY A 75 38.74 17.10 11.77
C GLY A 75 39.61 16.99 10.51
N LYS A 76 40.67 16.18 10.57
CA LYS A 76 41.60 16.03 9.46
C LYS A 76 41.06 15.42 8.15
N HIS A 77 39.89 14.78 8.19
CA HIS A 77 39.40 14.11 6.99
C HIS A 77 37.95 14.44 6.67
N VAL A 78 37.41 15.50 7.28
CA VAL A 78 36.02 15.85 7.07
C VAL A 78 35.69 16.11 5.62
N ASP A 79 36.68 16.44 4.79
CA ASP A 79 36.43 16.71 3.38
C ASP A 79 35.90 15.49 2.65
N GLU A 80 36.15 14.30 3.21
CA GLU A 80 35.62 13.06 2.62
C GLU A 80 34.12 12.93 2.86
N LEU A 81 33.60 13.63 3.88
CA LEU A 81 32.19 13.63 4.25
C LEU A 81 31.43 14.77 3.60
N TYR A 82 31.92 16.00 3.78
CA TYR A 82 31.28 17.16 3.17
C TYR A 82 32.27 18.21 2.61
N ASN A 83 31.77 19.04 1.70
CA ASN A 83 32.49 20.20 1.21
C ASN A 83 32.68 21.18 2.34
N THR A 84 33.95 21.38 2.62
CA THR A 84 34.50 22.22 3.68
C THR A 84 34.21 23.73 3.49
N ILE A 85 34.25 24.15 2.24
CA ILE A 85 34.00 25.54 1.87
C ILE A 85 32.52 25.89 2.06
N SER A 86 31.64 25.03 1.57
CA SER A 86 30.20 25.14 1.79
C SER A 86 29.82 25.09 3.31
N GLU A 87 30.40 24.13 4.04
CA GLU A 87 30.15 24.04 5.49
C GLU A 87 30.30 25.40 6.17
N PHE A 88 31.36 26.12 5.82
CA PHE A 88 31.66 27.40 6.46
C PHE A 88 30.71 28.50 6.01
N GLU A 89 30.37 28.51 4.73
CA GLU A 89 29.41 29.48 4.18
C GLU A 89 28.04 29.36 4.82
N VAL A 90 27.58 28.11 4.92
CA VAL A 90 26.33 27.78 5.59
C VAL A 90 26.38 28.18 7.07
N TYR A 91 27.49 27.91 7.75
CA TYR A 91 27.64 28.28 9.16
C TYR A 91 27.61 29.78 9.44
N LYS A 92 28.31 30.56 8.61
CA LYS A 92 28.31 32.03 8.76
C LYS A 92 26.91 32.59 8.65
N THR A 93 26.10 32.02 7.77
CA THR A 93 24.71 32.44 7.58
C THR A 93 23.84 32.10 8.82
N MET A 94 23.97 30.86 9.31
CA MET A 94 23.29 30.40 10.55
C MET A 94 23.79 31.19 11.74
N SER A 95 25.07 31.54 11.73
CA SER A 95 25.61 32.47 12.72
C SER A 95 25.01 33.87 12.68
N LYS A 96 24.92 34.50 11.49
CA LYS A 96 24.35 35.84 11.37
CA LYS A 96 24.32 35.83 11.31
C LYS A 96 22.86 35.89 11.73
N TYR A 97 22.13 34.82 11.40
CA TYR A 97 20.72 34.68 11.72
C TYR A 97 20.47 34.28 13.17
N LYS A 98 21.55 34.16 13.93
CA LYS A 98 21.50 33.82 15.34
C LYS A 98 20.96 32.41 15.59
N ILE A 99 20.97 31.57 14.57
CA ILE A 99 20.51 30.19 14.70
C ILE A 99 21.60 29.33 15.32
N ALA A 100 22.83 29.51 14.79
CA ALA A 100 24.00 28.79 15.27
C ALA A 100 24.78 29.59 16.33
N PRO A 101 25.71 28.91 17.05
CA PRO A 101 26.67 29.63 17.87
C PRO A 101 27.36 30.72 17.07
N GLN A 102 27.52 31.90 17.66
CA GLN A 102 28.20 32.99 16.98
C GLN A 102 29.67 32.71 16.61
N LEU A 103 30.03 33.08 15.38
CA LEU A 103 31.40 33.03 14.87
C LEU A 103 32.20 34.15 15.49
N LEU A 104 33.32 33.79 16.10
CA LEU A 104 34.19 34.81 16.69
C LEU A 104 35.32 35.12 15.74
N ASN A 105 35.93 34.08 15.16
CA ASN A 105 37.05 34.24 14.27
C ASN A 105 37.53 32.88 13.73
N THR A 106 38.38 32.91 12.71
CA THR A 106 38.91 31.66 12.16
C THR A 106 40.39 31.67 12.34
N PHE A 107 40.99 30.50 12.19
CA PHE A 107 42.43 30.38 12.15
C PHE A 107 42.78 29.23 11.20
N ASN A 108 44.06 29.10 10.87
CA ASN A 108 44.52 28.02 10.01
C ASN A 108 44.18 26.67 10.67
N GLY A 109 43.16 25.99 10.16
CA GLY A 109 42.72 24.71 10.68
C GLY A 109 41.50 24.65 11.56
N GLY A 110 40.78 25.75 11.77
CA GLY A 110 39.59 25.70 12.61
C GLY A 110 38.92 27.05 12.79
N ARG A 111 38.08 27.16 13.82
CA ARG A 111 37.39 28.44 14.10
C ARG A 111 37.12 28.59 15.59
N ILE A 112 36.75 29.81 16.02
CA ILE A 112 36.48 30.09 17.41
C ILE A 112 35.01 30.55 17.47
N GLU A 113 34.26 30.00 18.41
CA GLU A 113 32.83 30.20 18.44
C GLU A 113 32.42 30.67 19.83
N GLU A 114 31.26 31.29 19.90
CA GLU A 114 30.62 31.57 21.17
C GLU A 114 30.49 30.30 22.03
N TRP A 115 30.77 30.43 23.32
CA TRP A 115 30.61 29.34 24.27
C TRP A 115 29.16 29.32 24.77
N LEU A 116 28.46 28.22 24.50
CA LEU A 116 27.09 28.08 25.02
C LEU A 116 27.13 27.54 26.43
N TYR A 117 26.43 28.22 27.33
CA TYR A 117 26.19 27.73 28.67
C TYR A 117 24.90 26.94 28.71
N GLY A 118 25.01 25.63 28.83
CA GLY A 118 23.87 24.79 28.95
C GLY A 118 24.29 23.37 28.71
N ASP A 119 23.40 22.44 28.99
CA ASP A 119 23.74 21.04 28.90
C ASP A 119 23.12 20.43 27.66
N PRO A 120 23.86 19.55 26.97
CA PRO A 120 23.20 18.81 25.90
C PRO A 120 22.06 17.98 26.49
N LEU A 121 21.04 17.70 25.69
CA LEU A 121 19.99 16.81 26.16
C LEU A 121 20.60 15.40 26.25
N ARG A 122 20.04 14.58 27.12
CA ARG A 122 20.44 13.18 27.24
C ARG A 122 19.30 12.30 26.74
N ILE A 123 19.56 11.00 26.59
CA ILE A 123 18.58 10.07 25.98
C ILE A 123 17.21 10.09 26.70
N ASP A 124 17.25 10.21 28.02
CA ASP A 124 16.06 10.17 28.87
C ASP A 124 15.23 11.45 28.81
N ASP A 125 15.84 12.56 28.37
CA ASP A 125 15.07 13.80 28.14
C ASP A 125 14.08 13.64 26.99
N LEU A 126 14.38 12.75 26.04
CA LEU A 126 13.52 12.55 24.87
C LEU A 126 12.26 11.72 25.14
N LYS A 127 12.14 11.23 26.39
CA LYS A 127 10.96 10.52 26.89
C LYS A 127 10.01 11.48 27.60
N ASN A 128 10.52 12.67 27.94
CA ASN A 128 9.78 13.75 28.56
C ASN A 128 8.97 14.46 27.48
N PRO A 129 7.62 14.35 27.51
CA PRO A 129 6.72 15.06 26.58
C PRO A 129 6.89 16.58 26.51
N THR A 130 7.21 17.21 27.64
CA THR A 130 7.48 18.65 27.68
C THR A 130 8.76 19.01 26.89
N ILE A 131 9.82 18.22 27.07
CA ILE A 131 11.02 18.36 26.26
C ILE A 131 10.71 18.08 24.79
N LEU A 132 9.98 17.00 24.52
CA LEU A 132 9.61 16.63 23.15
C LEU A 132 8.93 17.81 22.45
N ILE A 133 8.02 18.46 23.16
CA ILE A 133 7.33 19.60 22.58
C ILE A 133 8.29 20.74 22.21
N GLY A 134 9.17 21.11 23.13
CA GLY A 134 10.04 22.30 22.97
C GLY A 134 11.00 22.02 21.84
N ILE A 135 11.40 20.77 21.71
CA ILE A 135 12.18 20.38 20.56
C ILE A 135 11.31 20.52 19.31
N ALA A 136 10.05 20.10 19.39
CA ALA A 136 9.15 20.24 18.23
C ALA A 136 8.94 21.71 17.86
N ASN A 137 8.55 22.54 18.86
CA ASN A 137 8.45 24.01 18.74
C ASN A 137 9.66 24.64 18.04
N VAL A 138 10.88 24.30 18.50
CA VAL A 138 12.14 24.81 17.91
C VAL A 138 12.38 24.37 16.46
N LEU A 139 12.21 23.08 16.20
CA LEU A 139 12.32 22.55 14.83
C LEU A 139 11.30 23.18 13.88
N GLY A 140 10.03 23.22 14.28
CA GLY A 140 8.98 23.88 13.50
C GLY A 140 9.30 25.32 13.08
N LYS A 141 9.77 26.11 14.04
CA LYS A 141 10.13 27.49 13.72
C LYS A 141 11.39 27.53 12.87
N PHE A 142 12.38 26.68 13.18
CA PHE A 142 13.60 26.61 12.39
C PHE A 142 13.28 26.39 10.92
N HIS A 143 12.41 25.43 10.62
CA HIS A 143 12.08 25.03 9.24
C HIS A 143 11.40 26.09 8.36
N THR A 144 10.84 27.12 9.00
CA THR A 144 10.26 28.22 8.26
C THR A 144 11.32 29.17 7.73
N LEU A 145 12.56 29.02 8.17
CA LEU A 145 13.65 29.93 7.74
C LEU A 145 13.66 30.20 6.23
N SER A 146 13.49 29.16 5.40
CA SER A 146 13.65 29.34 3.94
C SER A 146 12.54 30.17 3.29
N ARG A 147 11.34 30.15 3.87
CA ARG A 147 10.22 30.95 3.35
C ARG A 147 10.08 32.31 4.04
N LYS A 148 10.79 32.49 5.16
CA LYS A 148 10.71 33.74 5.94
C LYS A 148 11.97 34.62 5.83
N ARG A 149 13.09 34.02 5.42
CA ARG A 149 14.30 34.77 5.09
C ARG A 149 14.83 34.34 3.72
N HIS A 150 15.57 35.22 3.07
CA HIS A 150 16.09 34.92 1.74
C HIS A 150 17.50 34.36 1.82
N LEU A 151 17.57 33.02 1.92
CA LEU A 151 18.83 32.27 1.87
C LEU A 151 19.49 32.43 0.50
N PRO A 152 20.83 32.57 0.47
CA PRO A 152 21.57 32.79 -0.76
C PRO A 152 21.04 31.92 -1.91
N GLU A 153 20.71 32.56 -3.03
CA GLU A 153 20.04 31.90 -4.16
C GLU A 153 20.96 30.93 -4.92
N HIS A 154 22.27 31.11 -4.72
CA HIS A 154 23.29 30.28 -5.36
C HIS A 154 23.45 28.94 -4.65
N TRP A 155 23.02 28.87 -3.38
CA TRP A 155 22.99 27.59 -2.65
C TRP A 155 22.18 26.55 -3.42
N ASP A 156 22.65 25.32 -3.34
CA ASP A 156 22.03 24.17 -4.02
C ASP A 156 20.74 23.73 -3.31
N ARG A 157 19.63 23.73 -4.04
CA ARG A 157 18.34 23.26 -3.51
C ARG A 157 18.11 21.75 -3.62
N THR A 158 19.01 21.01 -4.29
CA THR A 158 18.93 19.55 -4.33
C THR A 158 18.85 18.95 -2.93
N PRO A 159 17.82 18.12 -2.65
CA PRO A 159 17.73 17.44 -1.36
C PRO A 159 19.00 16.72 -0.97
N CYS A 160 19.52 17.09 0.21
CA CYS A 160 20.75 16.50 0.72
C CYS A 160 20.68 14.98 0.91
N ILE A 161 19.50 14.41 1.16
CA ILE A 161 19.41 12.92 1.17
C ILE A 161 20.08 12.30 -0.07
N PHE A 162 19.80 12.89 -1.22
CA PHE A 162 20.28 12.39 -2.50
C PHE A 162 21.78 12.59 -2.68
N LYS A 163 22.26 13.74 -2.24
CA LYS A 163 23.66 14.13 -2.39
C LYS A 163 24.52 13.38 -1.39
N MET A 164 24.09 13.35 -0.12
CA MET A 164 24.85 12.65 0.92
C MET A 164 24.98 11.15 0.62
N MET A 165 23.90 10.53 0.15
CA MET A 165 23.89 9.10 -0.19
C MET A 165 24.82 8.73 -1.30
N GLU A 166 24.81 9.53 -2.36
CA GLU A 166 25.67 9.26 -3.50
C GLU A 166 27.13 9.48 -3.13
N LYS A 167 27.42 10.61 -2.50
CA LYS A 167 28.78 10.91 -2.05
C LYS A 167 29.35 9.84 -1.10
N TRP A 168 28.55 9.48 -0.08
CA TRP A 168 29.02 8.49 0.90
C TRP A 168 29.09 7.08 0.33
N LYS A 169 28.14 6.71 -0.52
CA LYS A 169 28.24 5.41 -1.20
C LYS A 169 29.50 5.34 -2.08
N ASN A 170 29.76 6.42 -2.80
CA ASN A 170 30.89 6.46 -3.71
C ASN A 170 32.21 6.38 -2.95
N GLN A 171 32.30 7.11 -1.82
CA GLN A 171 33.47 7.03 -0.94
C GLN A 171 33.83 5.61 -0.48
N LEU A 172 32.82 4.75 -0.27
CA LEU A 172 33.07 3.37 0.16
C LEU A 172 33.91 2.59 -0.85
N PHE A 173 33.80 2.96 -2.13
CA PHE A 173 34.59 2.32 -3.21
C PHE A 173 36.10 2.47 -3.04
N LYS A 174 36.52 3.58 -2.41
CA LYS A 174 37.94 3.83 -2.12
C LYS A 174 38.55 2.74 -1.25
N TYR A 175 37.73 2.12 -0.37
CA TYR A 175 38.21 1.02 0.50
C TYR A 175 38.06 -0.36 -0.13
N LYS A 176 39.14 -1.14 -0.08
CA LYS A 176 39.18 -2.40 -0.86
C LYS A 176 38.91 -3.69 -0.04
N ASN A 177 39.21 -3.62 1.26
CA ASN A 177 39.16 -4.77 2.19
C ASN A 177 37.83 -4.73 3.01
N ILE A 178 36.85 -4.03 2.39
CA ILE A 178 35.64 -3.55 3.04
C ILE A 178 34.67 -4.63 3.53
N GLU A 179 34.65 -5.77 2.85
CA GLU A 179 33.89 -6.94 3.29
C GLU A 179 34.29 -7.35 4.72
N LYS A 180 35.52 -7.02 5.14
CA LYS A 180 36.03 -7.39 6.46
C LYS A 180 35.41 -6.60 7.63
N TYR A 181 34.48 -5.70 7.31
CA TYR A 181 33.79 -4.89 8.31
C TYR A 181 32.27 -4.85 8.03
N CYS A 183 30.02 -6.55 5.65
CA CYS A 183 30.07 -7.96 5.22
C CYS A 183 29.14 -8.18 4.03
N ASP A 184 27.91 -7.70 4.21
CA ASP A 184 26.94 -7.59 3.15
C ASP A 184 26.91 -6.13 2.71
N ILE A 185 28.07 -5.49 2.65
CA ILE A 185 28.14 -4.08 2.28
C ILE A 185 27.68 -3.82 0.83
N HIS A 186 28.06 -4.69 -0.10
CA HIS A 186 27.61 -4.54 -1.48
C HIS A 186 26.11 -4.70 -1.67
N LYS A 187 25.49 -5.56 -0.83
CA LYS A 187 24.02 -5.64 -0.74
C LYS A 187 23.39 -4.32 -0.27
N TYR A 188 23.96 -3.72 0.78
CA TYR A 188 23.39 -2.48 1.30
C TYR A 188 23.57 -1.35 0.31
N ILE A 189 24.72 -1.33 -0.37
CA ILE A 189 25.00 -0.38 -1.41
C ILE A 189 23.91 -0.45 -2.47
N LYS A 190 23.60 -1.68 -2.91
CA LYS A 190 22.51 -1.93 -3.84
C LYS A 190 21.16 -1.51 -3.25
N GLU A 191 20.93 -1.84 -1.99
CA GLU A 191 19.73 -1.42 -1.28
C GLU A 191 19.55 0.11 -1.31
N SER A 192 20.65 0.86 -1.21
CA SER A 192 20.62 2.33 -1.23
C SER A 192 20.24 2.89 -2.61
N ASP A 193 20.71 2.24 -3.67
CA ASP A 193 20.22 2.52 -5.02
C ASP A 193 18.72 2.30 -5.17
N LYS A 194 18.20 1.27 -4.51
CA LYS A 194 16.75 1.03 -4.46
C LYS A 194 16.02 2.11 -3.67
N PHE A 195 16.51 2.45 -2.49
CA PHE A 195 15.92 3.54 -1.73
C PHE A 195 15.85 4.81 -2.56
N ILE A 196 16.97 5.15 -3.20
CA ILE A 196 17.08 6.42 -3.90
C ILE A 196 16.11 6.50 -5.09
N LYS A 197 16.04 5.41 -5.85
CA LYS A 197 15.12 5.30 -6.99
C LYS A 197 13.66 5.46 -6.49
N PHE A 198 13.32 4.76 -5.42
CA PHE A 198 11.98 4.83 -4.83
C PHE A 198 11.64 6.22 -4.31
N MET A 199 12.60 6.88 -3.70
CA MET A 199 12.41 8.20 -3.12
C MET A 199 12.28 9.32 -4.18
N LYS A 200 12.87 9.13 -5.35
CA LYS A 200 12.67 10.08 -6.43
C LYS A 200 11.23 10.09 -6.98
N VAL A 201 10.52 8.97 -6.83
CA VAL A 201 9.09 8.88 -7.15
C VAL A 201 8.28 9.35 -5.94
N TYR A 202 8.42 8.65 -4.82
CA TYR A 202 7.71 8.94 -3.59
C TYR A 202 7.62 10.43 -3.24
N SER A 203 8.76 11.11 -3.33
CA SER A 203 8.88 12.51 -2.91
C SER A 203 8.18 13.52 -3.82
N LYS A 204 7.70 13.05 -4.97
CA LYS A 204 7.02 13.95 -5.91
C LYS A 204 5.52 14.11 -5.67
N SER A 205 4.94 13.25 -4.83
CA SER A 205 3.55 13.43 -4.43
C SER A 205 3.38 14.66 -3.52
N ASP A 206 2.13 15.09 -3.34
CA ASP A 206 1.82 16.35 -2.68
C ASP A 206 2.06 16.42 -1.16
N ASN A 207 2.32 15.25 -0.53
CA ASN A 207 2.57 15.18 0.90
C ASN A 207 3.36 16.41 1.38
N LEU A 208 2.85 17.08 2.40
CA LEU A 208 3.57 18.17 3.05
C LEU A 208 4.94 17.74 3.53
N ALA A 209 5.03 16.49 3.99
CA ALA A 209 6.31 15.89 4.38
C ALA A 209 7.38 15.90 3.26
N ASN A 210 6.95 16.14 2.03
CA ASN A 210 7.90 16.32 0.92
C ASN A 210 8.35 17.78 0.69
N THR A 211 7.80 18.75 1.43
CA THR A 211 8.29 20.13 1.26
C THR A 211 9.84 20.16 1.47
N ILE A 212 10.55 20.81 0.54
CA ILE A 212 11.99 21.02 0.68
C ILE A 212 12.19 22.27 1.57
N VAL A 213 12.88 22.08 2.70
CA VAL A 213 13.20 23.18 3.58
C VAL A 213 14.68 23.04 3.90
N PHE A 214 15.24 24.06 4.56
CA PHE A 214 16.60 24.00 5.07
C PHE A 214 16.67 23.17 6.35
N CYS A 215 17.29 21.99 6.25
CA CYS A 215 17.33 21.04 7.35
C CYS A 215 18.67 21.01 8.10
N HIS A 216 18.62 20.60 9.36
CA HIS A 216 19.79 20.36 10.16
C HIS A 216 20.57 19.11 9.68
N ASN A 217 19.82 18.03 9.39
CA ASN A 217 20.33 16.79 8.81
C ASN A 217 21.10 15.88 9.76
N ASP A 218 21.21 16.30 11.01
CA ASP A 218 21.82 15.50 12.06
C ASP A 218 21.23 15.77 13.47
N LEU A 219 19.91 15.70 13.59
CA LEU A 219 19.31 15.96 14.89
C LEU A 219 19.49 14.73 15.79
N GLN A 220 19.95 14.98 17.00
CA GLN A 220 20.09 13.96 18.00
C GLN A 220 20.24 14.77 19.25
N GLU A 221 20.03 14.15 20.39
CA GLU A 221 19.98 14.86 21.67
C GLU A 221 21.27 15.67 21.97
N ASN A 222 22.44 15.14 21.61
CA ASN A 222 23.69 15.86 21.87
C ASN A 222 23.97 17.04 20.90
N ASN A 223 23.05 17.28 19.97
CA ASN A 223 23.12 18.47 19.08
C ASN A 223 22.04 19.46 19.47
N ILE A 224 21.50 19.26 20.66
CA ILE A 224 20.49 20.15 21.21
C ILE A 224 20.92 20.52 22.60
N ILE A 225 21.03 21.82 22.86
CA ILE A 225 21.51 22.33 24.15
C ILE A 225 20.40 22.98 24.96
N ASN A 226 20.29 22.57 26.22
CA ASN A 226 19.35 23.18 27.12
C ASN A 226 19.97 24.34 27.92
N THR A 227 19.67 25.56 27.51
CA THR A 227 20.09 26.75 28.24
C THR A 227 18.95 27.21 29.13
N ASN A 228 19.20 28.25 29.95
CA ASN A 228 18.19 28.81 30.85
C ASN A 228 16.93 29.39 30.15
N CYS A 230 16.54 28.33 26.98
CA CYS A 230 15.74 27.69 25.95
C CYS A 230 16.57 26.64 25.16
N LEU A 231 15.86 25.78 24.42
CA LEU A 231 16.55 24.78 23.62
C LEU A 231 17.18 25.44 22.39
N ARG A 232 18.50 25.26 22.22
CA ARG A 232 19.22 25.67 21.01
C ARG A 232 19.74 24.47 20.24
N LEU A 233 19.74 24.60 18.92
CA LEU A 233 20.40 23.66 18.02
C LEU A 233 21.89 23.98 17.81
N ILE A 234 22.71 22.95 17.57
CA ILE A 234 24.12 23.13 17.32
C ILE A 234 24.55 22.11 16.27
N ASP A 235 25.79 22.25 15.81
CA ASP A 235 26.43 21.34 14.89
C ASP A 235 25.69 21.17 13.56
N PHE A 236 25.78 22.22 12.73
CA PHE A 236 25.11 22.31 11.44
C PHE A 236 26.05 21.90 10.28
N GLU A 237 27.07 21.09 10.59
CA GLU A 237 28.01 20.53 9.59
C GLU A 237 27.19 20.04 8.40
N TYR A 238 26.19 19.18 8.64
CA TYR A 238 25.46 18.48 7.53
C TYR A 238 24.24 19.25 7.05
N SER A 239 24.04 20.44 7.57
CA SER A 239 22.82 21.19 7.27
C SER A 239 22.67 21.62 5.81
N GLY A 240 21.45 21.51 5.30
CA GLY A 240 21.18 21.86 3.91
C GLY A 240 19.75 21.56 3.53
N PHE A 241 19.36 21.95 2.32
CA PHE A 241 18.01 21.75 1.82
C PHE A 241 17.68 20.28 1.76
N ASN A 242 16.51 19.91 2.26
CA ASN A 242 16.13 18.49 2.32
C ASN A 242 14.63 18.35 2.50
N PHE A 243 14.07 17.17 2.28
CA PHE A 243 12.63 16.92 2.59
C PHE A 243 12.41 17.09 4.06
N LEU A 244 11.40 17.85 4.46
CA LEU A 244 11.25 18.16 5.89
C LEU A 244 11.18 16.91 6.80
N ALA A 245 10.58 15.84 6.29
CA ALA A 245 10.42 14.58 7.06
C ALA A 245 11.78 13.94 7.40
N THR A 246 12.80 14.20 6.57
CA THR A 246 14.19 13.74 6.81
CA THR A 246 14.16 13.69 6.85
C THR A 246 14.71 14.20 8.18
N ASP A 247 14.45 15.47 8.50
CA ASP A 247 14.97 16.02 9.73
C ASP A 247 14.31 15.35 10.95
N ILE A 248 13.02 15.07 10.83
CA ILE A 248 12.22 14.44 11.89
C ILE A 248 12.56 12.97 12.10
N ALA A 249 12.87 12.29 11.00
CA ALA A 249 13.23 10.89 10.98
C ALA A 249 14.49 10.57 11.81
N ASN A 250 15.57 11.31 11.55
CA ASN A 250 16.79 11.18 12.34
C ASN A 250 16.46 11.37 13.81
N PHE A 251 15.72 12.43 14.13
CA PHE A 251 15.43 12.67 15.53
C PHE A 251 14.63 11.50 16.13
N PHE A 252 13.62 11.01 15.41
CA PHE A 252 12.83 9.91 15.92
C PHE A 252 13.72 8.68 16.11
N ILE A 253 14.57 8.37 15.13
CA ILE A 253 15.47 7.21 15.22
C ILE A 253 16.31 7.30 16.49
N GLU A 254 16.78 8.53 16.75
CA GLU A 254 17.73 8.75 17.81
C GLU A 254 17.16 8.58 19.22
N THR A 255 15.85 8.40 19.33
CA THR A 255 15.25 8.17 20.65
C THR A 255 15.61 6.75 21.12
N SER A 256 16.13 5.92 20.23
CA SER A 256 16.40 4.50 20.53
C SER A 256 17.90 4.21 20.62
N ILE A 257 18.72 5.25 20.44
CA ILE A 257 20.19 5.09 20.43
C ILE A 257 20.81 5.97 21.50
N ASP A 258 21.57 5.34 22.39
CA ASP A 258 22.23 5.98 23.52
C ASP A 258 23.73 5.96 23.29
N TYR A 259 24.36 7.14 23.34
CA TYR A 259 25.78 7.28 23.04
C TYR A 259 26.61 7.49 24.27
N SER A 260 25.98 7.41 25.43
CA SER A 260 26.64 7.77 26.67
C SER A 260 27.31 6.56 27.35
N VAL A 261 27.17 5.38 26.73
CA VAL A 261 27.77 4.16 27.26
C VAL A 261 29.28 4.41 27.37
N SER A 262 29.81 4.31 28.58
CA SER A 262 31.23 4.67 28.82
C SER A 262 32.22 3.50 28.74
N SER A 263 31.87 2.43 28.03
CA SER A 263 32.80 1.32 27.78
C SER A 263 32.45 0.70 26.43
N TYR A 264 33.41 -0.03 25.83
CA TYR A 264 33.22 -0.69 24.53
C TYR A 264 31.85 -1.39 24.48
N PRO A 265 31.04 -1.12 23.43
CA PRO A 265 31.29 -0.33 22.21
C PRO A 265 30.97 1.17 22.27
N PHE A 266 30.63 1.69 23.44
CA PHE A 266 30.31 3.14 23.64
C PHE A 266 28.96 3.52 23.03
N PHE A 267 28.13 2.52 22.80
CA PHE A 267 26.75 2.76 22.43
C PHE A 267 25.82 1.61 22.82
N GLU A 268 24.53 1.90 22.84
CA GLU A 268 23.44 0.96 23.11
C GLU A 268 22.31 1.37 22.18
N ILE A 269 21.61 0.37 21.65
CA ILE A 269 20.43 0.55 20.83
C ILE A 269 19.28 -0.26 21.45
N ASP A 270 18.14 0.40 21.68
CA ASP A 270 16.95 -0.30 22.20
C ASP A 270 15.70 0.09 21.41
N LYS A 271 15.29 -0.79 20.50
CA LYS A 271 14.09 -0.62 19.67
CA LYS A 271 14.10 -0.59 19.66
C LYS A 271 12.89 -0.19 20.52
N LYS A 272 12.74 -0.82 21.68
CA LYS A 272 11.63 -0.51 22.60
C LYS A 272 11.59 0.96 23.05
N LYS A 273 12.71 1.66 22.93
CA LYS A 273 12.81 3.05 23.35
C LYS A 273 12.34 4.01 22.26
N TYR A 274 12.19 3.51 21.04
CA TYR A 274 11.72 4.31 19.92
C TYR A 274 10.47 5.09 20.34
N ILE A 275 10.50 6.39 20.08
CA ILE A 275 9.42 7.31 20.47
C ILE A 275 8.03 6.70 20.10
N SER A 276 7.18 6.50 21.13
CA SER A 276 5.83 5.95 20.97
C SER A 276 5.01 6.70 19.93
N TYR A 277 3.96 6.06 19.38
CA TYR A 277 3.09 6.74 18.44
C TYR A 277 2.45 7.96 19.11
N GLU A 278 1.90 7.75 20.30
CA GLU A 278 1.33 8.81 21.13
C GLU A 278 2.24 10.07 21.15
N ASN A 279 3.54 9.85 21.35
CA ASN A 279 4.48 10.96 21.45
C ASN A 279 4.88 11.55 20.09
N ARG A 280 4.80 10.73 19.05
CA ARG A 280 5.05 11.16 17.68
C ARG A 280 3.99 12.15 17.17
N LYS A 281 2.71 11.84 17.43
CA LYS A 281 1.59 12.73 17.11
C LYS A 281 1.71 14.06 17.87
N LEU A 282 2.04 13.96 19.16
CA LEU A 282 2.27 15.13 20.02
C LEU A 282 3.36 16.03 19.45
N PHE A 283 4.46 15.40 19.04
CA PHE A 283 5.57 16.10 18.43
C PHE A 283 5.15 16.81 17.13
N ILE A 284 4.58 16.08 16.17
CA ILE A 284 4.16 16.72 14.92
C ILE A 284 3.13 17.84 15.16
N THR A 285 2.21 17.65 16.08
CA THR A 285 1.23 18.70 16.41
C THR A 285 1.95 20.01 16.82
N ALA A 286 2.88 19.88 17.77
CA ALA A 286 3.72 21.01 18.22
C ALA A 286 4.60 21.57 17.11
N TYR A 287 5.07 20.68 16.24
CA TYR A 287 5.92 21.06 15.12
C TYR A 287 5.13 21.96 14.15
N LEU A 288 3.91 21.54 13.81
CA LEU A 288 3.09 22.25 12.82
C LEU A 288 2.61 23.60 13.34
N SER A 289 2.44 23.72 14.65
CA SER A 289 2.00 24.99 15.23
CA SER A 289 2.03 24.98 15.28
C SER A 289 3.01 26.10 14.97
N ASN A 290 4.29 25.73 14.83
CA ASN A 290 5.38 26.67 14.58
C ASN A 290 5.82 26.70 13.11
N TYR A 291 5.68 25.55 12.44
CA TYR A 291 6.04 25.46 11.04
C TYR A 291 5.04 26.15 10.09
N LEU A 292 3.75 25.94 10.30
CA LEU A 292 2.70 26.50 9.43
C LEU A 292 2.32 27.96 9.78
N PRO A 299 -4.51 21.34 12.54
CA PRO A 299 -3.84 20.26 11.83
C PRO A 299 -4.77 19.05 11.70
N THR A 300 -5.11 18.68 10.47
CA THR A 300 -5.95 17.53 10.20
C THR A 300 -5.28 16.25 10.71
N PRO A 301 -6.03 15.36 11.38
CA PRO A 301 -5.51 14.05 11.84
C PRO A 301 -4.94 13.23 10.67
N LYS A 302 -5.58 13.34 9.50
CA LYS A 302 -5.07 12.69 8.27
C LYS A 302 -3.68 13.21 7.89
N LEU A 303 -3.48 14.52 8.02
CA LEU A 303 -2.18 15.16 7.73
C LEU A 303 -1.05 14.68 8.67
N ILE A 304 -1.32 14.69 9.97
CA ILE A 304 -0.37 14.19 10.96
C ILE A 304 0.06 12.78 10.58
N ASP A 305 -0.89 11.94 10.17
CA ASP A 305 -0.58 10.54 9.86
C ASP A 305 0.16 10.39 8.53
N GLU A 306 -0.06 11.31 7.60
CA GLU A 306 0.66 11.33 6.32
C GLU A 306 2.10 11.81 6.54
N ILE A 307 2.29 12.75 7.45
CA ILE A 307 3.63 13.18 7.83
C ILE A 307 4.38 12.06 8.57
N LEU A 308 3.68 11.42 9.52
CA LEU A 308 4.26 10.31 10.26
C LEU A 308 4.66 9.14 9.37
N GLU A 309 3.92 8.92 8.29
CA GLU A 309 4.25 7.86 7.33
C GLU A 309 5.51 8.19 6.54
N ALA A 310 5.58 9.42 6.04
CA ALA A 310 6.76 9.90 5.33
C ALA A 310 8.01 9.84 6.21
N VAL A 311 7.87 10.15 7.50
CA VAL A 311 8.96 10.08 8.46
C VAL A 311 9.42 8.63 8.56
N GLU A 312 8.49 7.69 8.61
CA GLU A 312 8.86 6.27 8.67
C GLU A 312 9.49 5.78 7.35
N VAL A 313 9.03 6.30 6.22
CA VAL A 313 9.69 6.02 4.92
C VAL A 313 11.12 6.61 4.85
N GLN A 314 11.28 7.85 5.29
CA GLN A 314 12.59 8.49 5.33
C GLN A 314 13.58 7.80 6.26
N ALA A 315 13.11 7.23 7.37
CA ALA A 315 13.97 6.46 8.29
C ALA A 315 14.75 5.37 7.58
N LEU A 316 14.16 4.79 6.55
CA LEU A 316 14.80 3.76 5.76
C LEU A 316 16.14 4.26 5.20
N GLY A 317 16.10 5.45 4.61
CA GLY A 317 17.25 6.10 4.03
C GLY A 317 18.21 6.63 5.07
N ALA A 318 17.69 7.07 6.21
CA ALA A 318 18.56 7.50 7.30
C ALA A 318 19.52 6.37 7.77
N HIS A 319 18.99 5.16 7.89
CA HIS A 319 19.81 4.02 8.29
C HIS A 319 20.95 3.68 7.33
N LEU A 320 20.69 3.78 6.03
CA LEU A 320 21.69 3.47 5.02
C LEU A 320 22.73 4.57 5.03
N LEU A 321 22.26 5.80 5.13
CA LEU A 321 23.12 6.97 5.15
C LEU A 321 24.12 6.93 6.33
N TRP A 322 23.60 6.82 7.55
CA TRP A 322 24.46 6.80 8.72
C TRP A 322 25.26 5.50 8.86
N GLY A 323 24.73 4.39 8.36
CA GLY A 323 25.51 3.15 8.21
C GLY A 323 26.76 3.38 7.35
N PHE A 324 26.61 4.04 6.19
CA PHE A 324 27.74 4.37 5.31
C PHE A 324 28.68 5.40 5.93
N TRP A 325 28.10 6.44 6.51
CA TRP A 325 28.88 7.45 7.21
C TRP A 325 29.78 6.77 8.25
N SER A 326 29.25 5.82 9.00
CA SER A 326 29.98 5.23 10.11
C SER A 326 31.14 4.30 9.64
N ILE A 327 30.94 3.61 8.51
CA ILE A 327 32.06 2.87 7.89
C ILE A 327 33.20 3.84 7.52
N ILE A 328 32.85 4.95 6.87
CA ILE A 328 33.82 5.97 6.48
C ILE A 328 34.57 6.51 7.71
N ARG A 329 33.82 6.83 8.78
CA ARG A 329 34.44 7.23 10.05
C ARG A 329 35.41 6.14 10.63
N GLY A 330 35.01 4.87 10.60
CA GLY A 330 35.87 3.80 11.08
C GLY A 330 37.19 3.71 10.34
N TYR A 331 37.17 3.96 9.02
CA TYR A 331 38.41 4.02 8.27
C TYR A 331 39.22 5.28 8.58
N GLN A 332 38.52 6.38 8.83
CA GLN A 332 39.18 7.59 9.27
C GLN A 332 39.85 7.41 10.62
N THR A 333 39.10 6.91 11.62
CA THR A 333 39.63 6.74 12.98
C THR A 333 40.41 5.41 13.16
N LYS A 334 40.66 5.03 14.42
CA LYS A 334 41.45 3.84 14.82
C LYS A 334 42.00 3.95 16.27
N PHE A 339 34.84 4.72 20.41
CA PHE A 339 33.65 4.38 19.58
C PHE A 339 33.98 3.31 18.51
N ASP A 340 33.15 2.26 18.43
CA ASP A 340 33.35 1.25 17.38
C ASP A 340 32.43 1.65 16.23
N PHE A 341 32.98 2.42 15.29
CA PHE A 341 32.26 2.89 14.13
C PHE A 341 31.77 1.76 13.22
N PHE A 342 32.58 0.73 13.08
CA PHE A 342 32.21 -0.41 12.25
C PHE A 342 31.04 -1.23 12.81
N LEU A 343 31.06 -1.45 14.11
CA LEU A 343 29.97 -2.14 14.79
C LEU A 343 28.71 -1.26 14.85
N TYR A 344 28.87 0.04 15.02
CA TYR A 344 27.74 0.94 14.87
C TYR A 344 27.18 0.95 13.43
N ALA A 345 28.04 1.00 12.42
CA ALA A 345 27.60 0.83 11.03
C ALA A 345 26.72 -0.44 10.89
N GLU A 346 27.20 -1.53 11.46
CA GLU A 346 26.50 -2.82 11.42
C GLU A 346 25.09 -2.73 12.04
N GLN A 347 24.97 -2.03 13.16
CA GLN A 347 23.67 -1.83 13.78
C GLN A 347 22.71 -1.02 12.90
N ARG A 348 23.17 0.12 12.38
CA ARG A 348 22.28 0.97 11.56
C ARG A 348 21.82 0.22 10.32
N LEU A 349 22.70 -0.53 9.67
CA LEU A 349 22.31 -1.36 8.50
C LEU A 349 21.32 -2.45 8.86
N LYS A 350 21.46 -3.03 10.06
CA LYS A 350 20.43 -3.93 10.61
C LYS A 350 19.09 -3.23 10.84
N MET A 351 19.14 -2.01 11.35
CA MET A 351 17.95 -1.19 11.48
C MET A 351 17.27 -0.93 10.11
N TYR A 352 18.07 -0.83 9.04
CA TYR A 352 17.48 -0.70 7.70
C TYR A 352 16.67 -1.95 7.35
N ASP A 353 17.21 -3.13 7.67
CA ASP A 353 16.51 -4.38 7.41
C ASP A 353 15.22 -4.50 8.18
N ASP A 354 15.26 -4.14 9.47
CA ASP A 354 14.05 -4.17 10.30
C ASP A 354 13.01 -3.18 9.76
N GLN A 355 13.44 -1.97 9.41
CA GLN A 355 12.50 -0.95 8.90
C GLN A 355 11.93 -1.30 7.52
N LYS A 356 12.78 -1.82 6.62
CA LYS A 356 12.30 -2.26 5.32
C LYS A 356 11.18 -3.29 5.47
N GLU A 357 11.42 -4.31 6.29
CA GLU A 357 10.43 -5.38 6.54
C GLU A 357 9.15 -4.86 7.22
N TYR A 358 9.30 -3.87 8.09
CA TYR A 358 8.13 -3.22 8.68
C TYR A 358 7.26 -2.55 7.60
N LEU A 359 7.90 -1.76 6.73
CA LEU A 359 7.22 -0.97 5.72
C LEU A 359 6.56 -1.82 4.64
N ILE A 360 7.27 -2.83 4.13
CA ILE A 360 6.78 -3.66 3.04
C ILE A 360 5.67 -4.58 3.53
N SER A 361 5.87 -5.19 4.70
CA SER A 361 4.88 -6.15 5.23
C SER A 361 3.62 -5.46 5.76
N ASN A 362 3.69 -4.15 6.00
CA ASN A 362 2.48 -3.37 6.32
C ASN A 362 1.87 -2.64 5.11
N ASN A 363 2.30 -3.01 3.89
CA ASN A 363 1.81 -2.45 2.62
C ASN A 363 1.98 -0.92 2.48
N ILE A 364 2.88 -0.37 3.28
CA ILE A 364 3.10 1.08 3.34
C ILE A 364 3.91 1.58 2.13
N ILE A 365 4.88 0.79 1.69
CA ILE A 365 5.64 1.10 0.48
C ILE A 365 5.49 -0.04 -0.52
N LYS A 366 5.47 0.31 -1.80
CA LYS A 366 5.28 -0.68 -2.86
C LYS A 366 6.07 -0.29 -4.10
N GLY A 367 6.48 -1.30 -4.88
CA GLY A 367 7.36 -1.04 -6.02
C GLY A 367 8.70 -0.50 -5.52
N TYR A 368 9.20 -1.14 -4.46
CA TYR A 368 10.49 -0.78 -3.87
C TYR A 368 11.54 -1.75 -4.40
N ASP A 369 11.23 -3.04 -4.32
CA ASP A 369 12.13 -4.08 -4.81
C ASP A 369 11.97 -4.36 -6.30
N THR B 12 -43.99 11.51 18.73
CA THR B 12 -44.90 10.83 19.73
C THR B 12 -45.69 9.73 19.02
N ASP B 13 -46.44 10.10 18.01
CA ASP B 13 -47.14 9.16 17.08
C ASP B 13 -46.20 8.05 16.55
N PRO B 14 -46.53 6.74 16.80
CA PRO B 14 -45.79 5.57 16.26
C PRO B 14 -45.78 5.40 14.74
N LEU B 15 -46.86 5.81 14.06
CA LEU B 15 -46.93 5.75 12.60
C LEU B 15 -45.94 6.72 11.96
N TYR B 16 -45.78 7.90 12.58
CA TYR B 16 -44.77 8.88 12.19
C TYR B 16 -43.34 8.35 12.39
N ILE B 17 -43.08 7.79 13.56
CA ILE B 17 -41.81 7.13 13.87
C ILE B 17 -41.42 6.15 12.77
N LYS B 18 -42.39 5.34 12.33
CA LYS B 18 -42.16 4.33 11.29
C LYS B 18 -41.88 4.95 9.91
N LYS B 19 -42.65 5.99 9.56
CA LYS B 19 -42.44 6.78 8.35
C LYS B 19 -41.02 7.37 8.28
N ILE B 20 -40.49 7.82 9.41
CA ILE B 20 -39.13 8.37 9.47
C ILE B 20 -38.08 7.27 9.31
N CYS B 21 -38.28 6.11 9.93
CA CYS B 21 -37.34 4.98 9.76
C CYS B 21 -37.27 4.43 8.35
N LEU B 22 -38.42 4.35 7.67
CA LEU B 22 -38.47 3.99 6.25
C LEU B 22 -37.74 4.96 5.32
N GLU B 23 -37.86 6.26 5.61
CA GLU B 23 -37.17 7.31 4.86
C GLU B 23 -35.66 7.28 5.05
N LYS B 24 -35.22 7.04 6.28
CA LYS B 24 -33.86 7.32 6.72
C LYS B 24 -32.93 6.09 6.89
N VAL B 25 -33.50 4.89 6.87
CA VAL B 25 -32.70 3.64 6.97
C VAL B 25 -32.70 3.00 5.60
N PRO B 26 -31.59 3.13 4.86
CA PRO B 26 -31.59 2.69 3.47
C PRO B 26 -31.96 1.21 3.26
N GLU B 27 -31.53 0.33 4.16
CA GLU B 27 -31.85 -1.11 4.06
C GLU B 27 -33.34 -1.38 4.24
N TRP B 28 -34.06 -0.42 4.82
CA TRP B 28 -35.51 -0.58 5.05
C TRP B 28 -36.43 0.21 4.12
N ASN B 29 -35.84 0.91 3.16
CA ASN B 29 -36.58 1.91 2.38
C ASN B 29 -37.70 1.35 1.50
N HIS B 30 -37.61 0.07 1.16
CA HIS B 30 -38.64 -0.59 0.37
C HIS B 30 -39.82 -1.06 1.24
N PHE B 31 -39.62 -1.25 2.54
CA PHE B 31 -40.68 -1.73 3.43
C PHE B 31 -41.78 -0.69 3.58
N THR B 32 -42.90 -1.08 4.21
CA THR B 32 -43.94 -0.11 4.58
C THR B 32 -44.07 -0.19 6.08
N GLU B 33 -44.89 0.69 6.64
CA GLU B 33 -45.17 0.70 8.07
C GLU B 33 -45.68 -0.65 8.61
N ASP B 34 -46.34 -1.43 7.75
CA ASP B 34 -46.83 -2.76 8.12
C ASP B 34 -45.70 -3.75 8.45
N ASN B 35 -44.51 -3.50 7.91
CA ASN B 35 -43.33 -4.31 8.21
C ASN B 35 -42.61 -4.00 9.51
N LEU B 36 -42.95 -2.89 10.18
CA LEU B 36 -42.20 -2.38 11.35
C LEU B 36 -42.97 -2.43 12.67
N ARG B 37 -42.28 -2.72 13.77
CA ARG B 37 -42.85 -2.57 15.13
C ARG B 37 -42.13 -1.48 15.90
N VAL B 38 -42.92 -0.71 16.70
CA VAL B 38 -42.43 0.36 17.60
C VAL B 38 -42.75 0.02 19.08
N LYS B 39 -41.72 0.06 19.92
CA LYS B 39 -41.85 -0.16 21.36
C LYS B 39 -41.01 0.89 22.12
N GLN B 40 -41.68 1.69 22.96
CA GLN B 40 -40.98 2.72 23.75
C GLN B 40 -40.24 2.14 24.97
N ILE B 41 -39.08 2.77 25.33
CA ILE B 41 -38.30 2.24 26.43
C ILE B 41 -38.14 3.24 27.61
N LEU B 42 -38.37 2.75 28.83
CA LEU B 42 -38.61 3.66 29.95
C LEU B 42 -37.59 3.50 31.09
N THR B 46 -33.46 14.18 29.84
CA THR B 46 -33.76 12.91 29.16
C THR B 46 -34.17 13.12 27.68
N ASN B 47 -34.24 12.00 26.96
CA ASN B 47 -34.78 11.97 25.62
C ASN B 47 -35.96 11.00 25.60
N GLN B 48 -36.62 10.84 24.45
CA GLN B 48 -37.62 9.79 24.27
C GLN B 48 -37.04 8.76 23.34
N LEU B 49 -36.95 7.52 23.83
CA LEU B 49 -36.31 6.42 23.08
C LEU B 49 -37.27 5.31 22.70
N PHE B 50 -37.10 4.81 21.48
CA PHE B 50 -37.96 3.78 20.91
C PHE B 50 -37.14 2.65 20.26
N GLU B 51 -37.55 1.41 20.50
CA GLU B 51 -37.09 0.28 19.70
C GLU B 51 -37.96 0.27 18.47
N VAL B 52 -37.33 0.31 17.31
CA VAL B 52 -38.03 0.23 16.06
C VAL B 52 -37.38 -0.95 15.33
N GLY B 53 -38.14 -1.98 15.01
CA GLY B 53 -37.55 -3.10 14.28
C GLY B 53 -38.48 -3.70 13.26
N LEU B 54 -37.95 -4.65 12.50
CA LEU B 54 -38.76 -5.40 11.55
C LEU B 54 -39.64 -6.35 12.34
N LYS B 55 -40.88 -6.53 11.88
CA LYS B 55 -41.78 -7.52 12.48
C LYS B 55 -41.19 -8.90 12.20
N GLU B 56 -41.62 -9.89 12.98
CA GLU B 56 -40.94 -11.18 13.08
C GLU B 56 -40.87 -11.91 11.72
N GLU B 57 -41.99 -11.93 11.00
CA GLU B 57 -42.10 -12.61 9.73
C GLU B 57 -41.30 -11.92 8.65
N THR B 58 -41.31 -10.59 8.66
CA THR B 58 -40.47 -9.78 7.80
C THR B 58 -38.98 -10.07 8.09
N ALA B 59 -38.60 -10.13 9.37
CA ALA B 59 -37.21 -10.36 9.78
C ALA B 59 -36.66 -11.73 9.31
N ASN B 60 -37.54 -12.73 9.22
CA ASN B 60 -37.20 -14.08 8.79
C ASN B 60 -36.73 -14.13 7.35
N ASN B 61 -37.11 -13.11 6.56
CA ASN B 61 -36.80 -13.01 5.12
C ASN B 61 -35.67 -12.02 4.80
N TYR B 62 -35.19 -11.32 5.84
CA TYR B 62 -34.14 -10.30 5.72
C TYR B 62 -33.05 -10.52 6.79
N ASN B 63 -32.28 -11.60 6.62
CA ASN B 63 -31.31 -12.06 7.63
C ASN B 63 -30.01 -11.29 7.65
N SER B 64 -29.77 -10.54 6.59
CA SER B 64 -28.45 -10.00 6.35
C SER B 64 -28.35 -8.52 6.70
N ILE B 65 -29.47 -7.94 7.10
CA ILE B 65 -29.55 -6.52 7.43
C ILE B 65 -29.89 -6.33 8.92
N ARG B 66 -29.74 -5.11 9.45
CA ARG B 66 -30.19 -4.81 10.79
C ARG B 66 -31.69 -5.01 10.89
N THR B 67 -32.13 -5.66 11.96
CA THR B 67 -33.56 -5.89 12.18
C THR B 67 -34.11 -4.92 13.22
N ARG B 68 -33.22 -4.15 13.86
CA ARG B 68 -33.58 -3.11 14.81
C ARG B 68 -32.71 -1.87 14.67
N VAL B 69 -33.29 -0.74 15.05
CA VAL B 69 -32.58 0.52 15.26
C VAL B 69 -33.04 1.13 16.58
N LEU B 70 -32.23 2.02 17.14
CA LEU B 70 -32.64 2.82 18.26
C LEU B 70 -33.02 4.18 17.71
N PHE B 71 -34.20 4.65 18.08
CA PHE B 71 -34.80 5.88 17.54
C PHE B 71 -34.82 6.90 18.66
N ARG B 72 -33.94 7.91 18.56
CA ARG B 72 -33.77 8.88 19.65
C ARG B 72 -34.43 10.20 19.33
N ILE B 73 -35.30 10.67 20.22
CA ILE B 73 -35.98 11.95 20.06
C ILE B 73 -35.45 12.87 21.17
N TYR B 74 -34.78 13.95 20.78
CA TYR B 74 -34.11 14.74 21.79
C TYR B 74 -35.16 15.46 22.65
N GLY B 75 -34.89 15.53 23.95
CA GLY B 75 -35.74 16.29 24.86
C GLY B 75 -36.05 17.69 24.37
N LYS B 76 -37.30 18.10 24.55
CA LYS B 76 -37.75 19.47 24.30
C LYS B 76 -36.83 20.55 24.87
N HIS B 77 -36.22 20.30 26.04
CA HIS B 77 -35.43 21.33 26.75
C HIS B 77 -33.97 20.98 26.99
N VAL B 78 -33.47 19.99 26.27
CA VAL B 78 -32.14 19.50 26.51
C VAL B 78 -31.09 20.66 26.37
N ASP B 79 -31.36 21.63 25.51
CA ASP B 79 -30.50 22.81 25.34
C ASP B 79 -30.25 23.58 26.63
N GLU B 80 -31.15 23.46 27.60
CA GLU B 80 -30.98 24.09 28.90
C GLU B 80 -29.87 23.44 29.73
N LEU B 81 -29.62 22.16 29.44
CA LEU B 81 -28.61 21.32 30.09
C LEU B 81 -27.25 21.40 29.40
N TYR B 82 -27.25 21.36 28.06
CA TYR B 82 -26.03 21.41 27.28
C TYR B 82 -26.23 21.96 25.84
N ASN B 83 -25.16 22.50 25.25
CA ASN B 83 -25.11 22.82 23.82
C ASN B 83 -25.35 21.59 22.94
N THR B 84 -26.42 21.62 22.17
CA THR B 84 -26.85 20.49 21.31
C THR B 84 -25.97 20.32 20.06
N ILE B 85 -25.37 21.40 19.58
CA ILE B 85 -24.50 21.29 18.40
C ILE B 85 -23.23 20.55 18.76
N SER B 86 -22.66 20.90 19.91
CA SER B 86 -21.50 20.23 20.45
C SER B 86 -21.79 18.77 20.77
N GLU B 87 -22.98 18.48 21.32
CA GLU B 87 -23.39 17.08 21.63
C GLU B 87 -23.25 16.19 20.44
N PHE B 88 -23.82 16.63 19.33
CA PHE B 88 -23.84 15.88 18.09
C PHE B 88 -22.45 15.77 17.45
N GLU B 89 -21.66 16.82 17.52
CA GLU B 89 -20.26 16.77 17.04
C GLU B 89 -19.41 15.80 17.80
N VAL B 90 -19.50 15.81 19.13
CA VAL B 90 -18.75 14.81 19.91
C VAL B 90 -19.31 13.41 19.77
N TYR B 91 -20.64 13.29 19.71
CA TYR B 91 -21.23 12.01 19.39
C TYR B 91 -20.74 11.43 18.04
N LYS B 92 -20.69 12.26 16.99
CA LYS B 92 -20.22 11.82 15.65
C LYS B 92 -18.79 11.27 15.71
N THR B 93 -17.91 11.94 16.47
CA THR B 93 -16.52 11.50 16.64
C THR B 93 -16.50 10.19 17.41
N MET B 94 -17.26 10.11 18.52
CA MET B 94 -17.33 8.87 19.29
C MET B 94 -17.84 7.70 18.45
N SER B 95 -18.85 7.95 17.62
CA SER B 95 -19.37 6.94 16.68
C SER B 95 -18.33 6.48 15.68
N LYS B 96 -17.60 7.45 15.14
CA LYS B 96 -16.55 7.24 14.13
C LYS B 96 -15.48 6.31 14.67
N TYR B 97 -15.08 6.52 15.94
CA TYR B 97 -14.01 5.72 16.58
C TYR B 97 -14.49 4.41 17.20
N LYS B 98 -15.77 4.07 16.98
CA LYS B 98 -16.39 2.82 17.41
C LYS B 98 -16.51 2.77 18.94
N ILE B 99 -16.61 3.95 19.55
CA ILE B 99 -16.76 4.05 21.00
C ILE B 99 -18.23 4.16 21.39
N ALA B 100 -18.97 4.98 20.63
CA ALA B 100 -20.40 5.14 20.81
C ALA B 100 -21.16 4.28 19.81
N PRO B 101 -22.46 3.98 20.09
CA PRO B 101 -23.30 3.26 19.11
C PRO B 101 -23.26 3.99 17.78
N GLN B 102 -23.17 3.26 16.69
CA GLN B 102 -23.04 3.89 15.37
C GLN B 102 -24.24 4.72 14.93
N LEU B 103 -23.94 5.90 14.40
CA LEU B 103 -24.96 6.83 13.89
C LEU B 103 -25.43 6.36 12.53
N LEU B 104 -26.75 6.19 12.40
CA LEU B 104 -27.35 5.67 11.17
C LEU B 104 -27.89 6.82 10.34
N ASN B 105 -28.65 7.69 10.97
CA ASN B 105 -29.12 8.84 10.27
C ASN B 105 -29.68 9.77 11.29
N THR B 106 -30.07 10.92 10.79
CA THR B 106 -30.50 12.06 11.53
C THR B 106 -31.93 12.37 11.00
N PHE B 107 -32.75 13.04 11.81
CA PHE B 107 -34.04 13.58 11.36
C PHE B 107 -34.33 14.86 12.18
N ASN B 108 -35.35 15.63 11.82
CA ASN B 108 -35.67 16.85 12.58
C ASN B 108 -36.21 16.54 13.95
N GLY B 109 -35.37 16.65 14.97
CA GLY B 109 -35.79 16.32 16.33
C GLY B 109 -35.00 15.18 16.97
N GLY B 110 -34.13 14.53 16.20
CA GLY B 110 -33.33 13.44 16.75
C GLY B 110 -32.46 12.66 15.77
N ARG B 111 -32.14 11.43 16.16
CA ARG B 111 -31.24 10.61 15.36
C ARG B 111 -31.58 9.15 15.49
N ILE B 112 -31.08 8.34 14.56
CA ILE B 112 -31.30 6.91 14.53
C ILE B 112 -29.92 6.29 14.73
N GLU B 113 -29.79 5.38 15.69
CA GLU B 113 -28.51 4.74 15.99
C GLU B 113 -28.64 3.24 15.93
N GLU B 114 -27.49 2.60 15.74
CA GLU B 114 -27.32 1.16 15.91
C GLU B 114 -27.98 0.66 17.20
N TRP B 115 -28.71 -0.45 17.11
CA TRP B 115 -29.25 -1.12 18.29
C TRP B 115 -28.21 -2.09 18.89
N LEU B 116 -27.94 -1.95 20.19
CA LEU B 116 -27.05 -2.88 20.89
C LEU B 116 -27.89 -3.93 21.58
N TYR B 117 -27.45 -5.18 21.44
CA TYR B 117 -28.05 -6.30 22.12
C TYR B 117 -27.30 -6.48 23.42
N GLY B 118 -27.93 -7.09 24.42
CA GLY B 118 -27.24 -7.21 25.69
C GLY B 118 -27.74 -6.18 26.66
N ASP B 119 -27.37 -6.37 27.92
CA ASP B 119 -28.10 -5.81 29.04
C ASP B 119 -27.32 -4.77 29.77
N PRO B 120 -27.97 -3.68 30.17
CA PRO B 120 -27.33 -2.74 31.08
C PRO B 120 -26.92 -3.44 32.37
N LEU B 121 -25.82 -3.05 32.97
CA LEU B 121 -25.50 -3.60 34.29
C LEU B 121 -26.53 -3.13 35.31
N ARG B 122 -26.76 -3.91 36.35
CA ARG B 122 -27.69 -3.52 37.40
C ARG B 122 -26.89 -3.21 38.65
N ILE B 123 -27.56 -2.69 39.68
CA ILE B 123 -26.90 -2.24 40.90
C ILE B 123 -26.11 -3.34 41.64
N ASP B 124 -26.62 -4.57 41.55
CA ASP B 124 -25.99 -5.72 42.18
C ASP B 124 -24.76 -6.23 41.41
N ASP B 125 -24.65 -5.86 40.13
CA ASP B 125 -23.47 -6.19 39.33
C ASP B 125 -22.18 -5.49 39.78
N LEU B 126 -22.33 -4.32 40.38
CA LEU B 126 -21.20 -3.52 40.79
C LEU B 126 -20.56 -3.98 42.13
N LYS B 127 -21.01 -5.15 42.60
CA LYS B 127 -20.54 -5.79 43.83
C LYS B 127 -19.63 -6.94 43.47
N ASN B 128 -19.82 -7.45 42.25
CA ASN B 128 -19.01 -8.49 41.67
C ASN B 128 -17.67 -7.90 41.22
N PRO B 129 -16.58 -8.25 41.93
CA PRO B 129 -15.22 -7.79 41.62
C PRO B 129 -14.81 -7.99 40.17
N THR B 130 -15.23 -9.15 39.58
CA THR B 130 -15.02 -9.47 38.16
C THR B 130 -15.58 -8.40 37.25
N ILE B 131 -16.79 -7.92 37.55
CA ILE B 131 -17.42 -6.86 36.78
C ILE B 131 -16.67 -5.55 37.04
N LEU B 132 -16.43 -5.24 38.30
CA LEU B 132 -15.65 -4.05 38.65
C LEU B 132 -14.31 -4.00 37.91
N ILE B 133 -13.54 -5.10 37.93
CA ILE B 133 -12.28 -5.26 37.15
C ILE B 133 -12.50 -4.96 35.66
N GLY B 134 -13.65 -5.43 35.14
CA GLY B 134 -14.10 -5.19 33.76
C GLY B 134 -14.41 -3.73 33.45
N ILE B 135 -15.12 -3.06 34.35
CA ILE B 135 -15.46 -1.66 34.14
C ILE B 135 -14.21 -0.77 34.20
N ALA B 136 -13.40 -0.95 35.24
CA ALA B 136 -12.08 -0.29 35.34
C ALA B 136 -11.21 -0.45 34.08
N ASN B 137 -11.32 -1.62 33.42
CA ASN B 137 -10.53 -1.83 32.21
C ASN B 137 -10.98 -0.95 31.07
N VAL B 138 -12.27 -1.04 30.76
CA VAL B 138 -12.88 -0.20 29.72
C VAL B 138 -12.73 1.31 30.04
N LEU B 139 -12.88 1.70 31.30
CA LEU B 139 -12.66 3.10 31.66
C LEU B 139 -11.19 3.51 31.45
N GLY B 140 -10.26 2.67 31.88
CA GLY B 140 -8.84 2.94 31.73
C GLY B 140 -8.37 3.08 30.28
N LYS B 141 -8.77 2.13 29.43
CA LYS B 141 -8.56 2.23 27.98
C LYS B 141 -9.17 3.53 27.38
N PHE B 142 -10.45 3.75 27.65
CA PHE B 142 -11.18 4.92 27.14
C PHE B 142 -10.48 6.23 27.49
N HIS B 143 -9.93 6.30 28.71
CA HIS B 143 -9.28 7.50 29.20
C HIS B 143 -7.98 7.82 28.45
N THR B 144 -7.41 6.81 27.75
CA THR B 144 -6.22 7.03 26.90
C THR B 144 -6.53 7.79 25.61
N LEU B 145 -7.80 7.81 25.21
CA LEU B 145 -8.24 8.38 23.91
C LEU B 145 -7.62 9.73 23.51
N SER B 146 -7.52 10.70 24.42
CA SER B 146 -7.02 12.02 24.06
C SER B 146 -5.52 12.02 23.77
N ARG B 147 -4.80 11.00 24.23
CA ARG B 147 -3.38 10.87 23.82
C ARG B 147 -3.12 9.82 22.73
N LYS B 148 -4.07 8.92 22.51
CA LYS B 148 -3.92 7.89 21.46
C LYS B 148 -4.66 8.17 20.13
N ARG B 149 -5.59 9.13 20.14
CA ARG B 149 -6.34 9.50 18.93
C ARG B 149 -6.51 11.00 18.75
N HIS B 150 -6.80 11.38 17.51
CA HIS B 150 -7.01 12.77 17.16
C HIS B 150 -8.34 13.27 17.66
N LEU B 151 -8.30 14.16 18.65
CA LEU B 151 -9.49 14.84 19.09
C LEU B 151 -9.34 16.28 18.59
N PRO B 152 -10.40 16.81 17.97
CA PRO B 152 -10.36 18.16 17.41
C PRO B 152 -9.76 19.21 18.34
N GLU B 153 -8.66 19.83 17.89
CA GLU B 153 -7.91 20.83 18.64
C GLU B 153 -8.81 21.99 19.08
N HIS B 154 -9.89 22.21 18.31
CA HIS B 154 -10.80 23.32 18.53
C HIS B 154 -11.80 23.05 19.68
N TRP B 155 -12.05 21.79 20.02
CA TRP B 155 -12.86 21.43 21.19
C TRP B 155 -12.32 22.10 22.43
N ASP B 156 -13.20 22.45 23.34
CA ASP B 156 -12.83 23.09 24.58
C ASP B 156 -12.16 22.09 25.54
N ARG B 157 -11.06 22.51 26.13
CA ARG B 157 -10.33 21.69 27.10
C ARG B 157 -10.64 22.11 28.53
N THR B 158 -11.45 23.15 28.69
CA THR B 158 -11.89 23.56 30.01
C THR B 158 -12.64 22.40 30.64
N PRO B 159 -12.23 22.00 31.86
CA PRO B 159 -12.84 20.92 32.63
C PRO B 159 -14.37 21.07 32.78
N CYS B 160 -15.10 20.04 32.35
CA CYS B 160 -16.57 20.11 32.36
C CYS B 160 -17.19 20.32 33.74
N ILE B 161 -16.46 20.00 34.81
CA ILE B 161 -17.00 20.25 36.15
C ILE B 161 -17.21 21.75 36.34
N PHE B 162 -16.26 22.57 35.89
CA PHE B 162 -16.42 24.02 35.92
C PHE B 162 -17.55 24.49 34.99
N LYS B 163 -17.65 23.91 33.80
CA LYS B 163 -18.62 24.35 32.80
C LYS B 163 -20.04 23.95 33.14
N MET B 164 -20.23 22.73 33.64
CA MET B 164 -21.55 22.24 33.99
C MET B 164 -22.04 22.93 35.28
N MET B 165 -21.14 23.13 36.23
CA MET B 165 -21.55 23.72 37.48
C MET B 165 -22.10 25.12 37.30
N GLU B 166 -21.33 25.96 36.60
CA GLU B 166 -21.76 27.33 36.43
CA GLU B 166 -21.73 27.35 36.37
C GLU B 166 -22.99 27.41 35.51
N LYS B 167 -23.05 26.57 34.50
CA LYS B 167 -24.24 26.59 33.63
C LYS B 167 -25.51 26.20 34.36
N TRP B 168 -25.43 25.17 35.21
CA TRP B 168 -26.62 24.57 35.78
C TRP B 168 -27.06 25.41 36.96
N LYS B 169 -26.08 25.86 37.74
CA LYS B 169 -26.32 26.84 38.80
C LYS B 169 -26.99 28.09 38.25
N ASN B 170 -26.61 28.54 37.07
CA ASN B 170 -27.24 29.77 36.54
C ASN B 170 -28.64 29.47 35.99
N GLN B 171 -28.86 28.24 35.53
CA GLN B 171 -30.20 27.83 35.10
C GLN B 171 -31.19 27.95 36.26
N LEU B 172 -30.75 27.65 37.48
CA LEU B 172 -31.61 27.75 38.67
C LEU B 172 -32.07 29.17 39.00
N PHE B 173 -31.35 30.20 38.55
CA PHE B 173 -31.84 31.58 38.75
C PHE B 173 -33.11 31.86 37.94
N LYS B 174 -33.40 31.04 36.94
CA LYS B 174 -34.61 31.24 36.13
C LYS B 174 -35.86 30.72 36.84
N TYR B 175 -35.65 29.89 37.90
CA TYR B 175 -36.77 29.34 38.63
C TYR B 175 -37.08 30.16 39.87
N LYS B 176 -38.21 30.86 39.84
CA LYS B 176 -38.50 31.77 40.95
C LYS B 176 -39.07 31.06 42.19
N ASN B 177 -39.96 30.09 41.95
CA ASN B 177 -40.65 29.38 43.05
C ASN B 177 -39.74 28.34 43.76
N ILE B 178 -38.41 28.58 43.75
CA ILE B 178 -37.40 27.51 43.98
C ILE B 178 -37.25 27.00 45.41
N GLU B 179 -37.42 27.87 46.41
CA GLU B 179 -37.38 27.46 47.82
C GLU B 179 -38.56 26.58 48.25
N LYS B 180 -39.60 26.54 47.42
CA LYS B 180 -40.73 25.61 47.60
C LYS B 180 -40.34 24.15 47.36
N TYR B 181 -39.40 23.93 46.43
CA TYR B 181 -38.89 22.59 46.08
C TYR B 181 -37.61 22.21 46.82
N ASN B 182 -36.82 23.23 47.18
CA ASN B 182 -35.69 23.08 48.11
C ASN B 182 -35.49 24.37 48.92
N CYS B 183 -35.85 24.32 50.21
CA CYS B 183 -35.77 25.48 51.10
C CYS B 183 -34.33 25.98 51.25
N ASP B 184 -33.39 25.07 51.12
CA ASP B 184 -31.96 25.34 51.35
C ASP B 184 -31.15 25.66 50.09
N ILE B 185 -31.78 25.69 48.92
CA ILE B 185 -31.06 25.79 47.63
C ILE B 185 -30.06 26.97 47.55
N HIS B 186 -30.41 28.12 48.11
CA HIS B 186 -29.50 29.28 48.05
C HIS B 186 -28.21 29.05 48.84
N LYS B 187 -28.30 28.25 49.90
CA LYS B 187 -27.11 27.83 50.65
C LYS B 187 -26.27 26.92 49.76
N TYR B 188 -26.90 25.96 49.09
CA TYR B 188 -26.15 25.05 48.21
C TYR B 188 -25.50 25.77 47.03
N ILE B 189 -26.22 26.73 46.44
CA ILE B 189 -25.66 27.59 45.41
C ILE B 189 -24.40 28.28 45.93
N LYS B 190 -24.45 28.87 47.14
CA LYS B 190 -23.26 29.45 47.78
C LYS B 190 -22.16 28.41 48.01
N GLU B 191 -22.57 27.22 48.43
CA GLU B 191 -21.67 26.09 48.63
C GLU B 191 -21.03 25.67 47.33
N SER B 192 -21.74 25.80 46.21
CA SER B 192 -21.21 25.36 44.92
C SER B 192 -20.10 26.30 44.47
N ASP B 193 -20.27 27.59 44.80
CA ASP B 193 -19.27 28.64 44.59
C ASP B 193 -18.02 28.37 45.44
N LYS B 194 -18.21 27.96 46.70
CA LYS B 194 -17.10 27.48 47.55
C LYS B 194 -16.30 26.35 46.89
N PHE B 195 -17.01 25.36 46.34
CA PHE B 195 -16.37 24.18 45.74
C PHE B 195 -15.55 24.52 44.50
N ILE B 196 -16.09 25.39 43.64
CA ILE B 196 -15.42 25.77 42.40
C ILE B 196 -14.16 26.58 42.72
N LYS B 197 -14.27 27.49 43.69
CA LYS B 197 -13.12 28.27 44.16
C LYS B 197 -12.00 27.37 44.70
N PHE B 198 -12.38 26.43 45.57
CA PHE B 198 -11.50 25.40 46.11
C PHE B 198 -10.85 24.54 45.02
N MET B 199 -11.67 24.07 44.07
CA MET B 199 -11.23 23.10 43.08
C MET B 199 -10.25 23.68 42.04
N LYS B 200 -10.32 24.99 41.84
CA LYS B 200 -9.40 25.66 40.92
C LYS B 200 -7.98 25.69 41.46
N VAL B 201 -7.85 25.58 42.78
CA VAL B 201 -6.56 25.54 43.47
C VAL B 201 -6.13 24.08 43.60
N TYR B 202 -6.95 23.29 44.27
CA TYR B 202 -6.72 21.85 44.45
C TYR B 202 -6.27 21.14 43.16
N SER B 203 -6.88 21.48 42.04
CA SER B 203 -6.62 20.78 40.78
C SER B 203 -5.31 21.16 40.09
N LYS B 204 -4.66 22.23 40.57
CA LYS B 204 -3.40 22.70 39.98
C LYS B 204 -2.20 21.86 40.46
N SER B 205 -2.41 21.09 41.52
CA SER B 205 -1.47 20.08 41.98
C SER B 205 -1.02 19.13 40.84
N ASP B 206 0.26 18.79 40.87
CA ASP B 206 0.88 17.80 39.96
C ASP B 206 0.46 16.40 40.41
N ASN B 207 -0.79 16.03 40.16
CA ASN B 207 -1.30 14.69 40.50
C ASN B 207 -2.16 14.09 39.38
N LEU B 208 -2.08 12.73 39.25
CA LEU B 208 -2.68 12.00 38.13
C LEU B 208 -4.18 12.18 38.06
N ALA B 209 -4.79 12.26 39.25
CA ALA B 209 -6.21 12.43 39.39
C ALA B 209 -6.65 13.78 38.82
N ASN B 210 -5.73 14.75 38.81
CA ASN B 210 -5.96 16.06 38.23
C ASN B 210 -5.78 16.13 36.71
N THR B 211 -5.19 15.10 36.09
CA THR B 211 -4.99 15.06 34.63
C THR B 211 -6.30 15.24 33.89
N ILE B 212 -6.33 16.20 32.97
CA ILE B 212 -7.49 16.47 32.14
C ILE B 212 -7.58 15.47 30.97
N VAL B 213 -8.63 14.64 30.98
CA VAL B 213 -8.84 13.63 29.92
C VAL B 213 -10.26 13.76 29.39
N PHE B 214 -10.53 13.16 28.23
CA PHE B 214 -11.89 13.15 27.70
C PHE B 214 -12.80 12.20 28.49
N CYS B 215 -13.68 12.77 29.29
CA CYS B 215 -14.49 12.01 30.22
C CYS B 215 -15.90 11.72 29.68
N HIS B 216 -16.47 10.63 30.17
CA HIS B 216 -17.84 10.28 29.90
C HIS B 216 -18.80 11.28 30.61
N ASN B 217 -18.47 11.62 31.86
CA ASN B 217 -19.22 12.54 32.71
C ASN B 217 -20.56 12.04 33.28
N ASP B 218 -20.94 10.81 32.97
CA ASP B 218 -22.23 10.29 33.52
C ASP B 218 -22.20 8.77 33.67
N LEU B 219 -21.10 8.26 34.21
CA LEU B 219 -20.97 6.81 34.39
C LEU B 219 -21.91 6.25 35.48
N GLN B 220 -22.51 5.11 35.18
CA GLN B 220 -23.48 4.51 36.07
C GLN B 220 -23.92 3.26 35.38
N GLU B 221 -24.44 2.29 36.14
CA GLU B 221 -24.77 0.95 35.62
C GLU B 221 -25.47 0.98 34.29
N ASN B 222 -26.50 1.83 34.17
CA ASN B 222 -27.37 1.74 32.98
C ASN B 222 -26.78 2.41 31.76
N ASN B 223 -25.62 3.06 31.95
CA ASN B 223 -24.89 3.63 30.83
C ASN B 223 -23.74 2.72 30.46
N ILE B 224 -23.81 1.46 30.92
CA ILE B 224 -22.81 0.44 30.58
C ILE B 224 -23.54 -0.85 30.18
N ILE B 225 -23.27 -1.37 29.00
CA ILE B 225 -23.95 -2.57 28.54
C ILE B 225 -23.05 -3.80 28.39
N ASN B 226 -23.59 -4.94 28.78
CA ASN B 226 -22.91 -6.21 28.73
C ASN B 226 -23.40 -7.06 27.53
N THR B 227 -22.57 -7.09 26.45
CA THR B 227 -23.00 -7.68 25.18
C THR B 227 -22.49 -9.11 25.01
N LYS B 229 -19.70 -10.67 24.41
CA LYS B 229 -18.46 -10.15 23.80
C LYS B 229 -17.63 -9.26 24.77
N CYS B 230 -18.26 -8.19 25.30
CA CYS B 230 -17.55 -7.24 26.19
C CYS B 230 -18.47 -6.17 26.80
N LEU B 231 -17.93 -5.40 27.74
CA LEU B 231 -18.60 -4.22 28.28
C LEU B 231 -18.44 -2.97 27.39
N ARG B 232 -19.54 -2.22 27.21
CA ARG B 232 -19.61 -1.03 26.38
C ARG B 232 -20.23 0.16 27.11
N LEU B 233 -19.65 1.34 26.92
CA LEU B 233 -20.21 2.60 27.39
C LEU B 233 -21.22 3.13 26.37
N ILE B 234 -22.26 3.79 26.89
CA ILE B 234 -23.28 4.42 26.07
C ILE B 234 -23.65 5.78 26.70
N ASP B 235 -24.48 6.54 25.98
CA ASP B 235 -25.04 7.78 26.44
C ASP B 235 -23.96 8.82 26.77
N PHE B 236 -23.27 9.28 25.73
CA PHE B 236 -22.19 10.25 25.86
C PHE B 236 -22.62 11.72 25.84
N GLU B 237 -23.89 12.02 26.07
CA GLU B 237 -24.31 13.45 25.92
C GLU B 237 -23.55 14.46 26.77
N TYR B 238 -22.99 14.02 27.91
CA TYR B 238 -22.32 14.97 28.86
C TYR B 238 -20.84 14.90 28.73
N SER B 239 -20.36 14.11 27.79
CA SER B 239 -18.97 13.80 27.72
C SER B 239 -18.15 15.00 27.28
N GLY B 240 -16.98 15.15 27.87
CA GLY B 240 -16.08 16.21 27.54
C GLY B 240 -14.85 16.18 28.43
N PHE B 241 -13.85 16.98 28.07
CA PHE B 241 -12.64 17.12 28.85
C PHE B 241 -12.93 17.47 30.32
N ASN B 242 -12.25 16.77 31.21
CA ASN B 242 -12.53 16.88 32.64
C ASN B 242 -11.40 16.17 33.38
N PHE B 243 -11.29 16.43 34.70
CA PHE B 243 -10.28 15.75 35.51
C PHE B 243 -10.64 14.27 35.55
N LEU B 244 -9.64 13.44 35.34
CA LEU B 244 -9.76 11.99 35.32
C LEU B 244 -10.60 11.44 36.49
N ALA B 245 -10.36 11.95 37.71
CA ALA B 245 -10.98 11.44 38.96
C ALA B 245 -12.47 11.76 39.11
N THR B 246 -12.87 12.78 38.37
CA THR B 246 -14.24 13.22 38.23
C THR B 246 -15.11 12.08 37.64
N ASP B 247 -14.60 11.39 36.62
CA ASP B 247 -15.32 10.30 35.99
C ASP B 247 -15.52 9.15 36.97
N ILE B 248 -14.47 8.84 37.74
CA ILE B 248 -14.48 7.74 38.72
C ILE B 248 -15.40 8.11 39.89
N ALA B 249 -15.35 9.37 40.31
CA ALA B 249 -16.26 9.87 41.36
C ALA B 249 -17.71 9.47 41.10
N ASN B 250 -18.24 9.80 39.92
CA ASN B 250 -19.62 9.44 39.55
C ASN B 250 -19.85 7.94 39.63
N PHE B 251 -18.93 7.13 39.10
CA PHE B 251 -19.17 5.68 39.13
C PHE B 251 -19.20 5.10 40.55
N PHE B 252 -18.22 5.47 41.38
CA PHE B 252 -18.17 5.07 42.79
C PHE B 252 -19.46 5.54 43.51
N ILE B 253 -19.82 6.81 43.37
CA ILE B 253 -21.08 7.31 43.95
C ILE B 253 -22.25 6.39 43.59
N GLU B 254 -22.28 5.98 42.32
CA GLU B 254 -23.44 5.30 41.77
C GLU B 254 -23.58 3.87 42.23
N THR B 255 -22.58 3.38 42.96
CA THR B 255 -22.64 2.05 43.56
C THR B 255 -23.71 1.99 44.66
N SER B 256 -24.16 3.16 45.13
CA SER B 256 -25.09 3.29 46.24
C SER B 256 -26.52 3.75 45.83
N ILE B 257 -26.74 4.01 44.53
CA ILE B 257 -28.04 4.50 44.03
C ILE B 257 -28.66 3.50 43.06
N ASP B 258 -29.92 3.19 43.29
CA ASP B 258 -30.58 2.17 42.49
C ASP B 258 -31.74 2.80 41.72
N TYR B 259 -31.73 2.72 40.40
CA TYR B 259 -32.83 3.30 39.62
C TYR B 259 -33.85 2.27 39.16
N SER B 260 -33.72 1.03 39.64
CA SER B 260 -34.59 -0.06 39.15
CA SER B 260 -34.57 -0.09 39.20
C SER B 260 -35.95 -0.06 39.84
N VAL B 261 -36.09 0.77 40.86
CA VAL B 261 -37.30 0.91 41.65
C VAL B 261 -38.54 1.24 40.80
N SER B 262 -39.47 0.30 40.77
CA SER B 262 -40.61 0.35 39.84
C SER B 262 -41.85 1.04 40.43
N SER B 263 -41.71 1.65 41.60
CA SER B 263 -42.78 2.44 42.21
C SER B 263 -42.17 3.72 42.78
N TYR B 264 -43.02 4.73 43.00
CA TYR B 264 -42.60 6.01 43.58
C TYR B 264 -41.70 5.83 44.82
N PRO B 265 -40.57 6.58 44.91
CA PRO B 265 -40.03 7.61 43.99
C PRO B 265 -39.18 7.14 42.82
N PHE B 266 -39.19 5.84 42.57
CA PHE B 266 -38.47 5.23 41.44
C PHE B 266 -36.95 5.20 41.61
N PHE B 267 -36.48 5.48 42.84
CA PHE B 267 -35.06 5.26 43.17
C PHE B 267 -34.92 4.79 44.61
N GLU B 268 -33.82 4.12 44.91
CA GLU B 268 -33.47 3.75 46.28
C GLU B 268 -32.00 4.14 46.45
N ILE B 269 -31.69 4.70 47.62
CA ILE B 269 -30.31 5.03 47.99
C ILE B 269 -29.87 4.27 49.25
N ASP B 270 -28.73 3.60 49.17
CA ASP B 270 -28.16 2.88 50.32
C ASP B 270 -26.68 3.20 50.49
N LYS B 271 -26.40 4.11 51.43
CA LYS B 271 -25.03 4.58 51.70
C LYS B 271 -24.10 3.45 52.08
N LYS B 272 -24.67 2.41 52.69
CA LYS B 272 -23.90 1.26 53.15
C LYS B 272 -23.41 0.37 51.98
N LYS B 273 -23.95 0.63 50.78
CA LYS B 273 -23.67 -0.14 49.57
C LYS B 273 -22.54 0.48 48.73
N TYR B 274 -22.12 1.67 49.15
CA TYR B 274 -21.01 2.39 48.54
C TYR B 274 -19.76 1.51 48.48
N ILE B 275 -19.17 1.41 47.29
CA ILE B 275 -18.04 0.53 47.00
C ILE B 275 -16.98 0.52 48.12
N SER B 276 -16.61 -0.67 48.61
CA SER B 276 -15.63 -0.87 49.70
C SER B 276 -14.30 -0.18 49.44
N TYR B 277 -13.53 0.09 50.51
CA TYR B 277 -12.15 0.60 50.38
C TYR B 277 -11.24 -0.40 49.64
N GLU B 278 -11.61 -1.70 49.78
CA GLU B 278 -10.85 -2.77 49.15
C GLU B 278 -11.10 -2.78 47.66
N ASN B 279 -12.38 -2.77 47.29
CA ASN B 279 -12.77 -2.82 45.88
C ASN B 279 -12.42 -1.56 45.11
N ARG B 280 -12.40 -0.43 45.80
CA ARG B 280 -11.92 0.84 45.24
C ARG B 280 -10.45 0.76 44.83
N LYS B 281 -9.62 0.18 45.69
CA LYS B 281 -8.21 -0.11 45.38
C LYS B 281 -8.06 -1.12 44.23
N LEU B 282 -8.93 -2.14 44.23
CA LEU B 282 -8.99 -3.10 43.14
C LEU B 282 -9.37 -2.42 41.81
N PHE B 283 -10.34 -1.51 41.86
CA PHE B 283 -10.80 -0.74 40.69
C PHE B 283 -9.65 0.12 40.17
N ILE B 284 -9.04 0.89 41.05
CA ILE B 284 -7.99 1.81 40.61
C ILE B 284 -6.80 1.04 40.04
N THR B 285 -6.45 -0.10 40.65
CA THR B 285 -5.39 -0.93 40.07
C THR B 285 -5.72 -1.32 38.61
N ALA B 286 -6.87 -1.99 38.42
CA ALA B 286 -7.24 -2.40 37.07
C ALA B 286 -7.40 -1.22 36.10
N TYR B 287 -7.81 -0.06 36.61
CA TYR B 287 -7.89 1.16 35.81
C TYR B 287 -6.51 1.60 35.33
N LEU B 288 -5.55 1.62 36.25
CA LEU B 288 -4.19 2.06 35.93
C LEU B 288 -3.48 1.12 34.97
N SER B 289 -3.86 -0.16 35.02
CA SER B 289 -3.30 -1.18 34.13
CA SER B 289 -3.30 -1.19 34.13
C SER B 289 -3.51 -0.82 32.66
N ASN B 290 -4.65 -0.20 32.39
CA ASN B 290 -5.06 0.20 31.04
C ASN B 290 -4.81 1.66 30.72
N TYR B 291 -4.97 2.53 31.73
CA TYR B 291 -4.71 3.95 31.55
C TYR B 291 -3.22 4.29 31.33
N LEU B 292 -2.34 3.68 32.13
CA LEU B 292 -0.93 4.01 32.11
C LEU B 292 -0.17 3.21 31.06
N ASP B 293 0.95 3.79 30.65
CA ASP B 293 1.87 3.21 29.68
C ASP B 293 2.03 1.68 29.83
N PRO B 299 1.92 0.03 40.08
CA PRO B 299 1.29 1.19 40.71
C PRO B 299 1.61 1.23 42.21
N THR B 300 2.24 2.33 42.63
CA THR B 300 2.64 2.51 44.02
C THR B 300 1.37 2.65 44.90
N PRO B 301 1.35 1.96 46.06
CA PRO B 301 0.20 2.06 46.98
C PRO B 301 -0.11 3.51 47.39
N LYS B 302 0.94 4.33 47.51
CA LYS B 302 0.78 5.76 47.80
C LYS B 302 -0.03 6.44 46.71
N LEU B 303 0.25 6.07 45.45
CA LEU B 303 -0.43 6.62 44.28
C LEU B 303 -1.92 6.30 44.26
N ILE B 304 -2.28 5.03 44.46
CA ILE B 304 -3.70 4.68 44.46
C ILE B 304 -4.45 5.40 45.58
N ASP B 305 -3.82 5.60 46.73
CA ASP B 305 -4.45 6.33 47.83
C ASP B 305 -4.55 7.83 47.52
N GLU B 306 -3.57 8.36 46.77
CA GLU B 306 -3.59 9.72 46.25
C GLU B 306 -4.74 9.93 45.25
N ILE B 307 -4.97 8.91 44.41
CA ILE B 307 -6.09 8.94 43.45
C ILE B 307 -7.43 8.81 44.15
N LEU B 308 -7.53 7.86 45.08
CA LEU B 308 -8.76 7.66 45.83
C LEU B 308 -9.17 8.89 46.66
N GLU B 309 -8.20 9.65 47.15
CA GLU B 309 -8.53 10.88 47.87
C GLU B 309 -9.11 11.93 46.94
N ALA B 310 -8.45 12.13 45.79
CA ALA B 310 -8.96 13.06 44.78
C ALA B 310 -10.39 12.68 44.34
N VAL B 311 -10.67 11.37 44.23
CA VAL B 311 -12.00 10.89 43.86
C VAL B 311 -13.02 11.34 44.91
N GLU B 312 -12.68 11.14 46.19
CA GLU B 312 -13.55 11.58 47.28
C GLU B 312 -13.73 13.10 47.29
N VAL B 313 -12.71 13.84 46.87
CA VAL B 313 -12.80 15.30 46.80
C VAL B 313 -13.75 15.72 45.66
N GLN B 314 -13.67 15.02 44.53
CA GLN B 314 -14.50 15.29 43.34
C GLN B 314 -15.97 14.97 43.57
N ALA B 315 -16.22 13.90 44.33
CA ALA B 315 -17.58 13.50 44.73
C ALA B 315 -18.36 14.61 45.44
N LEU B 316 -17.63 15.50 46.09
CA LEU B 316 -18.22 16.66 46.75
C LEU B 316 -18.95 17.51 45.71
N GLY B 317 -18.25 17.82 44.63
CA GLY B 317 -18.78 18.60 43.53
C GLY B 317 -19.78 17.88 42.66
N ALA B 318 -19.69 16.53 42.56
CA ALA B 318 -20.63 15.74 41.76
C ALA B 318 -22.02 15.79 42.35
N HIS B 319 -22.10 15.75 43.69
CA HIS B 319 -23.37 15.86 44.40
C HIS B 319 -24.11 17.18 44.19
N LEU B 320 -23.39 18.29 44.21
CA LEU B 320 -23.98 19.60 43.90
C LEU B 320 -24.39 19.62 42.43
N LEU B 321 -23.48 19.15 41.56
CA LEU B 321 -23.75 19.07 40.14
C LEU B 321 -25.06 18.33 39.85
N TRP B 322 -25.18 17.10 40.33
CA TRP B 322 -26.31 16.28 39.93
C TRP B 322 -27.58 16.64 40.70
N GLY B 323 -27.39 17.26 41.87
CA GLY B 323 -28.48 17.90 42.62
C GLY B 323 -29.10 19.01 41.79
N PHE B 324 -28.27 19.89 41.23
CA PHE B 324 -28.76 21.01 40.43
C PHE B 324 -29.47 20.54 39.16
N TRP B 325 -28.83 19.59 38.46
CA TRP B 325 -29.38 18.99 37.27
C TRP B 325 -30.77 18.45 37.57
N SER B 326 -30.87 17.71 38.65
CA SER B 326 -32.13 17.08 39.02
C SER B 326 -33.24 18.10 39.35
N ILE B 327 -32.88 19.25 39.89
CA ILE B 327 -33.87 20.31 40.09
C ILE B 327 -34.28 20.85 38.74
N ILE B 328 -33.32 21.15 37.86
CA ILE B 328 -33.64 21.52 36.48
C ILE B 328 -34.56 20.50 35.81
N ARG B 329 -34.21 19.22 35.87
CA ARG B 329 -35.08 18.17 35.35
C ARG B 329 -36.51 18.21 35.94
N GLY B 330 -36.64 18.50 37.24
CA GLY B 330 -37.95 18.57 37.87
C GLY B 330 -38.83 19.65 37.26
N TYR B 331 -38.26 20.85 37.12
CA TYR B 331 -38.94 21.97 36.47
C TYR B 331 -39.23 21.72 34.98
N GLN B 332 -38.39 20.89 34.34
CA GLN B 332 -38.61 20.52 32.94
C GLN B 332 -39.73 19.50 32.74
N THR B 333 -39.89 18.57 33.68
CA THR B 333 -40.94 17.54 33.62
C THR B 333 -42.08 17.84 34.63
N LYS B 334 -42.36 19.11 34.91
CA LYS B 334 -43.46 19.45 35.82
C LYS B 334 -44.78 18.85 35.33
N PHE B 339 -40.48 9.60 37.98
CA PHE B 339 -39.27 9.86 38.76
C PHE B 339 -39.44 11.16 39.53
N ASP B 340 -39.21 11.11 40.85
CA ASP B 340 -39.30 12.32 41.65
C ASP B 340 -37.94 13.00 41.64
N PHE B 341 -37.75 13.89 40.66
CA PHE B 341 -36.53 14.64 40.49
C PHE B 341 -36.26 15.60 41.66
N PHE B 342 -37.31 16.24 42.16
CA PHE B 342 -37.14 17.10 43.33
C PHE B 342 -36.67 16.35 44.57
N LEU B 343 -37.31 15.24 44.88
CA LEU B 343 -36.86 14.38 45.98
C LEU B 343 -35.45 13.78 45.71
N TYR B 344 -35.16 13.38 44.49
CA TYR B 344 -33.78 12.95 44.15
C TYR B 344 -32.75 14.08 44.38
N ALA B 345 -33.06 15.28 43.89
CA ALA B 345 -32.19 16.45 44.07
C ALA B 345 -31.82 16.63 45.54
N GLU B 346 -32.82 16.54 46.40
CA GLU B 346 -32.59 16.76 47.81
C GLU B 346 -31.74 15.66 48.47
N GLN B 347 -31.92 14.42 48.04
CA GLN B 347 -31.00 13.34 48.40
C GLN B 347 -29.55 13.62 47.98
N ARG B 348 -29.35 14.10 46.75
CA ARG B 348 -27.98 14.38 46.28
C ARG B 348 -27.37 15.52 47.05
N LEU B 349 -28.18 16.54 47.33
CA LEU B 349 -27.71 17.72 48.08
C LEU B 349 -27.44 17.42 49.56
N LYS B 350 -28.18 16.47 50.15
CA LYS B 350 -27.82 15.96 51.49
C LYS B 350 -26.53 15.11 51.45
N MET B 351 -26.34 14.38 50.35
CA MET B 351 -25.11 13.61 50.16
C MET B 351 -23.90 14.55 50.09
N TYR B 352 -24.08 15.74 49.52
CA TYR B 352 -23.03 16.77 49.58
C TYR B 352 -22.67 17.13 51.03
N ASP B 353 -23.69 17.33 51.87
CA ASP B 353 -23.52 17.65 53.30
C ASP B 353 -22.77 16.56 54.07
N ASP B 354 -23.12 15.30 53.80
CA ASP B 354 -22.43 14.19 54.44
C ASP B 354 -20.96 14.20 54.00
N GLN B 355 -20.74 14.23 52.68
CA GLN B 355 -19.39 14.22 52.11
C GLN B 355 -18.52 15.36 52.59
N LYS B 356 -19.10 16.55 52.76
CA LYS B 356 -18.35 17.71 53.20
C LYS B 356 -17.81 17.50 54.59
N GLU B 357 -18.70 17.08 55.51
CA GLU B 357 -18.32 16.89 56.90
CA GLU B 357 -18.35 16.85 56.93
C GLU B 357 -17.30 15.75 57.08
N TYR B 358 -17.31 14.78 56.17
CA TYR B 358 -16.32 13.72 56.15
C TYR B 358 -14.92 14.24 55.75
N LEU B 359 -14.89 15.13 54.75
CA LEU B 359 -13.62 15.69 54.30
C LEU B 359 -13.13 16.78 55.26
N ILE B 360 -14.06 17.58 55.77
CA ILE B 360 -13.73 18.65 56.72
C ILE B 360 -13.24 18.11 58.06
N SER B 361 -14.08 17.29 58.73
CA SER B 361 -13.72 16.68 60.03
C SER B 361 -12.39 15.88 59.94
N ASN B 362 -12.25 15.09 58.85
CA ASN B 362 -11.01 14.31 58.59
C ASN B 362 -9.86 15.19 57.91
N ASN B 363 -10.07 16.47 57.83
CA ASN B 363 -9.03 17.44 57.41
C ASN B 363 -8.42 17.11 56.03
N ILE B 364 -9.27 16.50 55.19
CA ILE B 364 -8.86 16.15 53.85
C ILE B 364 -8.93 17.35 52.90
N ILE B 365 -9.67 18.34 53.33
CA ILE B 365 -9.65 19.66 52.68
C ILE B 365 -9.48 20.77 53.72
N LYS B 366 -8.88 21.89 53.28
CA LYS B 366 -8.62 23.03 54.21
C LYS B 366 -8.64 24.43 53.40
N GLY B 367 -9.30 25.40 54.19
CA GLY B 367 -9.50 26.71 53.52
C GLY B 367 -10.69 26.62 52.58
N TYR B 368 -11.58 25.68 52.89
CA TYR B 368 -12.81 25.50 52.13
C TYR B 368 -13.92 26.34 52.78
N ASP B 369 -14.22 25.95 54.08
CA ASP B 369 -15.43 26.40 54.81
C ASP B 369 -16.48 25.30 54.93
N ASP C 10 -53.19 -8.66 -26.23
CA ASP C 10 -53.40 -7.34 -26.88
C ASP C 10 -52.12 -6.92 -27.60
N LEU C 11 -51.17 -6.33 -26.87
CA LEU C 11 -49.86 -6.02 -27.45
C LEU C 11 -49.05 -7.31 -27.75
N THR C 12 -49.50 -8.43 -27.21
CA THR C 12 -48.97 -9.77 -27.52
C THR C 12 -49.58 -10.34 -28.82
N ASP C 13 -50.65 -9.71 -29.31
CA ASP C 13 -51.39 -10.17 -30.50
C ASP C 13 -50.82 -9.55 -31.79
N PRO C 14 -50.33 -10.40 -32.70
CA PRO C 14 -49.77 -10.00 -34.00
C PRO C 14 -50.73 -9.19 -34.90
N LEU C 15 -52.03 -9.51 -34.85
CA LEU C 15 -53.04 -8.72 -35.58
C LEU C 15 -53.14 -7.30 -35.01
N TYR C 16 -53.03 -7.16 -33.69
CA TYR C 16 -53.02 -5.84 -33.07
C TYR C 16 -51.73 -5.03 -33.35
N ILE C 17 -50.60 -5.72 -33.33
CA ILE C 17 -49.33 -5.10 -33.68
C ILE C 17 -49.36 -4.58 -35.12
N LYS C 18 -49.91 -5.38 -36.04
CA LYS C 18 -50.07 -4.94 -37.42
C LYS C 18 -50.98 -3.72 -37.52
N LYS C 19 -52.06 -3.74 -36.75
CA LYS C 19 -53.03 -2.65 -36.71
C LYS C 19 -52.40 -1.32 -36.26
N ILE C 20 -51.55 -1.39 -35.24
CA ILE C 20 -50.83 -0.22 -34.76
C ILE C 20 -49.85 0.28 -35.82
N CYS C 21 -49.12 -0.65 -36.45
CA CYS C 21 -48.18 -0.28 -37.51
C CYS C 21 -48.81 0.38 -38.73
N LEU C 22 -50.00 -0.04 -39.12
CA LEU C 22 -50.72 0.64 -40.20
C LEU C 22 -51.16 2.05 -39.83
N GLU C 23 -51.50 2.26 -38.57
CA GLU C 23 -51.92 3.59 -38.08
C GLU C 23 -50.72 4.58 -37.92
N LYS C 24 -49.59 4.06 -37.44
CA LYS C 24 -48.44 4.88 -36.99
C LYS C 24 -47.28 5.03 -37.99
N VAL C 25 -47.25 4.18 -39.01
CA VAL C 25 -46.18 4.18 -40.01
C VAL C 25 -46.72 4.80 -41.32
N PRO C 26 -46.50 6.11 -41.55
CA PRO C 26 -47.22 6.81 -42.64
C PRO C 26 -47.17 6.15 -44.03
N GLU C 27 -46.03 5.56 -44.37
CA GLU C 27 -45.85 4.89 -45.66
C GLU C 27 -46.77 3.68 -45.81
N TRP C 28 -47.29 3.18 -44.69
CA TRP C 28 -48.06 1.93 -44.65
C TRP C 28 -49.57 2.11 -44.45
N ASN C 29 -50.02 3.38 -44.34
CA ASN C 29 -51.40 3.72 -44.00
C ASN C 29 -52.49 3.07 -44.87
N HIS C 30 -52.19 2.84 -46.14
CA HIS C 30 -53.23 2.35 -47.06
C HIS C 30 -53.24 0.85 -47.18
N PHE C 31 -52.27 0.21 -46.55
CA PHE C 31 -52.24 -1.26 -46.51
C PHE C 31 -53.26 -1.78 -45.49
N THR C 32 -53.48 -3.08 -45.53
CA THR C 32 -54.28 -3.80 -44.55
C THR C 32 -53.37 -4.81 -43.86
N GLU C 33 -53.89 -5.48 -42.84
CA GLU C 33 -53.13 -6.44 -42.04
C GLU C 33 -52.57 -7.54 -42.92
N ASP C 34 -53.32 -7.89 -43.97
CA ASP C 34 -52.90 -8.91 -44.93
C ASP C 34 -51.59 -8.55 -45.64
N ASN C 35 -51.22 -7.27 -45.64
CA ASN C 35 -49.97 -6.82 -46.26
C ASN C 35 -48.74 -6.88 -45.36
N LEU C 36 -48.95 -7.26 -44.11
CA LEU C 36 -47.92 -7.19 -43.07
C LEU C 36 -47.60 -8.56 -42.48
N ARG C 37 -46.31 -8.80 -42.17
CA ARG C 37 -45.93 -9.94 -41.37
C ARG C 37 -45.29 -9.49 -40.06
N VAL C 38 -45.49 -10.29 -39.01
CA VAL C 38 -44.92 -10.04 -37.69
C VAL C 38 -44.14 -11.26 -37.19
N LYS C 39 -42.90 -11.02 -36.76
CA LYS C 39 -42.05 -12.06 -36.19
CA LYS C 39 -42.02 -12.05 -36.21
C LYS C 39 -41.36 -11.52 -34.95
N GLN C 40 -41.55 -12.20 -33.81
CA GLN C 40 -40.89 -11.76 -32.59
C GLN C 40 -39.42 -12.10 -32.74
N ILE C 41 -38.57 -11.17 -32.34
CA ILE C 41 -37.13 -11.39 -32.46
C ILE C 41 -36.48 -11.52 -31.09
N THR C 46 -35.27 -7.05 -21.50
CA THR C 46 -35.93 -5.98 -20.75
C THR C 46 -37.15 -5.42 -21.51
N ASN C 47 -37.03 -5.26 -22.83
CA ASN C 47 -38.17 -4.92 -23.69
C ASN C 47 -38.50 -6.12 -24.61
N GLN C 48 -39.72 -6.21 -25.13
CA GLN C 48 -40.00 -7.21 -26.19
C GLN C 48 -40.10 -6.62 -27.58
N LEU C 49 -39.47 -7.30 -28.51
CA LEU C 49 -39.15 -6.75 -29.82
C LEU C 49 -39.77 -7.57 -30.93
N PHE C 50 -40.35 -6.88 -31.90
CA PHE C 50 -40.92 -7.51 -33.06
C PHE C 50 -40.41 -6.88 -34.34
N GLU C 51 -40.05 -7.73 -35.31
CA GLU C 51 -39.87 -7.33 -36.71
C GLU C 51 -41.23 -7.26 -37.35
N VAL C 52 -41.61 -6.08 -37.85
CA VAL C 52 -42.86 -5.91 -38.57
C VAL C 52 -42.48 -5.34 -39.94
N GLY C 53 -42.94 -6.00 -41.00
CA GLY C 53 -42.69 -5.52 -42.33
C GLY C 53 -43.69 -5.97 -43.38
N LEU C 54 -43.44 -5.56 -44.61
CA LEU C 54 -44.28 -5.95 -45.75
C LEU C 54 -43.94 -7.38 -46.14
N LYS C 55 -44.97 -8.18 -46.39
CA LYS C 55 -44.76 -9.52 -46.92
C LYS C 55 -44.07 -9.40 -48.27
N GLU C 56 -43.49 -10.51 -48.73
CA GLU C 56 -42.66 -10.52 -49.92
C GLU C 56 -43.35 -9.96 -51.17
N GLU C 57 -44.52 -10.51 -51.51
CA GLU C 57 -45.25 -10.06 -52.71
C GLU C 57 -45.65 -8.58 -52.70
N THR C 58 -45.85 -8.02 -51.50
CA THR C 58 -46.13 -6.59 -51.32
C THR C 58 -44.89 -5.69 -51.46
N ALA C 59 -43.77 -6.07 -50.86
CA ALA C 59 -42.49 -5.40 -51.08
C ALA C 59 -42.18 -5.29 -52.58
N ASN C 60 -42.41 -6.40 -53.29
CA ASN C 60 -42.28 -6.50 -54.76
C ASN C 60 -43.06 -5.47 -55.57
N ASN C 61 -44.34 -5.25 -55.22
CA ASN C 61 -45.21 -4.35 -55.96
C ASN C 61 -45.01 -2.87 -55.58
N TYR C 62 -44.51 -2.65 -54.36
CA TYR C 62 -44.27 -1.32 -53.79
C TYR C 62 -42.80 -1.18 -53.37
N ASN C 63 -41.92 -1.11 -54.38
CA ASN C 63 -40.46 -1.10 -54.23
C ASN C 63 -39.86 0.06 -53.45
N SER C 64 -40.51 1.21 -53.50
CA SER C 64 -39.97 2.45 -52.94
C SER C 64 -40.26 2.60 -51.46
N ILE C 65 -41.16 1.76 -50.96
CA ILE C 65 -41.67 1.86 -49.59
C ILE C 65 -40.78 1.11 -48.60
N ARG C 66 -40.57 1.75 -47.44
CA ARG C 66 -39.90 1.15 -46.28
C ARG C 66 -40.49 -0.23 -46.02
N THR C 67 -39.62 -1.24 -45.95
CA THR C 67 -40.07 -2.63 -45.93
C THR C 67 -40.20 -3.18 -44.51
N ARG C 68 -39.51 -2.59 -43.54
CA ARG C 68 -39.51 -3.10 -42.18
C ARG C 68 -39.44 -1.98 -41.17
N VAL C 69 -39.98 -2.24 -39.97
CA VAL C 69 -39.79 -1.43 -38.78
C VAL C 69 -39.46 -2.34 -37.58
N LEU C 70 -38.91 -1.72 -36.54
CA LEU C 70 -38.69 -2.38 -35.27
C LEU C 70 -39.79 -1.90 -34.35
N PHE C 71 -40.60 -2.85 -33.89
CA PHE C 71 -41.69 -2.60 -32.98
C PHE C 71 -41.22 -3.00 -31.58
N ARG C 72 -41.12 -2.00 -30.69
CA ARG C 72 -40.56 -2.16 -29.35
C ARG C 72 -41.61 -1.92 -28.24
N ILE C 73 -41.90 -2.99 -27.50
CA ILE C 73 -42.79 -2.92 -26.37
C ILE C 73 -41.94 -2.77 -25.12
N TYR C 74 -42.12 -1.67 -24.39
CA TYR C 74 -41.30 -1.40 -23.23
C TYR C 74 -41.54 -2.46 -22.16
N GLY C 75 -40.45 -2.91 -21.54
CA GLY C 75 -40.52 -3.87 -20.43
C GLY C 75 -41.38 -3.39 -19.29
N LYS C 76 -42.13 -4.33 -18.70
CA LYS C 76 -42.98 -3.99 -17.57
C LYS C 76 -42.20 -3.39 -16.38
N HIS C 77 -40.92 -3.77 -16.23
CA HIS C 77 -40.17 -3.43 -14.99
C HIS C 77 -38.96 -2.51 -15.19
N VAL C 78 -38.81 -1.96 -16.39
CA VAL C 78 -37.61 -1.21 -16.74
C VAL C 78 -37.36 0.01 -15.88
N ASP C 79 -38.42 0.56 -15.29
CA ASP C 79 -38.29 1.70 -14.39
C ASP C 79 -37.52 1.38 -13.12
N GLU C 80 -37.35 0.09 -12.81
CA GLU C 80 -36.45 -0.33 -11.74
C GLU C 80 -35.00 -0.11 -12.13
N LEU C 81 -34.73 -0.10 -13.44
CA LEU C 81 -33.37 0.06 -13.97
C LEU C 81 -33.00 1.51 -14.31
N TYR C 82 -33.92 2.25 -14.92
CA TYR C 82 -33.65 3.61 -15.37
C TYR C 82 -34.95 4.38 -15.51
N ASN C 83 -34.85 5.69 -15.32
CA ASN C 83 -35.96 6.60 -15.45
C ASN C 83 -36.49 6.65 -16.89
N THR C 84 -37.77 6.30 -17.07
CA THR C 84 -38.34 6.09 -18.40
C THR C 84 -38.59 7.37 -19.21
N ILE C 85 -39.04 8.41 -18.52
CA ILE C 85 -39.15 9.73 -19.14
C ILE C 85 -37.79 10.21 -19.68
N SER C 86 -36.75 10.10 -18.84
CA SER C 86 -35.42 10.52 -19.23
CA SER C 86 -35.42 10.52 -19.23
C SER C 86 -34.85 9.67 -20.38
N GLU C 87 -35.11 8.35 -20.38
CA GLU C 87 -34.62 7.53 -21.48
C GLU C 87 -35.22 7.90 -22.82
N PHE C 88 -36.49 8.33 -22.84
CA PHE C 88 -37.15 8.70 -24.09
C PHE C 88 -36.72 10.07 -24.59
N GLU C 89 -36.56 11.02 -23.67
CA GLU C 89 -35.99 12.33 -23.98
C GLU C 89 -34.60 12.19 -24.60
N VAL C 90 -33.72 11.45 -23.93
CA VAL C 90 -32.39 11.20 -24.49
C VAL C 90 -32.47 10.52 -25.87
N TYR C 91 -33.23 9.44 -25.99
CA TYR C 91 -33.37 8.76 -27.29
C TYR C 91 -33.85 9.71 -28.39
N LYS C 92 -34.69 10.66 -28.05
CA LYS C 92 -35.21 11.63 -29.04
C LYS C 92 -34.10 12.51 -29.60
N THR C 93 -33.19 12.91 -28.72
CA THR C 93 -32.05 13.71 -29.11
C THR C 93 -31.07 12.90 -29.96
N MET C 94 -30.90 11.63 -29.62
CA MET C 94 -30.00 10.76 -30.41
C MET C 94 -30.55 10.42 -31.79
N SER C 95 -31.85 10.17 -31.87
CA SER C 95 -32.54 9.97 -33.15
C SER C 95 -32.37 11.22 -34.00
N LYS C 96 -32.65 12.39 -33.41
CA LYS C 96 -32.55 13.67 -34.10
C LYS C 96 -31.17 13.86 -34.71
N TYR C 97 -30.11 13.59 -33.93
CA TYR C 97 -28.75 13.76 -34.41
C TYR C 97 -28.27 12.52 -35.20
N LYS C 98 -29.20 11.61 -35.54
CA LYS C 98 -28.94 10.48 -36.45
C LYS C 98 -27.84 9.53 -35.93
N ILE C 99 -27.73 9.50 -34.61
CA ILE C 99 -26.83 8.66 -33.84
C ILE C 99 -27.55 7.34 -33.48
N ALA C 100 -28.80 7.45 -33.05
CA ALA C 100 -29.63 6.28 -32.75
C ALA C 100 -30.53 5.90 -33.95
N PRO C 101 -31.11 4.68 -33.93
CA PRO C 101 -32.18 4.36 -34.88
C PRO C 101 -33.29 5.41 -34.84
N GLN C 102 -33.80 5.77 -36.01
CA GLN C 102 -34.73 6.89 -36.09
C GLN C 102 -36.08 6.59 -35.42
N LEU C 103 -36.58 7.55 -34.64
CA LEU C 103 -37.92 7.46 -34.08
C LEU C 103 -38.90 7.58 -35.22
N LEU C 104 -39.66 6.51 -35.49
CA LEU C 104 -40.73 6.56 -36.48
C LEU C 104 -41.99 7.10 -35.83
N ASN C 105 -42.49 6.39 -34.82
CA ASN C 105 -43.65 6.82 -34.08
C ASN C 105 -43.69 6.18 -32.69
N THR C 106 -44.73 6.52 -31.97
CA THR C 106 -44.92 6.17 -30.57
C THR C 106 -46.31 5.54 -30.43
N PHE C 107 -46.46 4.57 -29.53
CA PHE C 107 -47.77 4.02 -29.19
C PHE C 107 -47.85 3.75 -27.69
N ASN C 108 -49.07 3.52 -27.18
CA ASN C 108 -49.26 3.14 -25.77
C ASN C 108 -48.48 1.88 -25.41
N GLY C 109 -47.38 2.07 -24.69
CA GLY C 109 -46.55 0.96 -24.23
C GLY C 109 -45.25 0.73 -24.99
N GLY C 110 -44.93 1.60 -25.94
CA GLY C 110 -43.74 1.39 -26.76
C GLY C 110 -43.50 2.41 -27.86
N ARG C 111 -42.65 2.05 -28.81
CA ARG C 111 -42.33 2.91 -29.95
C ARG C 111 -41.95 2.10 -31.16
N ILE C 112 -41.96 2.77 -32.31
CA ILE C 112 -41.61 2.16 -33.57
C ILE C 112 -40.36 2.90 -34.09
N GLU C 113 -39.35 2.13 -34.46
CA GLU C 113 -38.06 2.66 -34.85
C GLU C 113 -37.66 2.15 -36.22
N GLU C 114 -36.74 2.85 -36.85
CA GLU C 114 -36.11 2.44 -38.08
C GLU C 114 -35.49 1.03 -37.90
N TRP C 115 -35.63 0.19 -38.93
CA TRP C 115 -34.98 -1.12 -38.92
C TRP C 115 -33.56 -1.01 -39.50
N LEU C 116 -32.56 -1.40 -38.71
CA LEU C 116 -31.21 -1.42 -39.20
C LEU C 116 -30.89 -2.75 -39.84
N TYR C 117 -30.30 -2.70 -41.03
CA TYR C 117 -29.87 -3.89 -41.72
C TYR C 117 -28.43 -4.24 -41.30
N GLY C 118 -28.06 -5.51 -41.41
CA GLY C 118 -26.75 -5.96 -40.93
C GLY C 118 -26.86 -6.65 -39.58
N ASP C 119 -25.72 -7.15 -39.09
CA ASP C 119 -25.69 -8.07 -37.94
C ASP C 119 -24.91 -7.47 -36.78
N PRO C 120 -25.23 -7.88 -35.54
CA PRO C 120 -24.45 -7.38 -34.40
C PRO C 120 -23.03 -7.93 -34.53
N LEU C 121 -22.07 -7.26 -33.92
CA LEU C 121 -20.73 -7.85 -33.87
C LEU C 121 -20.74 -9.12 -32.98
N ARG C 122 -19.89 -10.07 -33.28
CA ARG C 122 -19.82 -11.29 -32.49
C ARG C 122 -18.50 -11.26 -31.70
N ILE C 123 -18.40 -12.11 -30.67
CA ILE C 123 -17.21 -12.12 -29.82
C ILE C 123 -15.84 -12.20 -30.54
N ASP C 124 -15.70 -13.09 -31.50
CA ASP C 124 -14.46 -13.23 -32.24
C ASP C 124 -14.11 -12.01 -33.11
N ASP C 125 -15.11 -11.22 -33.49
CA ASP C 125 -14.89 -9.94 -34.23
C ASP C 125 -14.03 -8.97 -33.43
N LEU C 126 -14.12 -9.06 -32.12
CA LEU C 126 -13.42 -8.14 -31.24
C LEU C 126 -11.92 -8.52 -31.07
N LYS C 127 -11.47 -9.51 -31.85
CA LYS C 127 -10.08 -9.87 -31.90
C LYS C 127 -9.46 -9.23 -33.13
N ASN C 128 -10.32 -8.70 -34.02
CA ASN C 128 -9.91 -8.24 -35.35
C ASN C 128 -9.54 -6.77 -35.27
N PRO C 129 -8.26 -6.44 -35.54
CA PRO C 129 -7.77 -5.06 -35.46
C PRO C 129 -8.47 -4.09 -36.42
N THR C 130 -9.12 -4.61 -37.44
CA THR C 130 -9.87 -3.81 -38.40
C THR C 130 -11.15 -3.40 -37.72
N ILE C 131 -11.80 -4.37 -37.07
CA ILE C 131 -12.99 -4.06 -36.27
C ILE C 131 -12.68 -3.18 -35.06
N LEU C 132 -11.58 -3.49 -34.36
CA LEU C 132 -11.17 -2.70 -33.19
C LEU C 132 -11.00 -1.23 -33.51
N ILE C 133 -10.32 -0.91 -34.60
CA ILE C 133 -10.13 0.45 -35.08
C ILE C 133 -11.47 1.03 -35.54
N GLY C 134 -12.26 0.26 -36.29
CA GLY C 134 -13.65 0.65 -36.58
C GLY C 134 -14.43 1.16 -35.36
N ILE C 135 -14.41 0.35 -34.30
CA ILE C 135 -15.15 0.63 -33.09
C ILE C 135 -14.59 1.86 -32.37
N ALA C 136 -13.26 1.96 -32.29
CA ALA C 136 -12.61 3.08 -31.62
C ALA C 136 -12.94 4.38 -32.32
N ASN C 137 -12.90 4.35 -33.65
CA ASN C 137 -13.23 5.53 -34.43
C ASN C 137 -14.62 6.04 -34.14
N VAL C 138 -15.59 5.13 -34.20
CA VAL C 138 -16.98 5.42 -33.91
C VAL C 138 -17.17 5.99 -32.50
N LEU C 139 -16.50 5.39 -31.52
CA LEU C 139 -16.61 5.86 -30.13
C LEU C 139 -15.98 7.23 -29.99
N GLY C 140 -14.80 7.39 -30.56
CA GLY C 140 -14.09 8.67 -30.61
C GLY C 140 -14.95 9.80 -31.16
N LYS C 141 -15.55 9.56 -32.32
CA LYS C 141 -16.42 10.56 -32.95
C LYS C 141 -17.63 10.86 -32.06
N PHE C 142 -18.34 9.83 -31.60
CA PHE C 142 -19.48 9.97 -30.70
C PHE C 142 -19.17 10.79 -29.43
N HIS C 143 -18.00 10.57 -28.83
CA HIS C 143 -17.64 11.28 -27.60
C HIS C 143 -17.49 12.78 -27.75
N THR C 144 -17.27 13.24 -28.99
CA THR C 144 -17.17 14.67 -29.31
C THR C 144 -18.51 15.39 -29.28
N LEU C 145 -19.61 14.63 -29.21
CA LEU C 145 -20.95 15.20 -29.27
C LEU C 145 -21.18 16.39 -28.35
N SER C 146 -20.88 16.25 -27.05
CA SER C 146 -21.22 17.28 -26.04
C SER C 146 -20.56 18.66 -26.24
N ARG C 147 -19.37 18.66 -26.86
CA ARG C 147 -18.62 19.89 -27.17
C ARG C 147 -18.87 20.38 -28.59
N LYS C 148 -19.62 19.60 -29.38
CA LYS C 148 -19.90 19.95 -30.76
C LYS C 148 -21.37 20.31 -30.99
N ARG C 149 -22.27 19.72 -30.20
CA ARG C 149 -23.69 20.10 -30.20
C ARG C 149 -24.14 20.45 -28.79
N HIS C 150 -25.04 21.43 -28.65
CA HIS C 150 -25.51 21.84 -27.34
C HIS C 150 -26.68 20.97 -26.86
N LEU C 151 -26.32 19.88 -26.15
CA LEU C 151 -27.26 18.96 -25.47
C LEU C 151 -28.14 19.68 -24.43
N PRO C 152 -29.45 19.30 -24.33
CA PRO C 152 -30.45 20.04 -23.54
C PRO C 152 -30.03 20.45 -22.12
N GLU C 153 -30.28 21.72 -21.77
CA GLU C 153 -29.73 22.35 -20.55
C GLU C 153 -30.21 21.76 -19.22
N HIS C 154 -31.48 21.37 -19.17
CA HIS C 154 -32.08 20.75 -17.97
C HIS C 154 -31.53 19.34 -17.63
N TRP C 155 -30.79 18.74 -18.55
CA TRP C 155 -30.22 17.41 -18.30
C TRP C 155 -29.19 17.47 -17.19
N ASP C 156 -29.26 16.49 -16.30
CA ASP C 156 -28.29 16.37 -15.22
C ASP C 156 -26.95 15.96 -15.81
N ARG C 157 -25.90 16.71 -15.46
CA ARG C 157 -24.54 16.47 -15.95
C ARG C 157 -23.71 15.61 -15.00
N THR C 158 -24.34 15.14 -13.93
CA THR C 158 -23.69 14.27 -12.95
C THR C 158 -23.29 12.97 -13.62
N PRO C 159 -22.02 12.56 -13.48
CA PRO C 159 -21.54 11.29 -14.07
C PRO C 159 -22.42 10.10 -13.73
N CYS C 160 -22.73 9.29 -14.74
CA CYS C 160 -23.70 8.21 -14.59
C CYS C 160 -23.22 7.05 -13.74
N ILE C 161 -21.91 6.98 -13.51
CA ILE C 161 -21.37 5.90 -12.70
C ILE C 161 -21.87 6.03 -11.25
N PHE C 162 -21.98 7.28 -10.78
CA PHE C 162 -22.48 7.57 -9.46
C PHE C 162 -23.98 7.28 -9.39
N LYS C 163 -24.74 7.86 -10.32
CA LYS C 163 -26.19 7.70 -10.37
C LYS C 163 -26.54 6.23 -10.50
N MET C 164 -25.96 5.52 -11.48
CA MET C 164 -26.32 4.12 -11.68
C MET C 164 -26.00 3.26 -10.46
N MET C 165 -24.80 3.42 -9.90
CA MET C 165 -24.38 2.65 -8.73
C MET C 165 -25.27 2.89 -7.49
N GLU C 166 -25.61 4.15 -7.22
CA GLU C 166 -26.44 4.44 -6.04
C GLU C 166 -27.86 3.87 -6.23
N LYS C 167 -28.39 4.01 -7.44
CA LYS C 167 -29.70 3.49 -7.79
C LYS C 167 -29.80 1.97 -7.68
N TRP C 168 -28.88 1.25 -8.31
CA TRP C 168 -28.98 -0.20 -8.44
C TRP C 168 -28.55 -0.88 -7.13
N LYS C 169 -27.82 -0.16 -6.30
CA LYS C 169 -27.46 -0.68 -4.96
C LYS C 169 -28.66 -0.69 -4.04
N ASN C 170 -29.32 0.47 -4.00
CA ASN C 170 -30.51 0.61 -3.22
C ASN C 170 -31.66 -0.26 -3.71
N GLN C 171 -31.71 -0.57 -4.99
CA GLN C 171 -32.69 -1.49 -5.50
C GLN C 171 -32.53 -2.91 -4.91
N LEU C 172 -31.30 -3.27 -4.57
CA LEU C 172 -31.00 -4.62 -4.09
C LEU C 172 -31.61 -4.89 -2.73
N PHE C 173 -31.81 -3.84 -1.94
CA PHE C 173 -32.38 -3.95 -0.59
C PHE C 173 -33.83 -4.44 -0.61
N LYS C 174 -34.46 -4.37 -1.78
CA LYS C 174 -35.86 -4.78 -1.94
C LYS C 174 -36.08 -6.27 -1.73
N TYR C 175 -35.10 -7.07 -2.18
CA TYR C 175 -35.35 -8.50 -2.41
C TYR C 175 -35.32 -9.33 -1.14
N LYS C 176 -36.33 -10.20 -0.98
CA LYS C 176 -36.35 -11.14 0.14
C LYS C 176 -35.30 -12.22 -0.05
N ASN C 177 -34.66 -12.62 1.05
CA ASN C 177 -33.76 -13.79 1.10
C ASN C 177 -32.71 -13.72 -0.01
N ILE C 178 -32.04 -12.57 -0.07
CA ILE C 178 -31.26 -12.16 -1.21
C ILE C 178 -29.93 -12.91 -1.26
N GLU C 179 -29.50 -13.36 -0.08
CA GLU C 179 -28.29 -14.15 0.09
C GLU C 179 -28.49 -15.59 -0.32
N LYS C 180 -29.73 -16.00 -0.56
CA LYS C 180 -30.01 -17.32 -1.12
C LYS C 180 -29.24 -17.53 -2.44
N TYR C 181 -29.33 -16.55 -3.35
CA TYR C 181 -28.70 -16.62 -4.67
C TYR C 181 -27.43 -15.82 -4.74
N ASN C 182 -27.30 -14.79 -3.91
CA ASN C 182 -26.09 -13.97 -3.91
C ASN C 182 -25.57 -13.77 -2.50
N CYS C 183 -24.92 -14.83 -2.01
CA CYS C 183 -24.45 -14.96 -0.64
C CYS C 183 -23.75 -13.72 -0.05
N ASP C 184 -22.79 -13.17 -0.78
CA ASP C 184 -21.98 -12.07 -0.29
C ASP C 184 -22.41 -10.68 -0.73
N ILE C 185 -23.64 -10.53 -1.19
CA ILE C 185 -24.03 -9.27 -1.81
C ILE C 185 -23.79 -8.02 -0.94
N HIS C 186 -24.00 -8.16 0.39
CA HIS C 186 -23.83 -7.04 1.32
C HIS C 186 -22.38 -6.59 1.43
N LYS C 187 -21.46 -7.53 1.27
CA LYS C 187 -20.04 -7.23 1.17
C LYS C 187 -19.74 -6.40 -0.08
N TYR C 188 -20.34 -6.78 -1.20
CA TYR C 188 -20.17 -6.06 -2.45
C TYR C 188 -20.81 -4.68 -2.42
N ILE C 189 -21.97 -4.59 -1.78
CA ILE C 189 -22.61 -3.31 -1.48
C ILE C 189 -21.65 -2.35 -0.76
N LYS C 190 -20.98 -2.82 0.31
CA LYS C 190 -19.97 -2.02 1.02
C LYS C 190 -18.82 -1.59 0.11
N GLU C 191 -18.34 -2.53 -0.71
CA GLU C 191 -17.29 -2.28 -1.70
C GLU C 191 -17.67 -1.18 -2.70
N SER C 192 -18.94 -1.17 -3.11
CA SER C 192 -19.45 -0.17 -4.04
C SER C 192 -19.30 1.23 -3.42
N ASP C 193 -19.65 1.36 -2.14
CA ASP C 193 -19.44 2.59 -1.39
C ASP C 193 -17.96 2.98 -1.36
N LYS C 194 -17.08 2.02 -1.07
CA LYS C 194 -15.62 2.27 -1.14
C LYS C 194 -15.25 2.76 -2.54
N PHE C 195 -15.75 2.08 -3.59
CA PHE C 195 -15.40 2.46 -4.96
C PHE C 195 -15.81 3.90 -5.26
N ILE C 196 -17.06 4.24 -4.97
CA ILE C 196 -17.59 5.55 -5.28
C ILE C 196 -16.85 6.65 -4.49
N LYS C 197 -16.62 6.41 -3.21
CA LYS C 197 -15.88 7.33 -2.37
C LYS C 197 -14.48 7.60 -2.93
N PHE C 198 -13.81 6.53 -3.35
CA PHE C 198 -12.51 6.61 -4.00
C PHE C 198 -12.58 7.36 -5.32
N MET C 199 -13.56 6.99 -6.16
CA MET C 199 -13.77 7.62 -7.48
C MET C 199 -14.11 9.13 -7.40
N LYS C 200 -14.82 9.56 -6.36
CA LYS C 200 -15.09 10.98 -6.14
C LYS C 200 -13.79 11.80 -6.06
N VAL C 201 -12.74 11.17 -5.53
CA VAL C 201 -11.42 11.81 -5.40
C VAL C 201 -10.57 11.56 -6.65
N TYR C 202 -10.46 10.31 -7.07
CA TYR C 202 -9.65 9.90 -8.23
C TYR C 202 -9.95 10.68 -9.51
N SER C 203 -11.25 10.89 -9.76
CA SER C 203 -11.76 11.51 -10.97
C SER C 203 -11.42 13.00 -11.08
N LYS C 204 -11.00 13.59 -9.96
CA LYS C 204 -10.68 15.02 -9.89
C LYS C 204 -9.38 15.40 -10.56
N SER C 205 -8.46 14.43 -10.68
CA SER C 205 -7.16 14.72 -11.31
C SER C 205 -7.47 15.22 -12.72
N ASP C 206 -6.67 16.13 -13.24
CA ASP C 206 -6.97 16.70 -14.56
CA ASP C 206 -6.99 16.69 -14.55
C ASP C 206 -6.24 15.92 -15.65
N ASN C 207 -6.86 14.81 -16.05
CA ASN C 207 -6.37 13.92 -17.09
C ASN C 207 -7.51 13.64 -18.03
N LEU C 208 -7.18 13.40 -19.30
CA LEU C 208 -8.17 13.21 -20.36
C LEU C 208 -9.25 12.21 -19.99
N ALA C 209 -8.81 11.07 -19.44
CA ALA C 209 -9.67 9.97 -19.02
C ALA C 209 -10.78 10.33 -18.00
N ASN C 210 -10.63 11.49 -17.36
CA ASN C 210 -11.62 11.99 -16.39
C ASN C 210 -12.65 12.93 -17.03
N THR C 211 -12.44 13.25 -18.31
CA THR C 211 -13.32 14.19 -19.03
C THR C 211 -14.75 13.62 -19.07
N ILE C 212 -15.71 14.46 -18.70
CA ILE C 212 -17.10 14.08 -18.68
C ILE C 212 -17.66 14.37 -20.06
N VAL C 213 -17.95 13.30 -20.82
CA VAL C 213 -18.61 13.37 -22.10
C VAL C 213 -19.94 12.64 -22.00
N PHE C 214 -20.76 12.72 -23.05
CA PHE C 214 -21.96 11.90 -23.13
C PHE C 214 -21.64 10.46 -23.56
N CYS C 215 -21.81 9.51 -22.64
CA CYS C 215 -21.39 8.11 -22.89
C CYS C 215 -22.54 7.20 -23.28
N HIS C 216 -22.25 6.10 -23.97
CA HIS C 216 -23.25 5.06 -24.29
C HIS C 216 -23.63 4.32 -23.01
N ASN C 217 -22.61 4.02 -22.18
CA ASN C 217 -22.74 3.35 -20.86
C ASN C 217 -23.07 1.84 -20.89
N ASP C 218 -23.15 1.25 -22.07
CA ASP C 218 -23.38 -0.21 -22.21
C ASP C 218 -22.78 -0.73 -23.51
N LEU C 219 -21.50 -0.41 -23.71
CA LEU C 219 -20.82 -0.95 -24.88
C LEU C 219 -20.53 -2.42 -24.70
N GLN C 220 -20.92 -3.19 -25.70
CA GLN C 220 -20.65 -4.60 -25.78
C GLN C 220 -21.00 -4.91 -27.22
N GLU C 221 -20.57 -6.06 -27.72
CA GLU C 221 -20.61 -6.32 -29.16
C GLU C 221 -22.02 -6.38 -29.75
N ASN C 222 -22.99 -6.86 -28.98
CA ASN C 222 -24.33 -6.96 -29.53
C ASN C 222 -25.08 -5.62 -29.53
N ASN C 223 -24.41 -4.59 -29.06
CA ASN C 223 -24.88 -3.22 -29.17
C ASN C 223 -24.19 -2.42 -30.26
N ILE C 224 -23.52 -3.13 -31.17
CA ILE C 224 -22.81 -2.52 -32.29
C ILE C 224 -23.19 -3.34 -33.50
N ILE C 225 -23.78 -2.68 -34.48
CA ILE C 225 -24.28 -3.36 -35.67
C ILE C 225 -23.36 -3.10 -36.84
N ASN C 226 -22.95 -4.17 -37.51
CA ASN C 226 -22.18 -4.02 -38.73
C ASN C 226 -23.19 -3.95 -39.87
N THR C 227 -23.42 -2.76 -40.42
CA THR C 227 -24.46 -2.58 -41.45
C THR C 227 -23.95 -2.88 -42.85
N ASN C 228 -22.65 -3.07 -42.98
CA ASN C 228 -21.96 -3.29 -44.27
C ASN C 228 -21.49 -1.96 -44.88
N LYS C 229 -22.04 -0.85 -44.39
CA LYS C 229 -21.56 0.47 -44.77
C LYS C 229 -20.82 1.14 -43.62
N CYS C 230 -21.11 0.70 -42.40
CA CYS C 230 -20.50 1.29 -41.23
C CYS C 230 -20.82 0.44 -40.04
N LEU C 231 -20.18 0.74 -38.92
CA LEU C 231 -20.57 0.20 -37.65
C LEU C 231 -21.44 1.26 -36.98
N ARG C 232 -22.58 0.83 -36.46
CA ARG C 232 -23.57 1.70 -35.80
C ARG C 232 -23.81 1.28 -34.37
N LEU C 233 -23.87 2.25 -33.47
CA LEU C 233 -24.25 1.95 -32.10
C LEU C 233 -25.75 1.78 -31.97
N ILE C 234 -26.18 0.86 -31.11
CA ILE C 234 -27.60 0.75 -30.81
C ILE C 234 -27.81 0.70 -29.28
N ASP C 235 -29.08 0.71 -28.87
CA ASP C 235 -29.49 0.50 -27.49
C ASP C 235 -28.86 1.51 -26.51
N PHE C 236 -29.31 2.77 -26.60
CA PHE C 236 -28.82 3.93 -25.80
C PHE C 236 -29.54 4.16 -24.47
N GLU C 237 -30.23 3.13 -23.97
CA GLU C 237 -31.06 3.24 -22.75
C GLU C 237 -30.30 3.80 -21.58
N TYR C 238 -29.08 3.31 -21.39
CA TYR C 238 -28.24 3.70 -20.22
C TYR C 238 -27.34 4.89 -20.49
N SER C 239 -27.53 5.56 -21.63
CA SER C 239 -26.61 6.61 -22.08
C SER C 239 -26.81 7.89 -21.28
N GLY C 240 -25.70 8.52 -20.94
CA GLY C 240 -25.70 9.82 -20.28
C GLY C 240 -24.29 10.26 -19.98
N PHE C 241 -24.15 11.46 -19.41
CA PHE C 241 -22.84 11.99 -19.11
C PHE C 241 -22.07 11.05 -18.20
N ASN C 242 -20.78 10.84 -18.49
CA ASN C 242 -19.95 9.96 -17.67
C ASN C 242 -18.47 10.18 -17.97
N PHE C 243 -17.59 9.72 -17.08
CA PHE C 243 -16.17 9.78 -17.39
C PHE C 243 -15.86 8.98 -18.63
N LEU C 244 -15.19 9.66 -19.55
CA LEU C 244 -14.79 9.11 -20.84
C LEU C 244 -14.27 7.65 -20.73
N ALA C 245 -13.48 7.39 -19.68
CA ALA C 245 -12.84 6.08 -19.50
C ALA C 245 -13.80 4.93 -19.18
N THR C 246 -14.96 5.24 -18.63
CA THR C 246 -15.96 4.22 -18.31
C THR C 246 -16.49 3.52 -19.56
N ASP C 247 -16.66 4.30 -20.65
CA ASP C 247 -17.24 3.72 -21.86
C ASP C 247 -16.29 2.67 -22.38
N ILE C 248 -15.00 2.99 -22.41
CA ILE C 248 -13.91 2.08 -22.91
C ILE C 248 -13.70 0.87 -21.97
N ALA C 249 -13.87 1.08 -20.65
CA ALA C 249 -13.78 0.00 -19.67
C ALA C 249 -14.75 -1.15 -19.96
N ASN C 250 -16.04 -0.85 -20.19
CA ASN C 250 -17.03 -1.88 -20.49
C ASN C 250 -16.68 -2.65 -21.72
N PHE C 251 -16.30 -1.91 -22.78
CA PHE C 251 -15.95 -2.54 -24.05
C PHE C 251 -14.80 -3.51 -23.88
N PHE C 252 -13.74 -3.05 -23.20
CA PHE C 252 -12.54 -3.87 -22.99
C PHE C 252 -12.94 -5.15 -22.21
N ILE C 253 -13.66 -4.96 -21.10
CA ILE C 253 -14.20 -6.10 -20.30
C ILE C 253 -14.97 -7.06 -21.21
N GLU C 254 -15.79 -6.49 -22.10
CA GLU C 254 -16.67 -7.32 -22.91
C GLU C 254 -15.93 -8.18 -23.96
N THR C 255 -14.64 -7.95 -24.21
CA THR C 255 -13.89 -8.80 -25.18
C THR C 255 -13.69 -10.20 -24.62
N SER C 256 -13.97 -10.34 -23.32
CA SER C 256 -13.69 -11.59 -22.59
C SER C 256 -14.96 -12.32 -22.19
N ILE C 257 -16.12 -11.73 -22.46
CA ILE C 257 -17.41 -12.32 -22.09
C ILE C 257 -18.18 -12.70 -23.32
N ASP C 258 -18.44 -13.99 -23.48
CA ASP C 258 -19.17 -14.49 -24.61
C ASP C 258 -20.64 -14.79 -24.28
N TYR C 259 -21.56 -14.24 -25.06
CA TYR C 259 -22.98 -14.52 -24.81
C TYR C 259 -23.62 -15.41 -25.84
N SER C 260 -22.81 -16.11 -26.63
CA SER C 260 -23.36 -16.89 -27.72
C SER C 260 -23.42 -18.36 -27.35
N VAL C 261 -22.90 -18.71 -26.18
CA VAL C 261 -22.92 -20.09 -25.66
C VAL C 261 -24.34 -20.65 -25.71
N SER C 262 -24.50 -21.80 -26.36
CA SER C 262 -25.84 -22.29 -26.70
C SER C 262 -26.47 -23.23 -25.63
N SER C 263 -25.69 -23.53 -24.58
CA SER C 263 -26.18 -24.30 -23.44
C SER C 263 -26.05 -23.52 -22.13
N TYR C 264 -26.81 -23.93 -21.12
CA TYR C 264 -26.72 -23.38 -19.78
C TYR C 264 -25.27 -23.27 -19.27
N PRO C 265 -24.88 -22.11 -18.71
CA PRO C 265 -25.70 -20.96 -18.31
C PRO C 265 -25.85 -19.86 -19.38
N PHE C 266 -25.50 -20.18 -20.62
CA PHE C 266 -25.66 -19.27 -21.78
C PHE C 266 -24.72 -18.07 -21.80
N PHE C 267 -23.63 -18.17 -21.06
CA PHE C 267 -22.50 -17.25 -21.20
C PHE C 267 -21.20 -17.98 -20.88
N GLU C 268 -20.09 -17.52 -21.43
CA GLU C 268 -18.77 -17.92 -20.94
C GLU C 268 -17.91 -16.69 -20.73
N ILE C 269 -17.24 -16.59 -19.58
CA ILE C 269 -16.25 -15.53 -19.33
C ILE C 269 -14.87 -16.20 -19.32
N ASP C 270 -13.92 -15.55 -19.99
CA ASP C 270 -12.56 -16.12 -20.16
C ASP C 270 -11.54 -14.98 -20.17
N LYS C 271 -10.96 -14.73 -19.00
CA LYS C 271 -9.96 -13.68 -18.78
C LYS C 271 -8.83 -13.67 -19.83
N LYS C 272 -8.47 -14.85 -20.35
CA LYS C 272 -7.42 -14.99 -21.36
C LYS C 272 -7.83 -14.40 -22.71
N LYS C 273 -9.11 -14.09 -22.86
CA LYS C 273 -9.60 -13.46 -24.10
C LYS C 273 -9.69 -11.94 -23.96
N TYR C 274 -9.33 -11.44 -22.79
CA TYR C 274 -9.26 -10.00 -22.58
C TYR C 274 -8.33 -9.36 -23.59
N ILE C 275 -8.84 -8.32 -24.26
CA ILE C 275 -8.11 -7.56 -25.27
C ILE C 275 -6.63 -7.35 -24.88
N SER C 276 -5.70 -7.71 -25.76
CA SER C 276 -4.25 -7.65 -25.46
C SER C 276 -3.79 -6.21 -25.30
N TYR C 277 -2.63 -6.04 -24.67
CA TYR C 277 -2.01 -4.74 -24.46
C TYR C 277 -1.82 -4.01 -25.78
N GLU C 278 -1.33 -4.74 -26.77
CA GLU C 278 -1.08 -4.20 -28.08
C GLU C 278 -2.36 -3.60 -28.65
N ASN C 279 -3.45 -4.36 -28.55
CA ASN C 279 -4.70 -3.95 -29.16
C ASN C 279 -5.42 -2.85 -28.34
N ARG C 280 -5.23 -2.86 -27.03
CA ARG C 280 -5.72 -1.77 -26.17
C ARG C 280 -5.09 -0.45 -26.60
N LYS C 281 -3.77 -0.49 -26.85
CA LYS C 281 -3.02 0.68 -27.35
C LYS C 281 -3.48 1.08 -28.75
N LEU C 282 -3.68 0.08 -29.62
CA LEU C 282 -4.23 0.30 -30.95
C LEU C 282 -5.60 0.96 -30.88
N PHE C 283 -6.44 0.50 -29.95
CA PHE C 283 -7.77 1.02 -29.78
C PHE C 283 -7.75 2.49 -29.33
N ILE C 284 -6.97 2.78 -28.30
CA ILE C 284 -6.86 4.13 -27.78
C ILE C 284 -6.28 5.08 -28.83
N THR C 285 -5.32 4.59 -29.61
CA THR C 285 -4.76 5.39 -30.70
C THR C 285 -5.84 5.81 -31.70
N ALA C 286 -6.55 4.83 -32.25
CA ALA C 286 -7.65 5.10 -33.16
C ALA C 286 -8.77 5.96 -32.51
N TYR C 287 -9.03 5.75 -31.22
CA TYR C 287 -10.01 6.54 -30.48
C TYR C 287 -9.61 8.04 -30.41
N LEU C 288 -8.35 8.28 -30.06
CA LEU C 288 -7.83 9.65 -29.95
C LEU C 288 -7.79 10.39 -31.29
N SER C 289 -7.59 9.67 -32.39
CA SER C 289 -7.58 10.29 -33.71
C SER C 289 -8.91 10.98 -34.03
N ASN C 290 -10.01 10.43 -33.52
CA ASN C 290 -11.36 10.99 -33.72
C ASN C 290 -11.85 11.83 -32.57
N TYR C 291 -11.46 11.47 -31.35
CA TYR C 291 -11.89 12.23 -30.18
C TYR C 291 -11.22 13.60 -30.07
N LEU C 292 -9.91 13.66 -30.32
CA LEU C 292 -9.16 14.89 -30.20
C LEU C 292 -9.22 15.71 -31.48
N ASP C 293 -9.16 17.04 -31.34
CA ASP C 293 -9.07 17.95 -32.49
C ASP C 293 -8.10 17.40 -33.53
N LEU C 296 -0.48 17.26 -37.74
CA LEU C 296 -0.76 16.73 -36.41
C LEU C 296 0.33 15.79 -35.89
N VAL C 297 0.53 15.84 -34.58
CA VAL C 297 1.50 14.99 -33.91
C VAL C 297 0.78 13.80 -33.30
N VAL C 298 1.51 12.72 -33.11
CA VAL C 298 0.97 11.50 -32.53
C VAL C 298 0.66 11.72 -31.03
N PRO C 299 -0.43 11.11 -30.53
CA PRO C 299 -0.65 10.96 -29.09
C PRO C 299 0.61 10.40 -28.42
N THR C 300 1.01 11.01 -27.30
CA THR C 300 2.23 10.57 -26.62
C THR C 300 1.99 9.20 -26.00
N PRO C 301 3.00 8.31 -26.07
CA PRO C 301 2.87 6.98 -25.44
C PRO C 301 2.56 7.04 -23.96
N LYS C 302 3.07 8.06 -23.27
CA LYS C 302 2.75 8.34 -21.86
C LYS C 302 1.24 8.56 -21.65
N LEU C 303 0.62 9.34 -22.53
CA LEU C 303 -0.83 9.59 -22.50
C LEU C 303 -1.66 8.34 -22.69
N ILE C 304 -1.35 7.56 -23.74
CA ILE C 304 -1.98 6.26 -24.00
C ILE C 304 -2.00 5.40 -22.73
N ASP C 305 -0.86 5.34 -22.04
CA ASP C 305 -0.74 4.52 -20.83
C ASP C 305 -1.49 5.10 -19.63
N GLU C 306 -1.60 6.44 -19.56
CA GLU C 306 -2.36 7.09 -18.50
CA GLU C 306 -2.36 7.09 -18.51
C GLU C 306 -3.87 6.87 -18.72
N ILE C 307 -4.28 6.81 -19.99
CA ILE C 307 -5.67 6.51 -20.35
C ILE C 307 -5.99 5.04 -20.06
N LEU C 308 -5.09 4.14 -20.45
CA LEU C 308 -5.26 2.71 -20.19
C LEU C 308 -5.32 2.39 -18.70
N GLU C 309 -4.56 3.11 -17.89
CA GLU C 309 -4.61 2.90 -16.44
C GLU C 309 -5.96 3.34 -15.85
N ALA C 310 -6.43 4.53 -16.25
CA ALA C 310 -7.75 5.01 -15.84
C ALA C 310 -8.87 4.05 -16.26
N VAL C 311 -8.77 3.49 -17.47
CA VAL C 311 -9.73 2.48 -17.96
C VAL C 311 -9.73 1.29 -17.00
N GLU C 312 -8.54 0.82 -16.62
CA GLU C 312 -8.37 -0.33 -15.72
C GLU C 312 -9.03 -0.08 -14.35
N VAL C 313 -8.88 1.16 -13.87
CA VAL C 313 -9.53 1.64 -12.66
C VAL C 313 -11.06 1.68 -12.77
N GLN C 314 -11.60 2.21 -13.89
CA GLN C 314 -13.06 2.29 -14.07
C GLN C 314 -13.66 0.90 -14.15
N ALA C 315 -12.87 -0.06 -14.67
CA ALA C 315 -13.30 -1.45 -14.78
C ALA C 315 -13.72 -2.02 -13.45
N LEU C 316 -13.17 -1.50 -12.35
CA LEU C 316 -13.59 -1.91 -10.99
C LEU C 316 -15.06 -1.67 -10.76
N GLY C 317 -15.50 -0.43 -10.98
CA GLY C 317 -16.89 -0.04 -10.76
C GLY C 317 -17.83 -0.68 -11.75
N ALA C 318 -17.35 -0.86 -12.97
CA ALA C 318 -18.09 -1.60 -14.00
C ALA C 318 -18.55 -2.97 -13.51
N HIS C 319 -17.64 -3.75 -12.91
CA HIS C 319 -17.98 -5.11 -12.49
C HIS C 319 -19.07 -5.13 -11.42
N LEU C 320 -18.98 -4.17 -10.50
CA LEU C 320 -19.94 -4.00 -9.45
C LEU C 320 -21.28 -3.60 -10.02
N LEU C 321 -21.25 -2.60 -10.90
CA LEU C 321 -22.46 -2.04 -11.48
C LEU C 321 -23.28 -3.12 -12.20
N TRP C 322 -22.63 -3.89 -13.06
CA TRP C 322 -23.30 -4.92 -13.89
C TRP C 322 -23.59 -6.19 -13.15
N GLY C 323 -22.86 -6.44 -12.04
CA GLY C 323 -23.23 -7.51 -11.11
C GLY C 323 -24.51 -7.18 -10.37
N PHE C 324 -24.66 -5.93 -9.94
CA PHE C 324 -25.89 -5.43 -9.30
C PHE C 324 -27.10 -5.43 -10.27
N TRP C 325 -26.90 -4.82 -11.45
CA TRP C 325 -27.87 -4.85 -12.56
C TRP C 325 -28.41 -6.27 -12.80
N SER C 326 -27.48 -7.22 -12.81
CA SER C 326 -27.81 -8.58 -13.19
C SER C 326 -28.68 -9.25 -12.13
N ILE C 327 -28.43 -8.96 -10.86
CA ILE C 327 -29.27 -9.45 -9.79
C ILE C 327 -30.68 -8.89 -9.95
N ILE C 328 -30.78 -7.59 -10.25
CA ILE C 328 -32.08 -6.94 -10.47
C ILE C 328 -32.78 -7.61 -11.64
N ARG C 329 -32.08 -7.80 -12.76
CA ARG C 329 -32.65 -8.55 -13.87
C ARG C 329 -33.09 -9.98 -13.45
N GLY C 330 -32.30 -10.62 -12.58
CA GLY C 330 -32.65 -11.94 -12.04
C GLY C 330 -34.02 -11.99 -11.41
N TYR C 331 -34.33 -11.01 -10.55
CA TYR C 331 -35.61 -10.98 -9.87
C TYR C 331 -36.82 -10.58 -10.72
N GLN C 332 -36.53 -10.11 -11.93
CA GLN C 332 -37.55 -9.64 -12.87
C GLN C 332 -38.07 -10.78 -13.75
N THR C 333 -37.19 -11.75 -14.02
CA THR C 333 -37.45 -12.85 -14.94
C THR C 333 -37.91 -14.13 -14.22
N LYS C 334 -38.75 -14.93 -14.87
CA LYS C 334 -39.14 -16.26 -14.33
C LYS C 334 -39.27 -17.37 -15.38
N TYR C 336 -36.59 -20.47 -16.26
CA TYR C 336 -35.80 -21.72 -16.31
C TYR C 336 -35.08 -21.94 -17.65
N ASN C 337 -33.97 -22.67 -17.61
CA ASN C 337 -33.14 -23.00 -18.80
C ASN C 337 -32.88 -21.83 -19.76
N GLU C 338 -32.66 -20.63 -19.21
CA GLU C 338 -32.24 -19.49 -19.99
C GLU C 338 -31.09 -18.78 -19.26
N PHE C 339 -30.56 -17.69 -19.83
CA PHE C 339 -29.44 -16.94 -19.24
C PHE C 339 -29.52 -16.92 -17.71
N ASP C 340 -28.46 -17.36 -17.04
CA ASP C 340 -28.46 -17.36 -15.58
C ASP C 340 -27.89 -16.06 -15.02
N PHE C 341 -28.80 -15.15 -14.70
CA PHE C 341 -28.47 -13.82 -14.18
C PHE C 341 -27.78 -13.80 -12.81
N PHE C 342 -28.19 -14.66 -11.89
CA PHE C 342 -27.58 -14.68 -10.55
C PHE C 342 -26.19 -15.28 -10.61
N LEU C 343 -25.98 -16.21 -11.52
CA LEU C 343 -24.65 -16.80 -11.71
C LEU C 343 -23.70 -15.82 -12.38
N TYR C 344 -24.20 -15.12 -13.39
CA TYR C 344 -23.44 -14.09 -14.07
C TYR C 344 -23.11 -12.95 -13.11
N ALA C 345 -24.04 -12.59 -12.22
CA ALA C 345 -23.77 -11.52 -11.23
C ALA C 345 -22.62 -11.94 -10.33
N GLU C 346 -22.72 -13.17 -9.82
CA GLU C 346 -21.69 -13.78 -9.00
C GLU C 346 -20.33 -13.67 -9.67
N GLN C 347 -20.28 -14.04 -10.95
CA GLN C 347 -19.03 -14.03 -11.70
CA GLN C 347 -19.03 -14.04 -11.72
C GLN C 347 -18.49 -12.62 -11.91
N ARG C 348 -19.38 -11.67 -12.23
CA ARG C 348 -18.97 -10.28 -12.38
C ARG C 348 -18.38 -9.68 -11.10
N LEU C 349 -18.98 -10.02 -9.96
CA LEU C 349 -18.49 -9.58 -8.66
C LEU C 349 -17.17 -10.25 -8.30
N LYS C 350 -16.96 -11.47 -8.77
CA LYS C 350 -15.66 -12.13 -8.63
C LYS C 350 -14.61 -11.45 -9.50
N MET C 351 -15.02 -10.99 -10.69
CA MET C 351 -14.15 -10.17 -11.54
C MET C 351 -13.77 -8.85 -10.87
N TYR C 352 -14.66 -8.30 -10.04
CA TYR C 352 -14.32 -7.14 -9.21
C TYR C 352 -13.22 -7.43 -8.19
N ASP C 353 -13.28 -8.62 -7.58
CA ASP C 353 -12.27 -9.05 -6.64
C ASP C 353 -10.89 -9.17 -7.31
N ASP C 354 -10.85 -9.80 -8.47
CA ASP C 354 -9.61 -9.96 -9.23
C ASP C 354 -9.04 -8.60 -9.63
N GLN C 355 -9.90 -7.71 -10.13
CA GLN C 355 -9.44 -6.40 -10.59
C GLN C 355 -8.96 -5.53 -9.43
N LYS C 356 -9.62 -5.67 -8.27
CA LYS C 356 -9.15 -5.00 -7.05
C LYS C 356 -7.72 -5.43 -6.69
N GLU C 357 -7.49 -6.74 -6.65
CA GLU C 357 -6.18 -7.29 -6.29
C GLU C 357 -5.13 -6.85 -7.30
N TYR C 358 -5.49 -6.85 -8.57
CA TYR C 358 -4.59 -6.40 -9.63
C TYR C 358 -4.15 -4.95 -9.42
N LEU C 359 -5.11 -4.07 -9.17
CA LEU C 359 -4.86 -2.62 -9.02
C LEU C 359 -4.12 -2.23 -7.74
N ILE C 360 -4.44 -2.92 -6.64
CA ILE C 360 -3.81 -2.64 -5.34
C ILE C 360 -2.37 -3.17 -5.29
N SER C 361 -2.19 -4.42 -5.72
CA SER C 361 -0.86 -5.06 -5.66
C SER C 361 0.12 -4.41 -6.65
N ASN C 362 -0.42 -3.76 -7.68
CA ASN C 362 0.40 -3.02 -8.63
C ASN C 362 0.50 -1.53 -8.31
N ASN C 363 0.05 -1.16 -7.10
CA ASN C 363 0.17 0.21 -6.60
C ASN C 363 -0.45 1.27 -7.53
N ILE C 364 -1.46 0.86 -8.30
CA ILE C 364 -2.12 1.72 -9.28
C ILE C 364 -3.15 2.64 -8.62
N ILE C 365 -3.90 2.07 -7.66
CA ILE C 365 -4.84 2.85 -6.86
C ILE C 365 -4.39 2.82 -5.41
N LYS C 366 -4.47 3.97 -4.73
CA LYS C 366 -3.99 4.09 -3.33
C LYS C 366 -5.04 4.69 -2.33
N GLY C 367 -5.03 4.18 -1.09
CA GLY C 367 -6.01 4.56 -0.06
C GLY C 367 -7.45 4.28 -0.48
N TYR C 368 -7.74 3.03 -0.86
CA TYR C 368 -9.07 2.61 -1.31
C TYR C 368 -9.91 2.07 -0.16
N ASP C 369 -9.34 0.95 0.50
CA ASP C 369 -10.04 0.38 1.68
C ASP C 369 -10.00 1.38 2.88
N LEU D 11 -0.58 -31.55 -24.26
CA LEU D 11 0.71 -31.17 -24.92
C LEU D 11 1.62 -32.34 -25.28
N THR D 12 1.32 -33.51 -24.73
CA THR D 12 1.95 -34.76 -25.17
C THR D 12 1.45 -35.18 -26.55
N ASP D 13 0.18 -34.87 -26.86
CA ASP D 13 -0.52 -35.36 -28.08
C ASP D 13 -0.01 -34.64 -29.33
N PRO D 14 0.68 -35.38 -30.24
CA PRO D 14 1.24 -34.78 -31.46
C PRO D 14 0.22 -33.99 -32.31
N LEU D 15 -1.03 -34.42 -32.32
CA LEU D 15 -2.06 -33.69 -33.07
C LEU D 15 -2.32 -32.28 -32.51
N TYR D 16 -2.25 -32.14 -31.19
CA TYR D 16 -2.35 -30.82 -30.56
C TYR D 16 -1.10 -29.97 -30.79
N ILE D 17 0.05 -30.63 -30.80
CA ILE D 17 1.31 -29.99 -31.19
C ILE D 17 1.21 -29.43 -32.63
N LYS D 18 0.79 -30.29 -33.57
CA LYS D 18 0.53 -29.86 -34.96
C LYS D 18 -0.43 -28.67 -34.98
N LYS D 19 -1.54 -28.76 -34.25
CA LYS D 19 -2.56 -27.72 -34.22
C LYS D 19 -1.99 -26.35 -33.81
N ILE D 20 -1.10 -26.35 -32.83
CA ILE D 20 -0.51 -25.11 -32.31
C ILE D 20 0.43 -24.51 -33.35
N CYS D 21 1.28 -25.35 -33.92
CA CYS D 21 2.20 -24.97 -34.98
C CYS D 21 1.49 -24.41 -36.21
N LEU D 22 0.27 -24.85 -36.46
CA LEU D 22 -0.46 -24.26 -37.58
C LEU D 22 -0.91 -22.87 -37.23
N GLU D 23 -1.30 -22.67 -35.97
CA GLU D 23 -1.73 -21.38 -35.45
C GLU D 23 -0.57 -20.41 -35.22
N LYS D 24 0.60 -20.95 -34.86
CA LYS D 24 1.71 -20.12 -34.35
C LYS D 24 2.89 -19.88 -35.30
N VAL D 25 3.01 -20.67 -36.37
CA VAL D 25 4.01 -20.36 -37.40
C VAL D 25 3.36 -19.90 -38.70
N PRO D 26 3.51 -18.61 -39.01
CA PRO D 26 2.92 -17.88 -40.13
C PRO D 26 2.95 -18.58 -41.47
N GLU D 27 4.06 -19.26 -41.78
CA GLU D 27 4.27 -19.87 -43.09
C GLU D 27 3.54 -21.20 -43.24
N TRP D 28 3.04 -21.75 -42.13
CA TRP D 28 2.28 -22.99 -42.15
C TRP D 28 0.78 -22.79 -41.95
N ASN D 29 0.35 -21.53 -41.80
CA ASN D 29 -1.05 -21.18 -41.52
C ASN D 29 -2.09 -21.91 -42.37
N HIS D 30 -1.75 -22.17 -43.63
CA HIS D 30 -2.75 -22.63 -44.60
C HIS D 30 -2.76 -24.14 -44.68
N PHE D 31 -1.84 -24.79 -43.97
CA PHE D 31 -1.75 -26.24 -43.97
C PHE D 31 -2.76 -26.85 -43.01
N THR D 32 -2.93 -28.16 -43.09
CA THR D 32 -3.67 -28.89 -42.06
C THR D 32 -2.71 -29.82 -41.35
N GLU D 33 -3.18 -30.50 -40.32
CA GLU D 33 -2.35 -31.40 -39.53
C GLU D 33 -1.77 -32.55 -40.36
N ASP D 34 -2.49 -32.98 -41.39
CA ASP D 34 -2.01 -34.01 -42.32
C ASP D 34 -0.73 -33.60 -43.05
N ASN D 35 -0.49 -32.31 -43.16
CA ASN D 35 0.75 -31.80 -43.75
C ASN D 35 1.95 -31.86 -42.81
N LEU D 36 1.74 -32.19 -41.54
CA LEU D 36 2.77 -32.07 -40.54
C LEU D 36 3.19 -33.41 -39.95
N ARG D 37 4.50 -33.56 -39.69
CA ARG D 37 5.05 -34.66 -38.88
C ARG D 37 5.63 -34.17 -37.53
N VAL D 38 5.48 -35.01 -36.50
CA VAL D 38 5.96 -34.67 -35.14
C VAL D 38 6.86 -35.79 -34.66
N LYS D 39 8.04 -35.46 -34.11
CA LYS D 39 8.94 -36.48 -33.57
C LYS D 39 9.68 -35.94 -32.35
N GLN D 40 9.53 -36.63 -31.21
CA GLN D 40 10.13 -36.18 -29.96
C GLN D 40 11.62 -36.43 -30.00
N ILE D 41 12.38 -35.49 -29.44
CA ILE D 41 13.82 -35.69 -29.29
C ILE D 41 14.24 -35.85 -27.84
N LEU D 42 15.09 -36.83 -27.58
CA LEU D 42 15.49 -37.13 -26.22
C LEU D 42 16.97 -36.82 -26.03
N LEU D 45 15.30 -33.31 -22.27
CA LEU D 45 15.32 -34.01 -20.99
C LEU D 45 14.77 -33.13 -19.85
N THR D 46 15.33 -31.93 -19.72
CA THR D 46 14.88 -30.99 -18.71
C THR D 46 13.60 -30.25 -19.22
N ASN D 47 13.41 -30.25 -20.55
CA ASN D 47 12.19 -29.78 -21.21
C ASN D 47 11.77 -30.83 -22.22
N GLN D 48 10.50 -30.86 -22.63
CA GLN D 48 10.06 -31.77 -23.70
C GLN D 48 10.26 -31.07 -25.03
N LEU D 49 11.06 -31.70 -25.90
CA LEU D 49 11.43 -31.11 -27.17
C LEU D 49 10.99 -32.02 -28.29
N PHE D 50 10.38 -31.40 -29.30
CA PHE D 50 9.84 -32.08 -30.46
C PHE D 50 10.30 -31.38 -31.74
N GLU D 51 10.79 -32.17 -32.70
CA GLU D 51 10.91 -31.75 -34.10
C GLU D 51 9.53 -31.81 -34.72
N VAL D 52 9.03 -30.68 -35.19
CA VAL D 52 7.77 -30.61 -35.93
C VAL D 52 8.12 -30.07 -37.32
N GLY D 53 7.59 -30.70 -38.36
CA GLY D 53 8.00 -30.31 -39.70
C GLY D 53 6.99 -30.68 -40.75
N LEU D 54 7.19 -30.16 -41.97
CA LEU D 54 6.37 -30.53 -43.13
C LEU D 54 6.74 -31.93 -43.48
N LYS D 55 5.75 -32.81 -43.67
CA LYS D 55 6.04 -34.16 -44.20
C LYS D 55 6.79 -34.10 -45.53
N GLU D 56 7.44 -35.20 -45.90
CA GLU D 56 8.29 -35.27 -47.07
C GLU D 56 7.60 -34.71 -48.35
N GLU D 57 6.42 -35.25 -48.68
CA GLU D 57 5.69 -34.82 -49.89
C GLU D 57 5.31 -33.35 -49.91
N THR D 58 4.82 -32.84 -48.79
CA THR D 58 4.48 -31.45 -48.65
C THR D 58 5.70 -30.54 -48.85
N ALA D 59 6.80 -30.88 -48.18
CA ALA D 59 8.04 -30.13 -48.31
C ALA D 59 8.51 -30.05 -49.75
N ASN D 60 8.33 -31.13 -50.51
CA ASN D 60 8.72 -31.21 -51.92
C ASN D 60 7.91 -30.28 -52.85
N ASN D 61 6.60 -30.22 -52.62
CA ASN D 61 5.67 -29.31 -53.32
C ASN D 61 5.84 -27.84 -52.94
N TYR D 62 6.24 -27.59 -51.70
CA TYR D 62 6.36 -26.23 -51.15
C TYR D 62 7.77 -25.98 -50.63
N ASN D 63 8.74 -26.00 -51.55
CA ASN D 63 10.17 -25.99 -51.16
C ASN D 63 10.76 -24.63 -50.77
N SER D 64 9.99 -23.56 -50.91
CA SER D 64 10.43 -22.24 -50.48
C SER D 64 10.23 -22.05 -48.97
N ILE D 65 9.21 -22.71 -48.42
CA ILE D 65 8.82 -22.47 -47.03
C ILE D 65 9.60 -23.27 -45.98
N ARG D 66 9.60 -22.70 -44.77
CA ARG D 66 10.25 -23.30 -43.59
C ARG D 66 9.80 -24.75 -43.38
N THR D 67 10.75 -25.65 -43.23
CA THR D 67 10.43 -27.08 -43.24
CA THR D 67 10.48 -27.10 -43.24
C THR D 67 10.43 -27.73 -41.85
N ARG D 68 10.97 -27.02 -40.85
CA ARG D 68 11.06 -27.53 -39.48
C ARG D 68 11.04 -26.41 -38.45
N VAL D 69 10.58 -26.76 -37.25
CA VAL D 69 10.71 -25.90 -36.07
C VAL D 69 11.08 -26.79 -34.89
N LEU D 70 11.60 -26.16 -33.85
CA LEU D 70 11.85 -26.83 -32.61
C LEU D 70 10.73 -26.41 -31.66
N PHE D 71 9.93 -27.38 -31.22
CA PHE D 71 8.80 -27.16 -30.30
C PHE D 71 9.27 -27.58 -28.92
N ARG D 72 9.33 -26.60 -28.00
CA ARG D 72 9.91 -26.73 -26.66
C ARG D 72 8.83 -26.51 -25.62
N ILE D 73 8.48 -27.58 -24.91
CA ILE D 73 7.56 -27.53 -23.79
C ILE D 73 8.42 -27.48 -22.53
N TYR D 74 8.19 -26.45 -21.71
CA TYR D 74 8.94 -26.28 -20.47
C TYR D 74 8.69 -27.45 -19.50
N GLY D 75 9.78 -28.07 -19.05
CA GLY D 75 9.74 -29.11 -18.02
C GLY D 75 8.96 -28.68 -16.80
N LYS D 76 8.33 -29.65 -16.16
CA LYS D 76 7.53 -29.37 -14.98
C LYS D 76 8.40 -28.85 -13.81
N HIS D 77 9.64 -29.35 -13.64
CA HIS D 77 10.45 -28.90 -12.47
C HIS D 77 11.58 -27.92 -12.79
N VAL D 78 11.58 -27.31 -13.96
CA VAL D 78 12.68 -26.45 -14.38
C VAL D 78 12.93 -25.25 -13.42
N ASP D 79 11.90 -24.77 -12.74
CA ASP D 79 12.07 -23.69 -11.74
C ASP D 79 12.88 -24.10 -10.50
N GLU D 80 13.17 -25.39 -10.39
CA GLU D 80 14.04 -25.90 -9.33
C GLU D 80 15.49 -25.60 -9.68
N LEU D 81 15.70 -25.37 -10.97
CA LEU D 81 17.03 -25.08 -11.51
C LEU D 81 17.27 -23.59 -11.72
N TYR D 82 16.29 -22.88 -12.29
CA TYR D 82 16.47 -21.46 -12.58
C TYR D 82 15.18 -20.65 -12.57
N ASN D 83 15.31 -19.32 -12.51
CA ASN D 83 14.14 -18.47 -12.61
C ASN D 83 13.54 -18.43 -14.00
N THR D 84 12.23 -18.62 -14.05
CA THR D 84 11.54 -18.92 -15.27
C THR D 84 11.32 -17.69 -16.16
N ILE D 85 10.84 -16.61 -15.56
CA ILE D 85 10.70 -15.34 -16.26
C ILE D 85 12.06 -14.81 -16.74
N SER D 86 13.07 -14.82 -15.87
CA SER D 86 14.42 -14.37 -16.27
C SER D 86 15.00 -15.17 -17.44
N GLU D 87 14.82 -16.49 -17.48
CA GLU D 87 15.36 -17.26 -18.62
C GLU D 87 14.74 -16.87 -19.97
N PHE D 88 13.43 -16.64 -19.99
CA PHE D 88 12.76 -16.15 -21.20
C PHE D 88 13.14 -14.71 -21.54
N GLU D 89 13.33 -13.84 -20.55
CA GLU D 89 13.77 -12.48 -20.87
C GLU D 89 15.17 -12.48 -21.50
N VAL D 90 16.07 -13.31 -20.98
CA VAL D 90 17.40 -13.39 -21.52
C VAL D 90 17.39 -14.00 -22.91
N TYR D 91 16.53 -15.01 -23.10
CA TYR D 91 16.45 -15.68 -24.40
C TYR D 91 15.98 -14.73 -25.51
N LYS D 92 14.97 -13.92 -25.22
CA LYS D 92 14.46 -12.88 -26.16
C LYS D 92 15.54 -11.92 -26.63
N THR D 93 16.42 -11.52 -25.72
CA THR D 93 17.52 -10.62 -26.05
C THR D 93 18.58 -11.31 -26.91
N MET D 94 18.86 -12.57 -26.58
CA MET D 94 19.86 -13.37 -27.30
C MET D 94 19.37 -13.74 -28.68
N SER D 95 18.07 -13.95 -28.81
CA SER D 95 17.43 -14.20 -30.09
C SER D 95 17.44 -12.90 -30.93
N LYS D 96 17.02 -11.81 -30.30
CA LYS D 96 17.09 -10.46 -30.87
C LYS D 96 18.45 -10.16 -31.51
N TYR D 97 19.54 -10.58 -30.86
CA TYR D 97 20.88 -10.26 -31.35
C TYR D 97 21.39 -11.32 -32.32
N LYS D 98 20.57 -12.35 -32.52
CA LYS D 98 20.88 -13.47 -33.39
C LYS D 98 22.02 -14.31 -32.86
N ILE D 99 22.15 -14.35 -31.54
CA ILE D 99 23.14 -15.21 -30.87
C ILE D 99 22.59 -16.63 -30.63
N ALA D 100 21.34 -16.70 -30.18
CA ALA D 100 20.56 -17.91 -29.95
C ALA D 100 19.64 -18.17 -31.16
N PRO D 101 19.16 -19.43 -31.36
CA PRO D 101 18.17 -19.65 -32.45
C PRO D 101 16.98 -18.72 -32.30
N GLN D 102 16.38 -18.32 -33.42
CA GLN D 102 15.38 -17.24 -33.40
C GLN D 102 14.08 -17.66 -32.72
N LEU D 103 13.53 -16.77 -31.90
CA LEU D 103 12.21 -16.99 -31.30
C LEU D 103 11.19 -16.80 -32.41
N LEU D 104 10.37 -17.83 -32.62
CA LEU D 104 9.33 -17.76 -33.62
C LEU D 104 8.03 -17.35 -32.96
N ASN D 105 7.64 -18.09 -31.92
CA ASN D 105 6.42 -17.82 -31.20
C ASN D 105 6.40 -18.48 -29.83
N THR D 106 5.45 -18.06 -29.01
CA THR D 106 5.18 -18.70 -27.74
C THR D 106 3.77 -19.27 -27.74
N PHE D 107 3.54 -20.22 -26.85
CA PHE D 107 2.22 -20.75 -26.59
C PHE D 107 2.09 -21.03 -25.10
N ASN D 108 0.88 -21.35 -24.64
CA ASN D 108 0.63 -21.71 -23.24
C ASN D 108 1.46 -22.94 -22.84
N GLY D 109 2.57 -22.70 -22.14
CA GLY D 109 3.45 -23.79 -21.67
C GLY D 109 4.76 -24.04 -22.43
N GLY D 110 5.17 -23.17 -23.33
CA GLY D 110 6.42 -23.39 -24.06
C GLY D 110 6.62 -22.37 -25.15
N ARG D 111 7.51 -22.67 -26.10
CA ARG D 111 7.79 -21.76 -27.22
C ARG D 111 8.24 -22.55 -28.46
N ILE D 112 8.22 -21.90 -29.62
CA ILE D 112 8.65 -22.49 -30.90
C ILE D 112 9.87 -21.70 -31.38
N GLU D 113 10.94 -22.40 -31.71
CA GLU D 113 12.21 -21.78 -32.15
C GLU D 113 12.63 -22.21 -33.54
N GLU D 114 13.48 -21.40 -34.16
CA GLU D 114 14.24 -21.80 -35.34
C GLU D 114 14.87 -23.18 -35.15
N TRP D 115 14.77 -24.02 -36.19
CA TRP D 115 15.47 -25.30 -36.26
C TRP D 115 16.85 -25.11 -36.86
N LEU D 116 17.88 -25.41 -36.07
CA LEU D 116 19.27 -25.28 -36.49
C LEU D 116 19.70 -26.57 -37.11
N TYR D 117 20.24 -26.49 -38.32
CA TYR D 117 20.84 -27.65 -38.99
C TYR D 117 22.31 -27.67 -38.64
N GLY D 118 22.79 -28.84 -38.22
CA GLY D 118 24.19 -29.00 -37.85
C GLY D 118 24.28 -30.12 -36.83
N ASP D 119 25.48 -30.64 -36.61
CA ASP D 119 25.71 -31.69 -35.63
C ASP D 119 26.34 -31.03 -34.40
N PRO D 120 25.94 -31.47 -33.20
CA PRO D 120 26.64 -30.97 -32.00
C PRO D 120 28.08 -31.50 -32.00
N LEU D 121 29.01 -30.77 -31.40
CA LEU D 121 30.36 -31.29 -31.19
C LEU D 121 30.34 -32.52 -30.27
N ARG D 122 31.34 -33.39 -30.41
CA ARG D 122 31.50 -34.54 -29.52
C ARG D 122 32.84 -34.45 -28.81
N ILE D 123 33.08 -35.36 -27.86
CA ILE D 123 34.25 -35.25 -26.99
C ILE D 123 35.58 -35.23 -27.76
N ASP D 124 35.70 -36.08 -28.77
CA ASP D 124 36.96 -36.20 -29.47
C ASP D 124 37.20 -35.03 -30.40
N ASP D 125 36.13 -34.37 -30.82
CA ASP D 125 36.24 -33.18 -31.66
C ASP D 125 37.01 -32.08 -30.94
N LEU D 126 36.96 -32.08 -29.61
CA LEU D 126 37.68 -31.11 -28.81
C LEU D 126 39.19 -31.38 -28.72
N LYS D 127 39.67 -32.44 -29.39
CA LYS D 127 41.11 -32.69 -29.51
C LYS D 127 41.70 -31.96 -30.73
N ASN D 128 40.82 -31.60 -31.66
CA ASN D 128 41.21 -30.99 -32.93
C ASN D 128 41.49 -29.50 -32.73
N PRO D 129 42.74 -29.07 -32.99
CA PRO D 129 43.13 -27.66 -32.78
C PRO D 129 42.26 -26.67 -33.61
N THR D 130 42.03 -26.98 -34.89
CA THR D 130 41.12 -26.19 -35.73
C THR D 130 39.78 -25.91 -35.00
N ILE D 131 39.17 -26.96 -34.47
CA ILE D 131 37.90 -26.86 -33.76
C ILE D 131 38.04 -26.08 -32.44
N LEU D 132 39.12 -26.35 -31.71
CA LEU D 132 39.42 -25.62 -30.48
C LEU D 132 39.49 -24.10 -30.72
N ILE D 133 40.24 -23.70 -31.75
CA ILE D 133 40.36 -22.29 -32.16
C ILE D 133 38.99 -21.72 -32.53
N GLY D 134 38.22 -22.45 -33.33
CA GLY D 134 36.86 -22.07 -33.66
C GLY D 134 36.00 -21.80 -32.44
N ILE D 135 36.04 -22.71 -31.46
CA ILE D 135 35.27 -22.55 -30.23
C ILE D 135 35.69 -21.27 -29.51
N ALA D 136 37.02 -21.09 -29.37
CA ALA D 136 37.61 -19.92 -28.72
C ALA D 136 37.23 -18.61 -29.41
N ASN D 137 37.25 -18.60 -30.73
CA ASN D 137 36.86 -17.42 -31.51
C ASN D 137 35.43 -16.96 -31.19
N VAL D 138 34.48 -17.91 -31.19
CA VAL D 138 33.09 -17.55 -30.95
C VAL D 138 32.84 -17.14 -29.50
N LEU D 139 33.53 -17.80 -28.57
CA LEU D 139 33.43 -17.46 -27.15
C LEU D 139 33.93 -16.04 -26.89
N GLY D 140 35.14 -15.75 -27.38
CA GLY D 140 35.76 -14.44 -27.23
C GLY D 140 34.88 -13.35 -27.81
N LYS D 141 34.39 -13.58 -29.02
CA LYS D 141 33.43 -12.68 -29.65
C LYS D 141 32.18 -12.53 -28.77
N PHE D 142 31.57 -13.64 -28.38
CA PHE D 142 30.39 -13.65 -27.51
C PHE D 142 30.60 -12.85 -26.22
N HIS D 143 31.76 -13.01 -25.60
CA HIS D 143 32.03 -12.31 -24.34
C HIS D 143 32.12 -10.80 -24.50
N THR D 144 32.31 -10.29 -25.73
CA THR D 144 32.40 -8.84 -25.96
C THR D 144 31.05 -8.14 -25.84
N LEU D 145 29.96 -8.91 -25.82
CA LEU D 145 28.59 -8.38 -25.93
C LEU D 145 28.21 -7.28 -24.91
N SER D 146 28.60 -7.45 -23.64
CA SER D 146 28.17 -6.50 -22.60
C SER D 146 28.77 -5.12 -22.81
N ARG D 147 30.02 -5.09 -23.28
CA ARG D 147 30.69 -3.83 -23.58
C ARG D 147 30.35 -3.31 -24.98
N LYS D 148 29.75 -4.18 -25.80
CA LYS D 148 29.46 -3.85 -27.21
C LYS D 148 27.99 -3.49 -27.47
N ARG D 149 27.10 -3.87 -26.54
CA ARG D 149 25.65 -3.63 -26.66
C ARG D 149 25.00 -3.27 -25.29
N HIS D 150 23.75 -2.76 -25.35
CA HIS D 150 23.03 -2.50 -24.09
C HIS D 150 22.31 -3.77 -23.64
N LEU D 151 22.56 -4.18 -22.41
CA LEU D 151 21.83 -5.30 -21.84
C LEU D 151 20.80 -4.70 -20.88
N PRO D 152 19.53 -5.19 -20.96
CA PRO D 152 18.44 -4.57 -20.19
C PRO D 152 18.91 -4.26 -18.78
N GLU D 153 18.62 -3.03 -18.34
CA GLU D 153 19.17 -2.45 -17.12
C GLU D 153 18.82 -3.24 -15.87
N HIS D 154 17.66 -3.88 -15.88
CA HIS D 154 17.08 -4.38 -14.62
C HIS D 154 17.68 -5.72 -14.29
N TRP D 155 18.44 -6.26 -15.24
CA TRP D 155 19.17 -7.49 -15.05
C TRP D 155 20.20 -7.30 -13.97
N ASP D 156 20.24 -8.29 -13.10
CA ASP D 156 21.17 -8.34 -12.00
C ASP D 156 22.56 -8.68 -12.53
N ARG D 157 23.54 -7.83 -12.16
CA ARG D 157 24.94 -8.04 -12.58
C ARG D 157 25.72 -9.02 -11.67
N THR D 158 25.13 -9.19 -10.39
CA THR D 158 25.74 -10.24 -9.52
C THR D 158 26.21 -11.45 -10.35
N PRO D 159 27.50 -11.84 -10.23
CA PRO D 159 28.01 -13.05 -10.90
C PRO D 159 27.21 -14.28 -10.53
N CYS D 160 26.93 -15.10 -11.54
CA CYS D 160 26.05 -16.24 -11.41
C CYS D 160 26.68 -17.41 -10.67
N ILE D 161 28.00 -17.49 -10.60
CA ILE D 161 28.60 -18.51 -9.72
C ILE D 161 28.02 -18.37 -8.30
N PHE D 162 27.84 -17.13 -7.82
CA PHE D 162 27.25 -16.88 -6.51
C PHE D 162 25.77 -17.26 -6.43
N LYS D 163 24.99 -16.79 -7.41
CA LYS D 163 23.55 -17.05 -7.46
C LYS D 163 23.26 -18.55 -7.54
N MET D 164 23.91 -19.25 -8.47
CA MET D 164 23.62 -20.66 -8.73
C MET D 164 24.06 -21.55 -7.59
N MET D 165 25.13 -21.14 -6.92
CA MET D 165 25.68 -21.93 -5.83
C MET D 165 24.75 -21.87 -4.65
N GLU D 166 24.34 -20.67 -4.28
CA GLU D 166 23.39 -20.53 -3.18
CA GLU D 166 23.39 -20.50 -3.18
C GLU D 166 22.08 -21.23 -3.50
N LYS D 167 21.52 -20.97 -4.67
CA LYS D 167 20.23 -21.55 -5.04
C LYS D 167 20.24 -23.07 -5.03
N TRP D 168 21.26 -23.67 -5.61
CA TRP D 168 21.29 -25.13 -5.80
C TRP D 168 21.72 -25.88 -4.55
N LYS D 169 22.60 -25.27 -3.75
CA LYS D 169 22.89 -25.72 -2.38
C LYS D 169 21.61 -25.79 -1.57
N ASN D 170 20.86 -24.69 -1.53
CA ASN D 170 19.65 -24.63 -0.70
C ASN D 170 18.55 -25.58 -1.17
N GLN D 171 18.56 -25.94 -2.45
CA GLN D 171 17.63 -26.92 -3.01
C GLN D 171 17.86 -28.34 -2.46
N LEU D 172 19.12 -28.71 -2.25
CA LEU D 172 19.47 -30.01 -1.71
C LEU D 172 18.81 -30.34 -0.37
N PHE D 173 18.52 -29.31 0.43
CA PHE D 173 17.88 -29.46 1.74
C PHE D 173 16.46 -29.99 1.64
N LYS D 174 15.86 -29.88 0.44
CA LYS D 174 14.50 -30.35 0.19
C LYS D 174 14.35 -31.86 0.35
N TYR D 175 15.37 -32.60 -0.06
CA TYR D 175 15.21 -34.05 -0.26
C TYR D 175 15.28 -34.89 0.99
N LYS D 176 14.28 -35.75 1.15
CA LYS D 176 14.21 -36.73 2.22
C LYS D 176 15.33 -37.73 2.10
N ASN D 177 15.88 -38.13 3.24
CA ASN D 177 16.81 -39.26 3.28
C ASN D 177 17.91 -39.20 2.20
N ILE D 178 18.53 -38.01 2.07
CA ILE D 178 19.46 -37.75 0.98
C ILE D 178 20.69 -38.67 0.99
N GLU D 179 21.03 -39.17 2.18
CA GLU D 179 22.21 -39.99 2.43
C GLU D 179 22.14 -41.33 1.71
N LYS D 180 20.92 -41.76 1.38
CA LYS D 180 20.67 -43.03 0.70
C LYS D 180 21.36 -43.12 -0.65
N TYR D 181 21.37 -42.01 -1.40
CA TYR D 181 21.97 -42.00 -2.72
C TYR D 181 23.18 -41.08 -2.73
N ASN D 182 23.26 -40.20 -1.75
CA ASN D 182 24.26 -39.13 -1.76
C ASN D 182 25.03 -39.07 -0.47
N CYS D 183 26.33 -39.28 -0.60
CA CYS D 183 27.12 -39.77 0.51
C CYS D 183 27.45 -38.79 1.65
N ASP D 184 28.28 -37.81 1.32
CA ASP D 184 28.81 -36.88 2.29
C ASP D 184 28.37 -35.50 1.84
N ILE D 185 27.13 -35.43 1.35
CA ILE D 185 26.63 -34.25 0.68
C ILE D 185 26.74 -33.02 1.58
N HIS D 186 26.39 -33.18 2.86
CA HIS D 186 26.52 -32.08 3.81
C HIS D 186 27.96 -31.58 3.97
N LYS D 187 28.93 -32.48 3.87
CA LYS D 187 30.35 -32.09 3.88
C LYS D 187 30.68 -31.24 2.65
N TYR D 188 30.15 -31.62 1.50
CA TYR D 188 30.27 -30.84 0.28
C TYR D 188 29.56 -29.49 0.33
N ILE D 189 28.40 -29.46 0.95
CA ILE D 189 27.68 -28.21 1.18
C ILE D 189 28.57 -27.25 2.00
N LYS D 190 29.31 -27.80 2.96
CA LYS D 190 30.28 -27.04 3.74
C LYS D 190 31.36 -26.48 2.83
N GLU D 191 31.91 -27.34 1.98
CA GLU D 191 32.98 -26.94 1.06
C GLU D 191 32.51 -25.80 0.16
N SER D 192 31.28 -25.90 -0.36
CA SER D 192 30.71 -24.89 -1.25
C SER D 192 30.73 -23.51 -0.60
N ASP D 193 30.37 -23.46 0.68
CA ASP D 193 30.42 -22.24 1.50
C ASP D 193 31.84 -21.67 1.65
N LYS D 194 32.85 -22.55 1.69
CA LYS D 194 34.26 -22.15 1.69
C LYS D 194 34.70 -21.59 0.34
N PHE D 195 34.29 -22.24 -0.75
CA PHE D 195 34.72 -21.77 -2.06
C PHE D 195 34.16 -20.39 -2.34
N ILE D 196 32.88 -20.20 -2.00
CA ILE D 196 32.17 -18.95 -2.24
C ILE D 196 32.83 -17.81 -1.45
N LYS D 197 33.07 -18.06 -0.16
CA LYS D 197 33.78 -17.12 0.71
C LYS D 197 35.13 -16.77 0.10
N PHE D 198 35.88 -17.79 -0.30
CA PHE D 198 37.15 -17.63 -1.00
C PHE D 198 37.03 -16.80 -2.27
N MET D 199 36.06 -17.16 -3.12
CA MET D 199 35.87 -16.54 -4.44
C MET D 199 35.37 -15.10 -4.34
N LYS D 200 34.65 -14.81 -3.25
CA LYS D 200 34.30 -13.42 -2.92
C LYS D 200 35.54 -12.55 -2.82
N VAL D 201 36.63 -13.13 -2.30
CA VAL D 201 37.94 -12.44 -2.18
C VAL D 201 38.81 -12.64 -3.43
N TYR D 202 39.18 -13.96 -3.71
CA TYR D 202 39.97 -14.21 -4.94
C TYR D 202 39.66 -13.23 -6.12
N SER D 203 38.35 -13.20 -6.50
CA SER D 203 37.95 -12.22 -7.62
C SER D 203 38.21 -10.71 -7.44
N LYS D 204 38.39 -10.23 -6.10
CA LYS D 204 38.54 -8.78 -5.97
C LYS D 204 39.67 -8.09 -6.85
N SER D 205 40.83 -8.91 -6.84
CA SER D 205 42.04 -8.42 -7.55
C SER D 205 41.74 -8.05 -9.04
N ASP D 206 42.45 -7.03 -9.54
CA ASP D 206 42.21 -6.49 -10.88
C ASP D 206 43.08 -7.17 -11.93
N ASN D 207 42.61 -8.36 -12.33
CA ASN D 207 43.15 -9.10 -13.44
C ASN D 207 42.04 -9.30 -14.47
N LEU D 208 42.43 -9.67 -15.69
CA LEU D 208 41.48 -9.94 -16.78
C LEU D 208 40.51 -11.09 -16.51
N ALA D 209 40.99 -12.16 -15.87
CA ALA D 209 40.22 -13.39 -15.70
C ALA D 209 38.99 -13.20 -14.79
N ASN D 210 39.07 -12.19 -13.93
CA ASN D 210 37.97 -11.83 -13.05
C ASN D 210 36.93 -10.91 -13.72
N THR D 211 37.14 -10.56 -14.99
CA THR D 211 36.24 -9.64 -15.67
C THR D 211 34.83 -10.22 -15.63
N ILE D 212 33.89 -9.43 -15.13
CA ILE D 212 32.49 -9.79 -15.24
C ILE D 212 31.99 -9.49 -16.66
N VAL D 213 31.58 -10.57 -17.33
CA VAL D 213 31.04 -10.49 -18.66
C VAL D 213 29.77 -11.38 -18.70
N PHE D 214 29.01 -11.32 -19.80
CA PHE D 214 27.81 -12.15 -19.96
C PHE D 214 28.17 -13.55 -20.42
N CYS D 215 28.11 -14.50 -19.48
CA CYS D 215 28.50 -15.87 -19.75
C CYS D 215 27.34 -16.77 -20.12
N HIS D 216 27.64 -17.72 -21.00
CA HIS D 216 26.76 -18.86 -21.33
C HIS D 216 26.51 -19.73 -20.06
N ASN D 217 27.58 -20.03 -19.32
CA ASN D 217 27.49 -20.79 -18.05
C ASN D 217 27.26 -22.30 -18.13
N ASP D 218 27.18 -22.83 -19.34
CA ASP D 218 27.05 -24.30 -19.51
C ASP D 218 27.69 -24.74 -20.81
N LEU D 219 28.92 -24.29 -21.03
CA LEU D 219 29.63 -24.65 -22.24
C LEU D 219 30.14 -26.08 -22.17
N GLN D 220 29.50 -27.00 -22.84
CA GLN D 220 30.04 -28.36 -23.07
C GLN D 220 29.76 -28.61 -24.53
N GLU D 221 30.33 -29.66 -25.13
CA GLU D 221 30.24 -29.95 -26.58
C GLU D 221 28.83 -29.90 -27.12
N ASN D 222 27.93 -30.47 -26.31
CA ASN D 222 26.48 -30.52 -26.50
C ASN D 222 25.81 -29.25 -26.96
N ASN D 223 26.31 -28.16 -26.40
CA ASN D 223 25.71 -26.87 -26.58
C ASN D 223 26.43 -26.04 -27.65
N ILE D 224 27.25 -26.72 -28.46
CA ILE D 224 28.01 -26.09 -29.54
C ILE D 224 27.71 -26.88 -30.78
N ILE D 225 27.03 -26.24 -31.73
CA ILE D 225 26.61 -26.90 -32.96
C ILE D 225 27.49 -26.50 -34.16
N ASN D 226 27.95 -27.53 -34.88
CA ASN D 226 28.68 -27.39 -36.10
C ASN D 226 27.68 -27.26 -37.24
N THR D 227 27.40 -26.02 -37.64
CA THR D 227 26.53 -25.73 -38.79
C THR D 227 27.34 -25.53 -40.07
N ASN D 228 26.62 -25.30 -41.17
CA ASN D 228 27.21 -25.09 -42.49
C ASN D 228 28.08 -23.85 -42.58
N LYS D 229 27.82 -22.85 -41.75
CA LYS D 229 28.54 -21.58 -41.86
C LYS D 229 29.52 -21.34 -40.70
N CYS D 230 29.27 -21.97 -39.57
CA CYS D 230 30.01 -21.69 -38.34
C CYS D 230 29.68 -22.68 -37.24
N LEU D 231 30.33 -22.50 -36.09
CA LEU D 231 29.93 -23.11 -34.83
C LEU D 231 28.99 -22.15 -34.16
N ARG D 232 27.90 -22.66 -33.60
CA ARG D 232 26.89 -21.85 -32.94
C ARG D 232 26.62 -22.32 -31.49
N LEU D 233 26.46 -21.39 -30.56
CA LEU D 233 26.10 -21.77 -29.20
C LEU D 233 24.59 -21.98 -29.10
N ILE D 234 24.19 -22.97 -28.30
CA ILE D 234 22.77 -23.16 -28.03
C ILE D 234 22.57 -23.38 -26.55
N ASP D 235 21.29 -23.33 -26.15
CA ASP D 235 20.85 -23.62 -24.78
C ASP D 235 21.37 -22.61 -23.76
N PHE D 236 20.81 -21.41 -23.82
CA PHE D 236 21.26 -20.30 -22.99
C PHE D 236 20.52 -20.17 -21.65
N GLU D 237 19.91 -21.27 -21.19
CA GLU D 237 19.06 -21.17 -19.99
CA GLU D 237 19.08 -21.29 -19.94
C GLU D 237 19.85 -20.79 -18.74
N TYR D 238 21.12 -21.18 -18.66
CA TYR D 238 21.91 -20.81 -17.49
C TYR D 238 22.64 -19.49 -17.65
N SER D 239 22.51 -18.89 -18.83
CA SER D 239 23.38 -17.80 -19.21
C SER D 239 23.11 -16.62 -18.31
N GLY D 240 24.16 -15.86 -18.06
CA GLY D 240 24.08 -14.73 -17.22
C GLY D 240 25.49 -14.23 -16.95
N PHE D 241 25.53 -13.08 -16.34
CA PHE D 241 26.78 -12.46 -16.02
C PHE D 241 27.59 -13.35 -15.07
N ASN D 242 28.90 -13.37 -15.28
CA ASN D 242 29.78 -14.16 -14.44
C ASN D 242 31.24 -13.73 -14.68
N PHE D 243 32.15 -14.15 -13.81
CA PHE D 243 33.59 -14.02 -14.08
C PHE D 243 33.96 -14.77 -15.37
N LEU D 244 34.65 -14.07 -16.26
CA LEU D 244 35.03 -14.58 -17.59
C LEU D 244 35.73 -15.95 -17.60
N ALA D 245 36.58 -16.21 -16.60
CA ALA D 245 37.28 -17.50 -16.48
C ALA D 245 36.30 -18.66 -16.23
N THR D 246 35.11 -18.30 -15.78
CA THR D 246 34.08 -19.27 -15.46
C THR D 246 33.61 -20.07 -16.68
N ASP D 247 33.36 -19.38 -17.80
CA ASP D 247 32.95 -20.06 -19.04
C ASP D 247 34.03 -20.99 -19.54
N ILE D 248 35.27 -20.52 -19.49
CA ILE D 248 36.41 -21.30 -19.97
C ILE D 248 36.63 -22.51 -19.05
N ALA D 249 36.45 -22.30 -17.73
CA ALA D 249 36.55 -23.39 -16.76
C ALA D 249 35.67 -24.57 -17.15
N ASN D 250 34.36 -24.36 -17.27
CA ASN D 250 33.43 -25.44 -17.66
C ASN D 250 33.84 -26.14 -18.92
N PHE D 251 34.20 -25.37 -19.94
CA PHE D 251 34.53 -25.96 -21.22
C PHE D 251 35.74 -26.91 -21.12
N PHE D 252 36.79 -26.45 -20.44
CA PHE D 252 38.03 -27.20 -20.23
C PHE D 252 37.79 -28.52 -19.47
N ILE D 253 36.98 -28.45 -18.41
CA ILE D 253 36.58 -29.63 -17.67
C ILE D 253 35.90 -30.60 -18.63
N GLU D 254 34.98 -30.04 -19.42
CA GLU D 254 34.14 -30.83 -20.31
C GLU D 254 34.88 -31.55 -21.42
N THR D 255 36.14 -31.19 -21.69
CA THR D 255 37.01 -31.94 -22.61
C THR D 255 37.34 -33.36 -22.10
N SER D 256 37.08 -33.59 -20.81
CA SER D 256 37.39 -34.86 -20.18
C SER D 256 36.14 -35.68 -19.83
N ILE D 257 34.95 -35.13 -20.12
CA ILE D 257 33.69 -35.81 -19.76
C ILE D 257 32.94 -36.23 -21.03
N ASP D 258 32.74 -37.55 -21.17
CA ASP D 258 32.06 -38.09 -22.32
C ASP D 258 30.62 -38.47 -21.89
N TYR D 259 29.61 -37.94 -22.59
CA TYR D 259 28.22 -38.26 -22.29
C TYR D 259 27.61 -39.23 -23.30
N SER D 260 28.37 -39.53 -24.34
CA SER D 260 27.86 -40.40 -25.39
C SER D 260 28.04 -41.91 -25.06
N VAL D 261 28.05 -42.26 -23.77
CA VAL D 261 28.40 -43.62 -23.39
C VAL D 261 27.14 -44.52 -23.35
N SER D 262 27.18 -45.63 -24.06
CA SER D 262 26.00 -46.47 -24.19
C SER D 262 25.89 -47.56 -23.08
N SER D 263 26.97 -47.69 -22.30
CA SER D 263 27.03 -48.57 -21.14
C SER D 263 26.83 -47.80 -19.82
N TYR D 264 26.32 -48.48 -18.79
CA TYR D 264 26.18 -47.86 -17.45
C TYR D 264 27.55 -47.37 -16.91
N PRO D 265 27.63 -46.17 -16.27
CA PRO D 265 26.61 -45.17 -15.85
C PRO D 265 26.16 -44.14 -16.91
N PHE D 266 26.55 -44.40 -18.16
CA PHE D 266 26.19 -43.65 -19.38
C PHE D 266 26.86 -42.27 -19.37
N PHE D 267 28.05 -42.26 -18.78
CA PHE D 267 29.06 -41.24 -18.96
C PHE D 267 30.41 -41.89 -18.64
N GLU D 268 31.49 -41.33 -19.19
CA GLU D 268 32.85 -41.59 -18.69
C GLU D 268 33.62 -40.29 -18.40
N ILE D 269 34.37 -40.28 -17.30
CA ILE D 269 35.25 -39.15 -17.01
C ILE D 269 36.68 -39.67 -17.00
N ASP D 270 37.50 -39.11 -17.89
CA ASP D 270 38.87 -39.52 -18.02
C ASP D 270 39.79 -38.32 -17.95
N LYS D 271 40.60 -38.29 -16.89
CA LYS D 271 41.48 -37.17 -16.63
C LYS D 271 42.53 -37.02 -17.72
N LYS D 272 42.97 -38.16 -18.27
CA LYS D 272 43.94 -38.21 -19.38
C LYS D 272 43.48 -37.45 -20.63
N LYS D 273 42.18 -37.23 -20.76
CA LYS D 273 41.62 -36.53 -21.91
C LYS D 273 41.47 -35.02 -21.71
N TYR D 274 41.69 -34.53 -20.49
CA TYR D 274 41.65 -33.09 -20.22
C TYR D 274 42.57 -32.30 -21.15
N ILE D 275 42.05 -31.21 -21.71
CA ILE D 275 42.77 -30.34 -22.66
C ILE D 275 44.22 -30.09 -22.26
N SER D 276 45.15 -30.43 -23.15
CA SER D 276 46.58 -30.35 -22.80
C SER D 276 46.99 -28.90 -22.50
N TYR D 277 48.18 -28.74 -21.91
CA TYR D 277 48.70 -27.41 -21.59
C TYR D 277 48.88 -26.59 -22.87
N GLU D 278 49.52 -27.19 -23.88
CA GLU D 278 49.71 -26.52 -25.18
C GLU D 278 48.39 -26.05 -25.79
N ASN D 279 47.39 -26.92 -25.80
CA ASN D 279 46.08 -26.58 -26.35
C ASN D 279 45.27 -25.58 -25.49
N ARG D 280 45.48 -25.60 -24.17
CA ARG D 280 44.92 -24.57 -23.28
C ARG D 280 45.46 -23.19 -23.65
N LYS D 281 46.78 -23.11 -23.86
CA LYS D 281 47.47 -21.91 -24.34
C LYS D 281 46.95 -21.49 -25.72
N LEU D 282 46.82 -22.46 -26.62
CA LEU D 282 46.30 -22.25 -27.95
C LEU D 282 44.88 -21.69 -27.90
N PHE D 283 44.05 -22.28 -27.04
CA PHE D 283 42.67 -21.86 -26.86
C PHE D 283 42.58 -20.42 -26.36
N ILE D 284 43.33 -20.10 -25.30
CA ILE D 284 43.31 -18.75 -24.76
C ILE D 284 43.89 -17.71 -25.74
N THR D 285 44.88 -18.09 -26.53
CA THR D 285 45.40 -17.21 -27.58
C THR D 285 44.33 -16.84 -28.60
N ALA D 286 43.63 -17.86 -29.11
CA ALA D 286 42.54 -17.64 -30.06
C ALA D 286 41.36 -16.90 -29.43
N TYR D 287 41.13 -17.13 -28.14
CA TYR D 287 40.08 -16.47 -27.38
C TYR D 287 40.36 -14.97 -27.26
N LEU D 288 41.60 -14.63 -26.93
CA LEU D 288 41.98 -13.23 -26.74
C LEU D 288 41.98 -12.44 -28.05
N SER D 289 42.25 -13.12 -29.15
CA SER D 289 42.24 -12.50 -30.47
C SER D 289 40.89 -11.88 -30.80
N ASN D 290 39.82 -12.51 -30.31
CA ASN D 290 38.45 -12.03 -30.55
C ASN D 290 37.85 -11.28 -29.38
N TYR D 291 38.24 -11.65 -28.15
CA TYR D 291 37.74 -10.93 -26.95
C TYR D 291 38.31 -9.52 -26.79
N LEU D 292 39.61 -9.34 -27.04
CA LEU D 292 40.25 -8.03 -26.87
C LEU D 292 40.27 -7.22 -28.16
N ASP D 293 40.49 -5.92 -28.09
CA ASP D 293 40.65 -5.12 -29.31
C ASP D 293 41.91 -5.56 -30.08
N LYS D 294 41.93 -5.30 -31.40
CA LYS D 294 43.05 -5.79 -32.24
C LYS D 294 44.21 -4.78 -32.34
N VAL D 297 51.17 -6.97 -31.95
CA VAL D 297 50.91 -6.90 -30.44
C VAL D 297 50.23 -8.16 -29.87
N VAL D 298 51.01 -9.25 -29.78
CA VAL D 298 50.54 -10.56 -29.27
C VAL D 298 50.37 -10.57 -27.73
N PRO D 299 49.27 -11.17 -27.21
CA PRO D 299 49.04 -11.41 -25.78
C PRO D 299 50.30 -11.90 -25.07
N THR D 300 50.63 -11.29 -23.93
CA THR D 300 51.84 -11.63 -23.18
C THR D 300 51.72 -13.05 -22.65
N PRO D 301 52.77 -13.87 -22.80
CA PRO D 301 52.76 -15.21 -22.19
C PRO D 301 52.46 -15.22 -20.69
N LYS D 302 52.86 -14.16 -19.97
CA LYS D 302 52.52 -14.04 -18.56
C LYS D 302 51.01 -13.91 -18.34
N LEU D 303 50.34 -13.16 -19.21
CA LEU D 303 48.89 -12.98 -19.15
C LEU D 303 48.14 -14.29 -19.42
N ILE D 304 48.56 -15.02 -20.44
CA ILE D 304 47.97 -16.33 -20.75
C ILE D 304 48.04 -17.26 -19.54
N ASP D 305 49.19 -17.28 -18.87
CA ASP D 305 49.38 -18.11 -17.67
C ASP D 305 48.55 -17.63 -16.47
N GLU D 306 48.35 -16.33 -16.35
CA GLU D 306 47.51 -15.75 -15.32
C GLU D 306 46.03 -16.07 -15.54
N ILE D 307 45.61 -16.09 -16.81
CA ILE D 307 44.26 -16.50 -17.17
C ILE D 307 44.08 -18.00 -16.94
N LEU D 308 45.06 -18.80 -17.33
CA LEU D 308 44.99 -20.25 -17.14
C LEU D 308 44.94 -20.65 -15.67
N GLU D 309 45.64 -19.91 -14.81
CA GLU D 309 45.60 -20.15 -13.37
C GLU D 309 44.21 -19.83 -12.81
N ALA D 310 43.66 -18.69 -13.18
CA ALA D 310 42.33 -18.31 -12.73
C ALA D 310 41.26 -19.32 -13.18
N VAL D 311 41.40 -19.83 -14.39
CA VAL D 311 40.52 -20.88 -14.91
C VAL D 311 40.59 -22.12 -13.99
N GLU D 312 41.79 -22.52 -13.59
CA GLU D 312 41.94 -23.69 -12.72
C GLU D 312 41.23 -23.51 -11.37
N VAL D 313 41.30 -22.31 -10.81
CA VAL D 313 40.61 -21.95 -9.57
C VAL D 313 39.07 -21.98 -9.75
N GLN D 314 38.57 -21.42 -10.84
CA GLN D 314 37.12 -21.43 -11.10
C GLN D 314 36.56 -22.84 -11.20
N ALA D 315 37.34 -23.75 -11.79
CA ALA D 315 37.00 -25.17 -11.89
C ALA D 315 36.64 -25.80 -10.55
N LEU D 316 37.14 -25.25 -9.44
CA LEU D 316 36.69 -25.68 -8.10
C LEU D 316 35.20 -25.49 -7.96
N GLY D 317 34.75 -24.29 -8.30
CA GLY D 317 33.36 -23.92 -8.15
C GLY D 317 32.46 -24.66 -9.10
N ALA D 318 32.99 -25.00 -10.28
CA ALA D 318 32.25 -25.71 -11.31
C ALA D 318 31.89 -27.13 -10.87
N HIS D 319 32.86 -27.85 -10.32
CA HIS D 319 32.62 -29.19 -9.79
C HIS D 319 31.52 -29.23 -8.74
N LEU D 320 31.57 -28.32 -7.77
CA LEU D 320 30.50 -28.21 -6.78
C LEU D 320 29.13 -27.94 -7.39
N LEU D 321 29.08 -26.98 -8.31
CA LEU D 321 27.84 -26.49 -8.92
C LEU D 321 27.11 -27.60 -9.68
N TRP D 322 27.84 -28.34 -10.51
CA TRP D 322 27.24 -29.39 -11.36
C TRP D 322 27.06 -30.72 -10.65
N GLY D 323 27.81 -30.94 -9.58
CA GLY D 323 27.53 -32.02 -8.64
C GLY D 323 26.17 -31.80 -7.99
N PHE D 324 25.91 -30.57 -7.54
CA PHE D 324 24.66 -30.20 -6.90
C PHE D 324 23.47 -30.23 -7.89
N TRP D 325 23.62 -29.56 -9.03
CA TRP D 325 22.68 -29.61 -10.14
C TRP D 325 22.29 -31.06 -10.46
N SER D 326 23.27 -31.96 -10.42
CA SER D 326 23.04 -33.35 -10.82
C SER D 326 22.22 -34.12 -9.80
N ILE D 327 22.36 -33.78 -8.52
CA ILE D 327 21.53 -34.36 -7.47
C ILE D 327 20.08 -33.86 -7.61
N ILE D 328 19.92 -32.56 -7.84
CA ILE D 328 18.61 -31.98 -8.07
C ILE D 328 17.98 -32.74 -9.24
N ARG D 329 18.65 -32.77 -10.38
CA ARG D 329 18.23 -33.57 -11.56
C ARG D 329 17.89 -35.02 -11.21
N GLY D 330 18.73 -35.65 -10.38
CA GLY D 330 18.48 -37.03 -9.94
C GLY D 330 17.13 -37.22 -9.26
N TYR D 331 16.67 -36.19 -8.54
CA TYR D 331 15.40 -36.33 -7.84
C TYR D 331 14.19 -35.92 -8.67
N GLN D 332 14.41 -35.42 -9.88
CA GLN D 332 13.31 -35.04 -10.77
C GLN D 332 12.77 -36.30 -11.46
N THR D 333 11.51 -36.24 -11.88
CA THR D 333 10.83 -37.36 -12.55
C THR D 333 11.77 -38.12 -13.48
N LYS D 334 11.88 -39.44 -13.26
CA LYS D 334 12.77 -40.31 -14.06
C LYS D 334 12.22 -40.54 -15.47
N SER D 335 12.23 -39.48 -16.28
CA SER D 335 11.72 -39.50 -17.65
C SER D 335 12.79 -40.06 -18.60
N TYR D 336 14.02 -40.15 -18.11
CA TYR D 336 15.18 -40.56 -18.89
C TYR D 336 16.01 -41.45 -17.99
N ASN D 337 15.99 -42.75 -18.30
CA ASN D 337 16.60 -43.76 -17.46
C ASN D 337 18.11 -43.89 -17.65
N GLU D 338 18.60 -43.58 -18.84
CA GLU D 338 19.99 -43.88 -19.20
C GLU D 338 20.99 -42.82 -18.73
N PHE D 339 20.92 -42.50 -17.45
CA PHE D 339 21.96 -41.69 -16.82
C PHE D 339 21.87 -41.86 -15.31
N ASP D 340 23.01 -42.13 -14.69
CA ASP D 340 23.05 -42.20 -13.23
C ASP D 340 23.47 -40.84 -12.68
N PHE D 341 22.47 -40.03 -12.38
CA PHE D 341 22.66 -38.69 -11.91
C PHE D 341 23.34 -38.61 -10.55
N PHE D 342 23.06 -39.55 -9.65
CA PHE D 342 23.72 -39.58 -8.35
C PHE D 342 25.18 -40.02 -8.42
N LEU D 343 25.47 -41.01 -9.27
CA LEU D 343 26.87 -41.37 -9.56
C LEU D 343 27.60 -40.19 -10.22
N TYR D 344 27.01 -39.61 -11.26
CA TYR D 344 27.63 -38.42 -11.86
C TYR D 344 27.94 -37.32 -10.84
N ALA D 345 27.01 -37.07 -9.91
CA ALA D 345 27.22 -36.05 -8.85
C ALA D 345 28.41 -36.38 -7.94
N GLU D 346 28.42 -37.62 -7.45
CA GLU D 346 29.51 -38.17 -6.66
C GLU D 346 30.86 -37.96 -7.35
N GLN D 347 30.95 -38.24 -8.66
CA GLN D 347 32.24 -38.15 -9.37
C GLN D 347 32.70 -36.70 -9.58
N ARG D 348 31.75 -35.79 -9.78
CA ARG D 348 32.05 -34.37 -9.91
C ARG D 348 32.55 -33.82 -8.60
N LEU D 349 31.92 -34.22 -7.51
CA LEU D 349 32.33 -33.83 -6.16
C LEU D 349 33.75 -34.35 -5.82
N LYS D 350 34.08 -35.56 -6.28
CA LYS D 350 35.44 -36.09 -6.20
C LYS D 350 36.43 -35.23 -6.99
N MET D 351 36.06 -34.86 -8.21
CA MET D 351 36.87 -33.94 -9.02
C MET D 351 37.14 -32.63 -8.29
N TYR D 352 36.13 -32.11 -7.61
CA TYR D 352 36.35 -31.02 -6.68
C TYR D 352 37.47 -31.34 -5.67
N ASP D 353 37.38 -32.50 -5.00
CA ASP D 353 38.41 -32.95 -4.04
C ASP D 353 39.81 -33.00 -4.69
N ASP D 354 39.90 -33.59 -5.87
CA ASP D 354 41.18 -33.70 -6.58
C ASP D 354 41.71 -32.34 -7.00
N GLN D 355 40.84 -31.51 -7.56
CA GLN D 355 41.22 -30.16 -7.92
C GLN D 355 41.63 -29.34 -6.71
N LYS D 356 41.00 -29.59 -5.55
CA LYS D 356 41.34 -28.92 -4.28
C LYS D 356 42.76 -29.23 -3.78
N GLU D 357 43.09 -30.52 -3.75
CA GLU D 357 44.42 -30.99 -3.36
C GLU D 357 45.50 -30.42 -4.29
N TYR D 358 45.19 -30.32 -5.59
CA TYR D 358 46.13 -29.73 -6.56
C TYR D 358 46.39 -28.25 -6.30
N LEU D 359 45.35 -27.48 -5.99
CA LEU D 359 45.52 -26.03 -5.76
C LEU D 359 46.25 -25.70 -4.46
N ILE D 360 45.95 -26.44 -3.39
CA ILE D 360 46.56 -26.26 -2.08
C ILE D 360 47.94 -26.92 -1.97
N SER D 361 48.09 -28.13 -2.51
CA SER D 361 49.41 -28.79 -2.54
C SER D 361 50.44 -27.89 -3.20
N ASN D 362 50.04 -27.08 -4.16
CA ASN D 362 50.97 -26.25 -4.93
C ASN D 362 51.15 -24.78 -4.48
N ASN D 363 50.51 -24.40 -3.38
CA ASN D 363 50.51 -23.03 -2.87
C ASN D 363 49.98 -21.99 -3.89
N ILE D 364 49.12 -22.47 -4.81
CA ILE D 364 48.48 -21.64 -5.83
C ILE D 364 47.40 -20.74 -5.19
N ILE D 365 46.65 -21.33 -4.26
CA ILE D 365 45.72 -20.59 -3.40
C ILE D 365 46.15 -20.61 -1.98
N LYS D 366 45.74 -19.53 -1.21
CA LYS D 366 45.91 -19.44 0.27
C LYS D 366 44.54 -19.17 0.98
N GLY D 367 44.51 -19.47 2.29
CA GLY D 367 43.37 -19.14 3.17
C GLY D 367 42.03 -19.70 2.71
N TYR D 368 42.04 -20.99 2.36
CA TYR D 368 40.82 -21.64 1.89
C TYR D 368 40.07 -22.34 3.04
N ASP D 369 40.74 -23.38 3.62
CA ASP D 369 40.15 -24.10 4.76
C ASP D 369 40.04 -23.26 6.03
N ASN E 2 -20.36 -23.93 -7.48
CA ASN E 2 -20.71 -24.91 -8.55
C ASN E 2 -21.70 -24.33 -9.55
N LEU E 3 -21.75 -24.96 -10.72
CA LEU E 3 -22.52 -24.46 -11.83
C LEU E 3 -24.01 -24.30 -11.52
N TYR E 4 -24.64 -25.35 -11.03
CA TYR E 4 -26.09 -25.28 -10.76
C TYR E 4 -26.39 -24.78 -9.36
N PHE E 5 -27.57 -24.15 -9.20
CA PHE E 5 -28.00 -23.72 -7.87
C PHE E 5 -28.48 -24.90 -7.00
N GLN E 6 -28.05 -24.91 -5.75
CA GLN E 6 -28.59 -25.83 -4.76
C GLN E 6 -28.88 -25.06 -3.47
#